data_2DZQ
#
_entry.id   2DZQ
#
_entity_poly.entity_id   1
_entity_poly.type   'polypeptide(L)'
_entity_poly.pdbx_seq_one_letter_code
;GSSGSSGLRKQVELLFNTRYAKAIGISEPVKVPYSKFLMHPEELFVVGLPEGISLRRPNCFGIAKLRKILEASNSIQFVI
KRPELLTEGVKEPSGPSSG
;
_entity_poly.pdbx_strand_id   A
#
# COMPACT_ATOMS: atom_id res chain seq x y z
N GLY A 1 -18.33 10.27 -5.14
CA GLY A 1 -18.02 10.22 -6.56
C GLY A 1 -19.27 10.46 -7.41
N SER A 2 -19.06 11.13 -8.53
CA SER A 2 -20.15 11.44 -9.43
C SER A 2 -20.78 10.14 -9.96
N SER A 3 -22.06 9.99 -9.70
CA SER A 3 -22.79 8.80 -10.14
C SER A 3 -22.14 7.55 -9.54
N GLY A 4 -22.33 7.39 -8.24
CA GLY A 4 -21.78 6.25 -7.54
C GLY A 4 -20.85 6.69 -6.41
N SER A 5 -20.11 5.73 -5.88
CA SER A 5 -19.18 6.01 -4.80
C SER A 5 -17.76 5.65 -5.23
N SER A 6 -16.80 6.30 -4.57
CA SER A 6 -15.40 6.06 -4.88
C SER A 6 -15.01 4.64 -4.48
N GLY A 7 -15.47 3.68 -5.27
CA GLY A 7 -15.18 2.29 -5.01
C GLY A 7 -13.73 1.96 -5.35
N LEU A 8 -13.02 2.96 -5.84
CA LEU A 8 -11.62 2.79 -6.20
C LEU A 8 -10.83 2.41 -4.95
N ARG A 9 -11.09 3.13 -3.87
CA ARG A 9 -10.41 2.88 -2.62
C ARG A 9 -10.19 1.38 -2.42
N LYS A 10 -11.30 0.65 -2.42
CA LYS A 10 -11.25 -0.79 -2.24
C LYS A 10 -10.33 -1.40 -3.30
N GLN A 11 -10.55 -0.99 -4.54
CA GLN A 11 -9.74 -1.48 -5.64
C GLN A 11 -8.26 -1.20 -5.39
N VAL A 12 -7.96 0.07 -5.13
CA VAL A 12 -6.60 0.48 -4.86
C VAL A 12 -5.99 -0.44 -3.82
N GLU A 13 -6.64 -0.50 -2.67
CA GLU A 13 -6.18 -1.33 -1.57
C GLU A 13 -5.68 -2.67 -2.11
N LEU A 14 -6.55 -3.32 -2.88
CA LEU A 14 -6.21 -4.61 -3.46
C LEU A 14 -4.92 -4.47 -4.29
N LEU A 15 -4.88 -3.43 -5.09
CA LEU A 15 -3.72 -3.18 -5.94
C LEU A 15 -2.48 -3.10 -5.07
N PHE A 16 -2.45 -2.09 -4.20
CA PHE A 16 -1.33 -1.90 -3.31
C PHE A 16 -1.00 -3.18 -2.55
N ASN A 17 -2.00 -3.68 -1.84
CA ASN A 17 -1.84 -4.90 -1.07
C ASN A 17 -1.30 -6.01 -1.97
N THR A 18 -2.02 -6.25 -3.05
CA THR A 18 -1.62 -7.27 -4.00
C THR A 18 -0.16 -7.09 -4.41
N ARG A 19 0.17 -5.87 -4.80
CA ARG A 19 1.51 -5.54 -5.21
C ARG A 19 2.51 -5.91 -4.10
N TYR A 20 2.18 -5.49 -2.89
CA TYR A 20 3.03 -5.77 -1.74
C TYR A 20 3.37 -7.25 -1.67
N ALA A 21 2.36 -8.08 -1.86
CA ALA A 21 2.54 -9.51 -1.82
C ALA A 21 3.77 -9.90 -2.65
N LYS A 22 3.78 -9.39 -3.89
CA LYS A 22 4.88 -9.67 -4.79
C LYS A 22 6.18 -9.19 -4.16
N ALA A 23 6.07 -8.17 -3.33
CA ALA A 23 7.23 -7.62 -2.66
C ALA A 23 7.67 -8.56 -1.53
N ILE A 24 6.77 -9.45 -1.17
CA ILE A 24 7.04 -10.42 -0.11
C ILE A 24 6.98 -11.83 -0.68
N GLY A 25 6.78 -11.90 -2.00
CA GLY A 25 6.70 -13.18 -2.68
C GLY A 25 5.39 -13.89 -2.34
N ILE A 26 4.36 -13.09 -2.08
CA ILE A 26 3.06 -13.64 -1.74
C ILE A 26 2.16 -13.57 -2.97
N SER A 27 1.24 -14.53 -3.05
CA SER A 27 0.31 -14.59 -4.17
C SER A 27 -0.93 -13.74 -3.85
N GLU A 28 -1.36 -13.81 -2.60
CA GLU A 28 -2.53 -13.06 -2.17
C GLU A 28 -2.13 -11.65 -1.73
N PRO A 29 -3.16 -10.78 -1.61
CA PRO A 29 -2.93 -9.40 -1.20
C PRO A 29 -2.61 -9.31 0.29
N VAL A 30 -1.63 -8.47 0.61
CA VAL A 30 -1.23 -8.29 2.00
C VAL A 30 -1.32 -6.80 2.36
N LYS A 31 -1.26 -6.53 3.65
CA LYS A 31 -1.34 -5.16 4.14
C LYS A 31 -0.07 -4.42 3.74
N VAL A 32 -0.22 -3.11 3.54
CA VAL A 32 0.91 -2.28 3.15
C VAL A 32 1.21 -1.28 4.28
N PRO A 33 2.42 -1.43 4.88
CA PRO A 33 2.84 -0.55 5.95
C PRO A 33 3.22 0.83 5.42
N TYR A 34 2.21 1.57 4.99
CA TYR A 34 2.43 2.90 4.45
C TYR A 34 3.54 3.63 5.23
N SER A 35 3.30 3.79 6.53
CA SER A 35 4.26 4.46 7.38
C SER A 35 5.68 4.03 7.01
N LYS A 36 5.90 2.72 7.06
CA LYS A 36 7.21 2.17 6.73
C LYS A 36 7.71 2.79 5.43
N PHE A 37 6.79 2.91 4.47
CA PHE A 37 7.13 3.48 3.18
C PHE A 37 7.18 5.01 3.26
N LEU A 38 6.49 5.54 4.25
CA LEU A 38 6.45 6.98 4.45
C LEU A 38 7.73 7.44 5.13
N MET A 39 7.97 6.86 6.30
CA MET A 39 9.16 7.19 7.07
C MET A 39 10.43 6.70 6.37
N HIS A 40 10.24 5.70 5.52
CA HIS A 40 11.35 5.12 4.79
C HIS A 40 11.00 5.05 3.30
N PRO A 41 10.90 6.25 2.66
CA PRO A 41 10.57 6.32 1.25
C PRO A 41 11.77 5.92 0.38
N GLU A 42 12.95 6.04 0.97
CA GLU A 42 14.16 5.70 0.26
C GLU A 42 14.39 4.19 0.31
N GLU A 43 13.88 3.57 1.37
CA GLU A 43 14.03 2.14 1.55
C GLU A 43 12.84 1.41 0.95
N LEU A 44 11.65 1.81 1.38
CA LEU A 44 10.43 1.20 0.90
C LEU A 44 9.63 2.22 0.09
N PHE A 45 9.43 1.91 -1.18
CA PHE A 45 8.70 2.80 -2.07
C PHE A 45 7.96 2.00 -3.15
N VAL A 46 7.26 2.74 -4.00
CA VAL A 46 6.51 2.12 -5.09
C VAL A 46 6.93 2.74 -6.42
N VAL A 47 7.05 1.89 -7.42
CA VAL A 47 7.44 2.34 -8.75
C VAL A 47 6.34 2.01 -9.74
N GLY A 48 6.29 2.80 -10.81
CA GLY A 48 5.28 2.59 -11.84
C GLY A 48 4.12 3.58 -11.69
N LEU A 49 3.94 4.03 -10.46
CA LEU A 49 2.88 4.99 -10.16
C LEU A 49 2.82 6.03 -11.28
N PRO A 50 1.61 6.64 -11.44
CA PRO A 50 1.40 7.65 -12.45
C PRO A 50 2.05 8.97 -12.04
N GLU A 51 1.78 9.99 -12.85
CA GLU A 51 2.33 11.32 -12.58
C GLU A 51 1.47 12.04 -11.54
N GLY A 52 2.15 12.78 -10.67
CA GLY A 52 1.47 13.52 -9.63
C GLY A 52 0.77 12.57 -8.65
N ILE A 53 1.36 11.39 -8.49
CA ILE A 53 0.80 10.40 -7.59
C ILE A 53 1.95 9.60 -6.96
N SER A 54 1.77 9.28 -5.68
CA SER A 54 2.77 8.52 -4.96
C SER A 54 2.10 7.43 -4.13
N LEU A 55 2.76 7.08 -3.04
CA LEU A 55 2.24 6.05 -2.15
C LEU A 55 1.58 6.72 -0.94
N ARG A 56 0.28 6.46 -0.80
CA ARG A 56 -0.48 7.02 0.30
C ARG A 56 -1.85 6.35 0.40
N ARG A 57 -2.53 6.62 1.51
CA ARG A 57 -3.85 6.05 1.73
C ARG A 57 -4.75 6.31 0.52
N PRO A 58 -5.49 5.25 0.12
CA PRO A 58 -6.39 5.36 -1.02
C PRO A 58 -7.65 6.13 -0.63
N ASN A 59 -7.45 7.32 -0.09
CA ASN A 59 -8.56 8.16 0.31
C ASN A 59 -8.19 9.63 0.09
N CYS A 60 -6.99 9.97 0.53
CA CYS A 60 -6.51 11.34 0.39
C CYS A 60 -6.52 11.69 -1.11
N PHE A 61 -6.33 10.67 -1.92
CA PHE A 61 -6.32 10.86 -3.37
C PHE A 61 -7.73 11.12 -3.90
N GLY A 62 -7.78 11.53 -5.16
CA GLY A 62 -9.06 11.81 -5.80
C GLY A 62 -9.43 10.70 -6.78
N ILE A 63 -10.74 10.57 -7.00
CA ILE A 63 -11.25 9.56 -7.90
C ILE A 63 -10.34 9.47 -9.12
N ALA A 64 -10.20 10.60 -9.80
CA ALA A 64 -9.36 10.66 -10.99
C ALA A 64 -8.02 9.98 -10.70
N LYS A 65 -7.41 10.39 -9.59
CA LYS A 65 -6.13 9.83 -9.18
C LYS A 65 -6.29 8.32 -8.97
N LEU A 66 -7.18 7.97 -8.05
CA LEU A 66 -7.43 6.58 -7.74
C LEU A 66 -7.42 5.76 -9.03
N ARG A 67 -8.20 6.22 -9.99
CA ARG A 67 -8.29 5.54 -11.28
C ARG A 67 -6.90 5.41 -11.90
N LYS A 68 -6.25 6.55 -12.09
CA LYS A 68 -4.91 6.58 -12.67
C LYS A 68 -4.10 5.42 -12.11
N ILE A 69 -3.95 5.42 -10.79
CA ILE A 69 -3.20 4.37 -10.13
C ILE A 69 -3.70 3.00 -10.59
N LEU A 70 -5.01 2.83 -10.50
CA LEU A 70 -5.62 1.58 -10.92
C LEU A 70 -5.26 1.30 -12.38
N GLU A 71 -5.14 2.38 -13.15
CA GLU A 71 -4.80 2.26 -14.55
C GLU A 71 -3.32 1.94 -14.72
N ALA A 72 -2.53 2.34 -13.71
CA ALA A 72 -1.11 2.10 -13.74
C ALA A 72 -0.77 0.96 -12.77
N SER A 73 -1.74 0.08 -12.56
CA SER A 73 -1.56 -1.04 -11.66
C SER A 73 -0.42 -1.93 -12.16
N ASN A 74 -0.61 -2.48 -13.35
CA ASN A 74 0.39 -3.34 -13.94
C ASN A 74 1.77 -2.67 -13.84
N SER A 75 1.77 -1.37 -14.05
CA SER A 75 3.01 -0.60 -13.98
C SER A 75 3.47 -0.49 -12.53
N ILE A 76 2.53 -0.14 -11.66
CA ILE A 76 2.84 0.00 -10.24
C ILE A 76 3.63 -1.22 -9.78
N GLN A 77 4.42 -1.00 -8.73
CA GLN A 77 5.24 -2.06 -8.17
C GLN A 77 5.86 -1.61 -6.85
N PHE A 78 5.71 -2.46 -5.85
CA PHE A 78 6.25 -2.17 -4.53
C PHE A 78 7.66 -2.75 -4.38
N VAL A 79 8.64 -1.87 -4.55
CA VAL A 79 10.03 -2.26 -4.45
C VAL A 79 10.46 -2.19 -2.97
N ILE A 80 11.08 -3.27 -2.52
CA ILE A 80 11.54 -3.34 -1.14
C ILE A 80 13.07 -3.27 -1.11
N LYS A 81 13.57 -2.39 -0.27
CA LYS A 81 15.01 -2.21 -0.13
C LYS A 81 15.45 -2.64 1.27
N ARG A 82 14.65 -2.26 2.25
CA ARG A 82 14.94 -2.61 3.63
C ARG A 82 13.67 -3.06 4.36
N PRO A 83 13.45 -4.39 4.36
CA PRO A 83 12.28 -4.96 4.99
C PRO A 83 12.43 -4.95 6.52
N GLU A 84 13.66 -4.76 6.96
CA GLU A 84 13.96 -4.73 8.37
C GLU A 84 13.16 -3.62 9.06
N LEU A 85 12.78 -2.63 8.27
CA LEU A 85 12.01 -1.51 8.78
C LEU A 85 10.61 -1.99 9.17
N LEU A 86 10.03 -2.78 8.29
CA LEU A 86 8.69 -3.32 8.53
C LEU A 86 8.62 -3.86 9.96
N THR A 87 9.63 -4.63 10.31
CA THR A 87 9.70 -5.22 11.64
C THR A 87 10.27 -4.22 12.64
N GLU A 88 9.38 -3.44 13.23
CA GLU A 88 9.79 -2.43 14.20
C GLU A 88 8.66 -2.18 15.21
N GLY A 89 9.06 -1.79 16.41
CA GLY A 89 8.10 -1.51 17.47
C GLY A 89 8.72 -0.62 18.55
N VAL A 90 8.04 -0.57 19.69
CA VAL A 90 8.50 0.23 20.80
C VAL A 90 8.93 -0.68 21.95
N LYS A 91 9.92 -0.22 22.69
CA LYS A 91 10.43 -0.98 23.82
C LYS A 91 10.74 -0.03 24.98
N GLU A 92 11.05 -0.63 26.13
CA GLU A 92 11.37 0.15 27.30
C GLU A 92 12.89 0.27 27.47
N PRO A 93 13.32 1.43 28.01
CA PRO A 93 14.74 1.68 28.23
C PRO A 93 15.26 0.89 29.43
N SER A 94 16.51 0.47 29.33
CA SER A 94 17.13 -0.29 30.40
C SER A 94 17.54 0.64 31.53
N GLY A 95 17.36 0.17 32.76
CA GLY A 95 17.71 0.95 33.92
C GLY A 95 19.13 0.65 34.38
N PRO A 96 19.63 1.48 35.34
CA PRO A 96 20.97 1.32 35.86
C PRO A 96 21.05 0.12 36.80
N SER A 97 20.18 0.14 37.81
CA SER A 97 20.14 -0.95 38.79
C SER A 97 18.83 -0.90 39.55
N SER A 98 18.51 -2.03 40.18
CA SER A 98 17.28 -2.13 40.95
C SER A 98 17.61 -2.29 42.44
N GLY A 99 16.73 -1.76 43.27
CA GLY A 99 16.91 -1.85 44.70
C GLY A 99 17.56 -0.57 45.25
N GLY A 1 -17.79 -7.43 -2.99
CA GLY A 1 -18.36 -6.63 -4.06
C GLY A 1 -18.16 -5.13 -3.79
N SER A 2 -17.23 -4.55 -4.54
CA SER A 2 -16.93 -3.14 -4.39
C SER A 2 -17.96 -2.30 -5.15
N SER A 3 -18.67 -1.47 -4.39
CA SER A 3 -19.70 -0.62 -4.97
C SER A 3 -19.87 0.64 -4.12
N GLY A 4 -20.00 1.77 -4.81
CA GLY A 4 -20.17 3.04 -4.13
C GLY A 4 -19.51 4.17 -4.91
N SER A 5 -19.69 5.38 -4.40
CA SER A 5 -19.12 6.56 -5.05
C SER A 5 -17.72 6.24 -5.56
N SER A 6 -16.75 6.37 -4.67
CA SER A 6 -15.36 6.10 -5.01
C SER A 6 -14.96 4.70 -4.55
N GLY A 7 -15.44 3.71 -5.30
CA GLY A 7 -15.14 2.32 -4.96
C GLY A 7 -13.68 1.99 -5.28
N LEU A 8 -12.98 2.98 -5.83
CA LEU A 8 -11.58 2.80 -6.19
C LEU A 8 -10.79 2.40 -4.94
N ARG A 9 -11.05 3.12 -3.86
CA ARG A 9 -10.38 2.86 -2.60
C ARG A 9 -10.21 1.35 -2.40
N LYS A 10 -11.34 0.66 -2.38
CA LYS A 10 -11.34 -0.78 -2.19
C LYS A 10 -10.41 -1.42 -3.23
N GLN A 11 -10.55 -0.95 -4.46
CA GLN A 11 -9.74 -1.48 -5.55
C GLN A 11 -8.25 -1.20 -5.29
N VAL A 12 -7.94 0.08 -5.16
CA VAL A 12 -6.57 0.48 -4.90
C VAL A 12 -5.96 -0.42 -3.83
N GLU A 13 -6.63 -0.45 -2.69
CA GLU A 13 -6.17 -1.27 -1.58
C GLU A 13 -5.68 -2.63 -2.08
N LEU A 14 -6.54 -3.27 -2.86
CA LEU A 14 -6.20 -4.58 -3.41
C LEU A 14 -4.93 -4.46 -4.24
N LEU A 15 -4.89 -3.43 -5.06
CA LEU A 15 -3.73 -3.19 -5.91
C LEU A 15 -2.47 -3.11 -5.05
N PHE A 16 -2.47 -2.14 -4.15
CA PHE A 16 -1.35 -1.95 -3.25
C PHE A 16 -1.07 -3.21 -2.43
N ASN A 17 -2.12 -3.69 -1.77
CA ASN A 17 -2.00 -4.88 -0.95
C ASN A 17 -1.44 -6.03 -1.80
N THR A 18 -2.00 -6.15 -3.01
CA THR A 18 -1.57 -7.20 -3.92
C THR A 18 -0.09 -7.03 -4.28
N ARG A 19 0.21 -5.89 -4.90
CA ARG A 19 1.57 -5.59 -5.30
C ARG A 19 2.54 -5.93 -4.17
N TYR A 20 2.16 -5.51 -2.96
CA TYR A 20 2.99 -5.77 -1.79
C TYR A 20 3.35 -7.25 -1.69
N ALA A 21 2.35 -8.09 -1.91
CA ALA A 21 2.56 -9.52 -1.84
C ALA A 21 3.81 -9.90 -2.63
N LYS A 22 3.87 -9.40 -3.86
CA LYS A 22 4.99 -9.66 -4.73
C LYS A 22 6.27 -9.18 -4.06
N ALA A 23 6.13 -8.15 -3.24
CA ALA A 23 7.26 -7.58 -2.53
C ALA A 23 7.66 -8.52 -1.39
N ILE A 24 6.78 -9.46 -1.11
CA ILE A 24 7.04 -10.43 -0.04
C ILE A 24 6.99 -11.84 -0.62
N GLY A 25 6.81 -11.90 -1.93
CA GLY A 25 6.74 -13.18 -2.62
C GLY A 25 5.42 -13.89 -2.32
N ILE A 26 4.40 -13.09 -2.06
CA ILE A 26 3.08 -13.63 -1.76
C ILE A 26 2.19 -13.51 -3.01
N SER A 27 1.31 -14.48 -3.15
CA SER A 27 0.41 -14.50 -4.29
C SER A 27 -0.85 -13.67 -3.98
N GLU A 28 -1.30 -13.79 -2.73
CA GLU A 28 -2.48 -13.06 -2.29
C GLU A 28 -2.09 -11.66 -1.83
N PRO A 29 -3.12 -10.80 -1.68
CA PRO A 29 -2.91 -9.44 -1.24
C PRO A 29 -2.61 -9.38 0.27
N VAL A 30 -1.66 -8.53 0.62
CA VAL A 30 -1.27 -8.37 2.01
C VAL A 30 -1.35 -6.89 2.39
N LYS A 31 -1.31 -6.65 3.70
CA LYS A 31 -1.37 -5.29 4.20
C LYS A 31 -0.13 -4.52 3.78
N VAL A 32 -0.31 -3.24 3.52
CA VAL A 32 0.78 -2.38 3.10
C VAL A 32 1.12 -1.41 4.23
N PRO A 33 2.36 -1.56 4.77
CA PRO A 33 2.83 -0.70 5.85
C PRO A 33 3.19 0.69 5.33
N TYR A 34 2.17 1.37 4.82
CA TYR A 34 2.36 2.72 4.29
C TYR A 34 3.38 3.49 5.12
N SER A 35 3.05 3.69 6.38
CA SER A 35 3.94 4.41 7.29
C SER A 35 5.39 4.03 7.01
N LYS A 36 5.65 2.73 7.05
CA LYS A 36 6.99 2.22 6.81
C LYS A 36 7.55 2.86 5.53
N PHE A 37 6.72 2.87 4.51
CA PHE A 37 7.11 3.44 3.23
C PHE A 37 7.15 4.97 3.31
N LEU A 38 6.43 5.51 4.29
CA LEU A 38 6.37 6.95 4.47
C LEU A 38 7.65 7.41 5.18
N MET A 39 7.89 6.82 6.34
CA MET A 39 9.06 7.17 7.12
C MET A 39 10.34 6.67 6.44
N HIS A 40 10.17 5.67 5.58
CA HIS A 40 11.30 5.11 4.86
C HIS A 40 10.96 5.00 3.38
N PRO A 41 10.84 6.20 2.73
CA PRO A 41 10.52 6.26 1.32
C PRO A 41 11.73 5.88 0.47
N GLU A 42 12.91 6.15 1.01
CA GLU A 42 14.15 5.84 0.32
C GLU A 42 14.45 4.35 0.40
N GLU A 43 13.81 3.70 1.37
CA GLU A 43 14.00 2.27 1.57
C GLU A 43 12.83 1.49 0.98
N LEU A 44 11.64 1.90 1.38
CA LEU A 44 10.43 1.26 0.90
C LEU A 44 9.61 2.26 0.09
N PHE A 45 9.47 1.97 -1.19
CA PHE A 45 8.72 2.83 -2.09
C PHE A 45 7.99 2.01 -3.15
N VAL A 46 7.28 2.73 -4.02
CA VAL A 46 6.55 2.08 -5.09
C VAL A 46 6.95 2.70 -6.43
N VAL A 47 7.05 1.84 -7.43
CA VAL A 47 7.44 2.28 -8.77
C VAL A 47 6.31 1.94 -9.75
N GLY A 48 6.24 2.74 -10.81
CA GLY A 48 5.23 2.53 -11.83
C GLY A 48 4.08 3.54 -11.67
N LEU A 49 3.91 3.99 -10.44
CA LEU A 49 2.86 4.95 -10.14
C LEU A 49 2.78 5.99 -11.27
N PRO A 50 1.57 6.59 -11.40
CA PRO A 50 1.35 7.60 -12.43
C PRO A 50 2.02 8.93 -12.06
N GLU A 51 1.66 9.96 -12.81
CA GLU A 51 2.22 11.27 -12.57
C GLU A 51 1.40 12.02 -11.53
N GLY A 52 2.10 12.72 -10.64
CA GLY A 52 1.45 13.48 -9.59
C GLY A 52 0.75 12.54 -8.59
N ILE A 53 1.33 11.35 -8.45
CA ILE A 53 0.77 10.36 -7.54
C ILE A 53 1.92 9.57 -6.90
N SER A 54 1.75 9.24 -5.63
CA SER A 54 2.76 8.49 -4.90
C SER A 54 2.08 7.41 -4.05
N LEU A 55 2.74 7.07 -2.96
CA LEU A 55 2.22 6.06 -2.05
C LEU A 55 1.55 6.72 -0.86
N ARG A 56 0.24 6.53 -0.76
CA ARG A 56 -0.53 7.11 0.32
C ARG A 56 -1.93 6.48 0.37
N ARG A 57 -2.59 6.69 1.50
CA ARG A 57 -3.93 6.16 1.69
C ARG A 57 -4.78 6.41 0.45
N PRO A 58 -5.51 5.34 0.03
CA PRO A 58 -6.36 5.42 -1.15
C PRO A 58 -7.64 6.20 -0.83
N ASN A 59 -7.45 7.39 -0.27
CA ASN A 59 -8.57 8.24 0.10
C ASN A 59 -8.19 9.71 -0.15
N CYS A 60 -7.00 10.06 0.32
CA CYS A 60 -6.52 11.42 0.16
C CYS A 60 -6.52 11.75 -1.33
N PHE A 61 -6.40 10.71 -2.14
CA PHE A 61 -6.38 10.89 -3.59
C PHE A 61 -7.80 11.08 -4.13
N GLY A 62 -7.87 11.65 -5.33
CA GLY A 62 -9.16 11.89 -5.96
C GLY A 62 -9.49 10.77 -6.95
N ILE A 63 -10.79 10.63 -7.21
CA ILE A 63 -11.25 9.60 -8.13
C ILE A 63 -10.30 9.52 -9.32
N ALA A 64 -10.19 10.63 -10.04
CA ALA A 64 -9.31 10.70 -11.19
C ALA A 64 -7.97 10.06 -10.84
N LYS A 65 -7.46 10.44 -9.68
CA LYS A 65 -6.17 9.92 -9.22
C LYS A 65 -6.30 8.41 -8.99
N LEU A 66 -7.19 8.05 -8.07
CA LEU A 66 -7.41 6.66 -7.74
C LEU A 66 -7.39 5.83 -9.02
N ARG A 67 -8.18 6.28 -9.99
CA ARG A 67 -8.25 5.59 -11.27
C ARG A 67 -6.87 5.46 -11.88
N LYS A 68 -6.22 6.61 -12.06
CA LYS A 68 -4.89 6.64 -12.64
C LYS A 68 -4.08 5.46 -12.10
N ILE A 69 -3.92 5.43 -10.79
CA ILE A 69 -3.17 4.37 -10.15
C ILE A 69 -3.68 3.01 -10.64
N LEU A 70 -4.99 2.82 -10.48
CA LEU A 70 -5.61 1.58 -10.91
C LEU A 70 -5.25 1.31 -12.37
N GLU A 71 -5.15 2.38 -13.13
CA GLU A 71 -4.81 2.27 -14.55
C GLU A 71 -3.34 1.93 -14.71
N ALA A 72 -2.56 2.32 -13.71
CA ALA A 72 -1.12 2.06 -13.74
C ALA A 72 -0.80 0.92 -12.75
N SER A 73 -1.78 0.06 -12.54
CA SER A 73 -1.62 -1.05 -11.64
C SER A 73 -0.47 -1.95 -12.11
N ASN A 74 -0.69 -2.59 -13.24
CA ASN A 74 0.31 -3.47 -13.81
C ASN A 74 1.69 -2.78 -13.76
N SER A 75 1.66 -1.48 -13.96
CA SER A 75 2.88 -0.69 -13.93
C SER A 75 3.39 -0.56 -12.49
N ILE A 76 2.47 -0.22 -11.60
CA ILE A 76 2.80 -0.05 -10.20
C ILE A 76 3.61 -1.27 -9.73
N GLN A 77 4.40 -1.06 -8.69
CA GLN A 77 5.21 -2.12 -8.13
C GLN A 77 5.84 -1.67 -6.81
N PHE A 78 5.72 -2.53 -5.81
CA PHE A 78 6.26 -2.25 -4.49
C PHE A 78 7.68 -2.79 -4.37
N VAL A 79 8.64 -1.89 -4.55
CA VAL A 79 10.05 -2.27 -4.44
C VAL A 79 10.49 -2.18 -2.99
N ILE A 80 11.14 -3.24 -2.53
CA ILE A 80 11.62 -3.31 -1.16
C ILE A 80 13.15 -3.20 -1.16
N LYS A 81 13.65 -2.31 -0.31
CA LYS A 81 15.08 -2.11 -0.21
C LYS A 81 15.55 -2.55 1.17
N ARG A 82 14.70 -2.31 2.16
CA ARG A 82 15.02 -2.68 3.53
C ARG A 82 13.75 -3.13 4.26
N PRO A 83 13.53 -4.47 4.27
CA PRO A 83 12.37 -5.03 4.93
C PRO A 83 12.54 -5.03 6.45
N GLU A 84 13.79 -4.84 6.87
CA GLU A 84 14.09 -4.80 8.28
C GLU A 84 13.30 -3.68 8.97
N LEU A 85 12.96 -2.68 8.19
CA LEU A 85 12.20 -1.55 8.72
C LEU A 85 10.81 -2.01 9.11
N LEU A 86 10.15 -2.70 8.18
CA LEU A 86 8.81 -3.20 8.42
C LEU A 86 8.72 -3.72 9.85
N THR A 87 9.26 -4.91 10.05
CA THR A 87 9.25 -5.53 11.37
C THR A 87 10.15 -4.76 12.33
N GLU A 88 9.57 -3.72 12.93
CA GLU A 88 10.30 -2.90 13.88
C GLU A 88 10.36 -3.58 15.24
N GLY A 89 11.02 -2.91 16.18
CA GLY A 89 11.14 -3.43 17.53
C GLY A 89 9.77 -3.70 18.14
N VAL A 90 9.19 -2.66 18.72
CA VAL A 90 7.88 -2.78 19.34
C VAL A 90 6.81 -2.32 18.35
N LYS A 91 5.98 -3.27 17.96
CA LYS A 91 4.90 -2.98 17.02
C LYS A 91 3.57 -3.42 17.63
N GLU A 92 2.89 -2.45 18.24
CA GLU A 92 1.61 -2.72 18.86
C GLU A 92 0.72 -1.48 18.79
N PRO A 93 -0.07 -1.40 17.68
CA PRO A 93 -0.96 -0.27 17.49
C PRO A 93 -2.19 -0.38 18.40
N SER A 94 -2.79 -1.56 18.38
CA SER A 94 -3.98 -1.81 19.20
C SER A 94 -3.75 -3.03 20.10
N GLY A 95 -4.58 -3.14 21.12
CA GLY A 95 -4.47 -4.25 22.06
C GLY A 95 -5.68 -5.18 21.94
N PRO A 96 -5.46 -6.30 21.21
CA PRO A 96 -6.52 -7.28 21.01
C PRO A 96 -6.75 -8.10 22.29
N SER A 97 -7.63 -9.09 22.17
CA SER A 97 -7.94 -9.95 23.29
C SER A 97 -7.59 -11.41 22.96
N SER A 98 -6.33 -11.73 23.12
CA SER A 98 -5.86 -13.08 22.84
C SER A 98 -6.85 -14.10 23.38
N GLY A 99 -7.04 -14.06 24.69
CA GLY A 99 -7.96 -14.98 25.35
C GLY A 99 -9.30 -15.03 24.61
N GLY A 1 -24.82 0.09 5.06
CA GLY A 1 -24.55 0.11 3.63
C GLY A 1 -23.39 1.06 3.31
N SER A 2 -22.90 0.95 2.09
CA SER A 2 -21.79 1.79 1.64
C SER A 2 -22.01 2.21 0.19
N SER A 3 -22.56 3.41 0.02
CA SER A 3 -22.82 3.93 -1.31
C SER A 3 -21.64 3.64 -2.23
N GLY A 4 -21.95 3.42 -3.49
CA GLY A 4 -20.93 3.15 -4.48
C GLY A 4 -20.54 4.40 -5.26
N SER A 5 -19.72 5.22 -4.61
CA SER A 5 -19.28 6.46 -5.23
C SER A 5 -17.84 6.31 -5.74
N SER A 6 -16.95 6.00 -4.81
CA SER A 6 -15.54 5.83 -5.16
C SER A 6 -15.07 4.43 -4.72
N GLY A 7 -15.54 3.44 -5.45
CA GLY A 7 -15.18 2.06 -5.16
C GLY A 7 -13.69 1.81 -5.44
N LEU A 8 -13.05 2.82 -6.01
CA LEU A 8 -11.64 2.72 -6.33
C LEU A 8 -10.86 2.40 -5.06
N ARG A 9 -11.15 3.16 -4.01
CA ARG A 9 -10.48 2.97 -2.74
C ARG A 9 -10.27 1.48 -2.47
N LYS A 10 -11.37 0.74 -2.53
CA LYS A 10 -11.33 -0.69 -2.30
C LYS A 10 -10.37 -1.33 -3.31
N GLN A 11 -10.50 -0.92 -4.56
CA GLN A 11 -9.66 -1.44 -5.62
C GLN A 11 -8.19 -1.12 -5.34
N VAL A 12 -7.93 0.17 -5.13
CA VAL A 12 -6.57 0.62 -4.85
C VAL A 12 -5.96 -0.26 -3.77
N GLU A 13 -6.66 -0.39 -2.67
CA GLU A 13 -6.21 -1.21 -1.56
C GLU A 13 -5.70 -2.56 -2.08
N LEU A 14 -6.58 -3.23 -2.80
CA LEU A 14 -6.24 -4.54 -3.36
C LEU A 14 -4.96 -4.42 -4.19
N LEU A 15 -4.93 -3.39 -5.02
CA LEU A 15 -3.77 -3.15 -5.88
C LEU A 15 -2.51 -3.08 -5.01
N PHE A 16 -2.54 -2.16 -4.05
CA PHE A 16 -1.41 -1.98 -3.15
C PHE A 16 -1.14 -3.26 -2.35
N ASN A 17 -2.17 -3.70 -1.63
CA ASN A 17 -2.06 -4.89 -0.82
C ASN A 17 -1.52 -6.03 -1.67
N THR A 18 -2.04 -6.13 -2.89
CA THR A 18 -1.62 -7.18 -3.81
C THR A 18 -0.16 -6.99 -4.20
N ARG A 19 0.11 -5.85 -4.83
CA ARG A 19 1.47 -5.54 -5.25
C ARG A 19 2.47 -5.89 -4.15
N TYR A 20 2.10 -5.50 -2.93
CA TYR A 20 2.95 -5.77 -1.78
C TYR A 20 3.34 -7.26 -1.71
N ALA A 21 2.33 -8.10 -1.90
CA ALA A 21 2.55 -9.53 -1.85
C ALA A 21 3.78 -9.88 -2.69
N LYS A 22 3.80 -9.35 -3.90
CA LYS A 22 4.90 -9.61 -4.81
C LYS A 22 6.21 -9.13 -4.16
N ALA A 23 6.09 -8.09 -3.35
CA ALA A 23 7.25 -7.55 -2.66
C ALA A 23 7.69 -8.52 -1.56
N ILE A 24 6.80 -9.46 -1.25
CA ILE A 24 7.07 -10.44 -0.23
C ILE A 24 7.02 -11.84 -0.85
N GLY A 25 6.81 -11.87 -2.15
CA GLY A 25 6.73 -13.13 -2.86
C GLY A 25 5.44 -13.87 -2.51
N ILE A 26 4.40 -13.10 -2.23
CA ILE A 26 3.11 -13.67 -1.87
C ILE A 26 2.18 -13.59 -3.08
N SER A 27 1.26 -14.54 -3.14
CA SER A 27 0.31 -14.59 -4.24
C SER A 27 -0.95 -13.78 -3.88
N GLU A 28 -1.29 -13.84 -2.61
CA GLU A 28 -2.46 -13.12 -2.12
C GLU A 28 -2.07 -11.71 -1.66
N PRO A 29 -3.11 -10.85 -1.52
CA PRO A 29 -2.88 -9.48 -1.08
C PRO A 29 -2.57 -9.41 0.41
N VAL A 30 -1.57 -8.60 0.73
CA VAL A 30 -1.15 -8.43 2.12
C VAL A 30 -1.25 -6.96 2.50
N LYS A 31 -1.20 -6.71 3.80
CA LYS A 31 -1.27 -5.36 4.31
C LYS A 31 -0.04 -4.58 3.86
N VAL A 32 -0.23 -3.29 3.64
CA VAL A 32 0.85 -2.42 3.21
C VAL A 32 1.20 -1.45 4.33
N PRO A 33 2.45 -1.58 4.84
CA PRO A 33 2.92 -0.73 5.92
C PRO A 33 3.26 0.66 5.40
N TYR A 34 2.22 1.37 4.95
CA TYR A 34 2.39 2.70 4.43
C TYR A 34 3.46 3.46 5.21
N SER A 35 3.24 3.57 6.51
CA SER A 35 4.19 4.27 7.37
C SER A 35 5.62 3.89 6.99
N LYS A 36 5.89 2.60 7.02
CA LYS A 36 7.21 2.10 6.68
C LYS A 36 7.69 2.77 5.40
N PHE A 37 6.78 2.85 4.43
CA PHE A 37 7.10 3.46 3.15
C PHE A 37 7.12 4.99 3.27
N LEU A 38 6.41 5.49 4.27
CA LEU A 38 6.32 6.92 4.49
C LEU A 38 7.60 7.39 5.21
N MET A 39 7.86 6.78 6.35
CA MET A 39 9.04 7.13 7.13
C MET A 39 10.32 6.68 6.41
N HIS A 40 10.15 5.69 5.54
CA HIS A 40 11.28 5.16 4.79
C HIS A 40 10.93 5.10 3.31
N PRO A 41 10.79 6.31 2.70
CA PRO A 41 10.46 6.41 1.29
C PRO A 41 11.67 6.06 0.41
N GLU A 42 12.84 6.17 1.01
CA GLU A 42 14.07 5.87 0.30
C GLU A 42 14.34 4.36 0.31
N GLU A 43 13.96 3.74 1.40
CA GLU A 43 14.15 2.29 1.55
C GLU A 43 12.96 1.55 0.95
N LEU A 44 11.78 1.92 1.40
CA LEU A 44 10.56 1.29 0.92
C LEU A 44 9.75 2.30 0.10
N PHE A 45 9.56 1.96 -1.17
CA PHE A 45 8.82 2.83 -2.07
C PHE A 45 8.09 2.02 -3.13
N VAL A 46 7.39 2.73 -4.01
CA VAL A 46 6.65 2.09 -5.08
C VAL A 46 7.03 2.72 -6.41
N VAL A 47 7.16 1.87 -7.43
CA VAL A 47 7.52 2.34 -8.75
C VAL A 47 6.39 1.99 -9.74
N GLY A 48 6.33 2.75 -10.81
CA GLY A 48 5.32 2.53 -11.83
C GLY A 48 4.15 3.51 -11.66
N LEU A 49 4.03 4.02 -10.44
CA LEU A 49 2.96 4.96 -10.13
C LEU A 49 2.91 6.04 -11.22
N PRO A 50 1.71 6.65 -11.37
CA PRO A 50 1.51 7.69 -12.36
C PRO A 50 2.14 9.01 -11.91
N GLU A 51 1.96 10.03 -12.72
CA GLU A 51 2.51 11.34 -12.42
C GLU A 51 1.63 12.05 -11.38
N GLY A 52 2.29 12.78 -10.49
CA GLY A 52 1.60 13.50 -9.45
C GLY A 52 0.89 12.54 -8.48
N ILE A 53 1.47 11.37 -8.34
CA ILE A 53 0.91 10.36 -7.47
C ILE A 53 2.04 9.55 -6.83
N SER A 54 1.84 9.20 -5.57
CA SER A 54 2.84 8.43 -4.84
C SER A 54 2.16 7.30 -4.05
N LEU A 55 2.81 6.91 -2.96
CA LEU A 55 2.28 5.86 -2.13
C LEU A 55 1.62 6.47 -0.89
N ARG A 56 0.32 6.25 -0.78
CA ARG A 56 -0.45 6.77 0.34
C ARG A 56 -1.84 6.14 0.38
N ARG A 57 -2.49 6.31 1.52
CA ARG A 57 -3.83 5.75 1.70
C ARG A 57 -4.75 6.19 0.56
N PRO A 58 -5.56 5.21 0.08
CA PRO A 58 -6.50 5.48 -1.00
C PRO A 58 -7.70 6.29 -0.51
N ASN A 59 -7.40 7.44 0.07
CA ASN A 59 -8.43 8.32 0.58
C ASN A 59 -8.08 9.77 0.24
N CYS A 60 -6.83 10.12 0.49
CA CYS A 60 -6.36 11.47 0.22
C CYS A 60 -6.44 11.71 -1.30
N PHE A 61 -6.25 10.63 -2.04
CA PHE A 61 -6.29 10.70 -3.49
C PHE A 61 -7.72 10.96 -3.98
N GLY A 62 -7.81 11.44 -5.22
CA GLY A 62 -9.10 11.72 -5.82
C GLY A 62 -9.50 10.64 -6.81
N ILE A 63 -10.80 10.55 -7.05
CA ILE A 63 -11.32 9.55 -7.97
C ILE A 63 -10.40 9.47 -9.19
N ALA A 64 -10.20 10.61 -9.82
CA ALA A 64 -9.35 10.67 -11.00
C ALA A 64 -8.03 9.94 -10.70
N LYS A 65 -7.40 10.35 -9.62
CA LYS A 65 -6.14 9.75 -9.21
C LYS A 65 -6.34 8.26 -8.98
N LEU A 66 -7.27 7.94 -8.08
CA LEU A 66 -7.58 6.57 -7.75
C LEU A 66 -7.56 5.73 -9.04
N ARG A 67 -8.27 6.22 -10.03
CA ARG A 67 -8.35 5.53 -11.31
C ARG A 67 -6.96 5.38 -11.93
N LYS A 68 -6.30 6.52 -12.10
CA LYS A 68 -4.97 6.53 -12.67
C LYS A 68 -4.17 5.36 -12.11
N ILE A 69 -3.92 5.42 -10.80
CA ILE A 69 -3.17 4.38 -10.14
C ILE A 69 -3.65 3.01 -10.63
N LEU A 70 -4.96 2.81 -10.53
CA LEU A 70 -5.56 1.57 -10.95
C LEU A 70 -5.19 1.30 -12.42
N GLU A 71 -5.18 2.37 -13.19
CA GLU A 71 -4.84 2.26 -14.61
C GLU A 71 -3.35 1.96 -14.77
N ALA A 72 -2.59 2.27 -13.72
CA ALA A 72 -1.17 2.04 -13.74
C ALA A 72 -0.81 0.93 -12.75
N SER A 73 -1.80 0.07 -12.51
CA SER A 73 -1.61 -1.04 -11.59
C SER A 73 -0.45 -1.92 -12.05
N ASN A 74 -0.66 -2.58 -13.17
CA ASN A 74 0.36 -3.45 -13.73
C ASN A 74 1.72 -2.75 -13.66
N SER A 75 1.71 -1.47 -14.00
CA SER A 75 2.93 -0.68 -13.98
C SER A 75 3.45 -0.56 -12.54
N ILE A 76 2.54 -0.21 -11.64
CA ILE A 76 2.89 -0.05 -10.24
C ILE A 76 3.71 -1.26 -9.80
N GLN A 77 4.50 -1.04 -8.75
CA GLN A 77 5.34 -2.11 -8.21
C GLN A 77 5.95 -1.67 -6.88
N PHE A 78 5.77 -2.51 -5.87
CA PHE A 78 6.31 -2.23 -4.55
C PHE A 78 7.73 -2.77 -4.41
N VAL A 79 8.69 -1.87 -4.57
CA VAL A 79 10.09 -2.25 -4.46
C VAL A 79 10.51 -2.19 -2.99
N ILE A 80 11.15 -3.26 -2.55
CA ILE A 80 11.61 -3.35 -1.17
C ILE A 80 13.14 -3.28 -1.15
N LYS A 81 13.65 -2.41 -0.28
CA LYS A 81 15.08 -2.23 -0.14
C LYS A 81 15.52 -2.70 1.25
N ARG A 82 14.76 -2.28 2.24
CA ARG A 82 15.05 -2.64 3.61
C ARG A 82 13.78 -3.05 4.34
N PRO A 83 13.52 -4.40 4.35
CA PRO A 83 12.35 -4.93 5.01
C PRO A 83 12.51 -4.91 6.53
N GLU A 84 13.75 -4.74 6.96
CA GLU A 84 14.05 -4.71 8.39
C GLU A 84 13.24 -3.61 9.07
N LEU A 85 12.88 -2.60 8.27
CA LEU A 85 12.11 -1.48 8.79
C LEU A 85 10.70 -1.98 9.17
N LEU A 86 10.13 -2.76 8.29
CA LEU A 86 8.80 -3.31 8.52
C LEU A 86 8.68 -3.75 9.98
N THR A 87 9.45 -4.76 10.32
CA THR A 87 9.45 -5.28 11.68
C THR A 87 10.34 -4.42 12.59
N GLU A 88 9.75 -3.35 13.08
CA GLU A 88 10.47 -2.44 13.96
C GLU A 88 10.54 -3.02 15.37
N GLY A 89 9.38 -3.36 15.91
CA GLY A 89 9.31 -3.93 17.24
C GLY A 89 7.86 -4.28 17.60
N VAL A 90 7.65 -5.56 17.88
CA VAL A 90 6.33 -6.04 18.24
C VAL A 90 6.44 -7.02 19.42
N LYS A 91 5.35 -7.14 20.15
CA LYS A 91 5.32 -8.03 21.30
C LYS A 91 3.97 -8.76 21.34
N GLU A 92 3.94 -9.90 20.67
CA GLU A 92 2.73 -10.70 20.62
C GLU A 92 2.99 -12.09 21.20
N PRO A 93 2.23 -12.41 22.28
CA PRO A 93 2.37 -13.70 22.94
C PRO A 93 1.72 -14.80 22.12
N SER A 94 2.53 -15.44 21.29
CA SER A 94 2.05 -16.52 20.45
C SER A 94 1.73 -17.75 21.30
N GLY A 95 0.68 -18.45 20.90
CA GLY A 95 0.26 -19.65 21.61
C GLY A 95 -1.04 -20.20 21.04
N PRO A 96 -0.95 -20.67 19.76
CA PRO A 96 -2.10 -21.23 19.08
C PRO A 96 -2.43 -22.63 19.60
N SER A 97 -3.66 -22.79 20.04
CA SER A 97 -4.11 -24.07 20.56
C SER A 97 -5.58 -24.30 20.22
N SER A 98 -5.90 -25.55 19.92
CA SER A 98 -7.26 -25.91 19.57
C SER A 98 -8.01 -26.39 20.82
N GLY A 99 -7.47 -27.43 21.43
CA GLY A 99 -8.07 -28.00 22.63
C GLY A 99 -7.68 -29.47 22.80
N GLY A 1 -25.61 8.07 1.92
CA GLY A 1 -24.51 7.24 1.47
C GLY A 1 -24.94 5.78 1.34
N SER A 2 -25.50 5.46 0.18
CA SER A 2 -25.96 4.11 -0.09
C SER A 2 -25.08 3.46 -1.15
N SER A 3 -25.02 4.10 -2.30
CA SER A 3 -24.22 3.61 -3.40
C SER A 3 -22.77 4.10 -3.27
N GLY A 4 -21.85 3.20 -3.56
CA GLY A 4 -20.44 3.52 -3.48
C GLY A 4 -20.07 4.63 -4.46
N SER A 5 -19.45 5.67 -3.93
CA SER A 5 -19.04 6.80 -4.75
C SER A 5 -17.68 6.54 -5.37
N SER A 6 -16.68 6.37 -4.51
CA SER A 6 -15.33 6.11 -4.97
C SER A 6 -14.90 4.69 -4.56
N GLY A 7 -15.49 3.71 -5.22
CA GLY A 7 -15.19 2.32 -4.94
C GLY A 7 -13.73 2.00 -5.26
N LEU A 8 -13.08 2.96 -5.92
CA LEU A 8 -11.69 2.79 -6.29
C LEU A 8 -10.87 2.41 -5.06
N ARG A 9 -11.09 3.15 -4.00
CA ARG A 9 -10.38 2.89 -2.75
C ARG A 9 -10.24 1.40 -2.52
N LYS A 10 -11.37 0.72 -2.45
CA LYS A 10 -11.37 -0.72 -2.23
C LYS A 10 -10.47 -1.39 -3.28
N GLN A 11 -10.58 -0.90 -4.51
CA GLN A 11 -9.79 -1.45 -5.59
C GLN A 11 -8.30 -1.16 -5.36
N VAL A 12 -8.00 0.10 -5.09
CA VAL A 12 -6.64 0.52 -4.84
C VAL A 12 -6.03 -0.38 -3.76
N GLU A 13 -6.75 -0.50 -2.65
CA GLU A 13 -6.29 -1.31 -1.54
C GLU A 13 -5.78 -2.67 -2.05
N LEU A 14 -6.62 -3.30 -2.86
CA LEU A 14 -6.26 -4.60 -3.43
C LEU A 14 -4.96 -4.47 -4.23
N LEU A 15 -4.93 -3.42 -5.06
CA LEU A 15 -3.76 -3.17 -5.89
C LEU A 15 -2.52 -3.09 -4.99
N PHE A 16 -2.55 -2.14 -4.08
CA PHE A 16 -1.43 -1.94 -3.17
C PHE A 16 -1.14 -3.21 -2.38
N ASN A 17 -2.16 -3.69 -1.68
CA ASN A 17 -2.02 -4.90 -0.89
C ASN A 17 -1.45 -6.02 -1.76
N THR A 18 -2.06 -6.18 -2.93
CA THR A 18 -1.63 -7.20 -3.86
C THR A 18 -0.16 -6.99 -4.25
N ARG A 19 0.13 -5.79 -4.73
CA ARG A 19 1.48 -5.45 -5.13
C ARG A 19 2.47 -5.81 -4.03
N TYR A 20 2.12 -5.44 -2.81
CA TYR A 20 2.96 -5.73 -1.66
C TYR A 20 3.34 -7.20 -1.61
N ALA A 21 2.34 -8.05 -1.83
CA ALA A 21 2.56 -9.49 -1.82
C ALA A 21 3.78 -9.82 -2.67
N LYS A 22 3.79 -9.26 -3.88
CA LYS A 22 4.89 -9.50 -4.80
C LYS A 22 6.19 -9.03 -4.17
N ALA A 23 6.06 -8.04 -3.29
CA ALA A 23 7.22 -7.48 -2.61
C ALA A 23 7.69 -8.46 -1.52
N ILE A 24 6.78 -9.37 -1.17
CA ILE A 24 7.09 -10.36 -0.16
C ILE A 24 7.06 -11.76 -0.78
N GLY A 25 6.84 -11.78 -2.09
CA GLY A 25 6.79 -13.03 -2.82
C GLY A 25 5.51 -13.81 -2.48
N ILE A 26 4.47 -13.05 -2.18
CA ILE A 26 3.18 -13.65 -1.84
C ILE A 26 2.27 -13.61 -3.07
N SER A 27 1.32 -14.53 -3.09
CA SER A 27 0.39 -14.63 -4.20
C SER A 27 -0.87 -13.82 -3.88
N GLU A 28 -1.24 -13.84 -2.61
CA GLU A 28 -2.43 -13.13 -2.16
C GLU A 28 -2.05 -11.72 -1.71
N PRO A 29 -3.10 -10.86 -1.56
CA PRO A 29 -2.88 -9.49 -1.15
C PRO A 29 -2.57 -9.41 0.36
N VAL A 30 -1.60 -8.58 0.69
CA VAL A 30 -1.19 -8.41 2.07
C VAL A 30 -1.30 -6.93 2.45
N LYS A 31 -1.24 -6.68 3.75
CA LYS A 31 -1.32 -5.32 4.26
C LYS A 31 -0.07 -4.55 3.84
N VAL A 32 -0.25 -3.25 3.62
CA VAL A 32 0.85 -2.40 3.21
C VAL A 32 1.18 -1.43 4.35
N PRO A 33 2.44 -1.58 4.87
CA PRO A 33 2.89 -0.72 5.97
C PRO A 33 3.22 0.68 5.46
N TYR A 34 2.18 1.38 5.02
CA TYR A 34 2.34 2.72 4.51
C TYR A 34 3.43 3.48 5.29
N SER A 35 3.22 3.55 6.60
CA SER A 35 4.16 4.23 7.47
C SER A 35 5.59 3.87 7.08
N LYS A 36 5.86 2.58 7.09
CA LYS A 36 7.19 2.09 6.73
C LYS A 36 7.66 2.79 5.45
N PHE A 37 6.74 2.90 4.51
CA PHE A 37 7.05 3.53 3.24
C PHE A 37 7.06 5.06 3.38
N LEU A 38 6.34 5.53 4.38
CA LEU A 38 6.25 6.96 4.64
C LEU A 38 7.55 7.43 5.30
N MET A 39 7.89 6.77 6.39
CA MET A 39 9.09 7.11 7.13
C MET A 39 10.35 6.67 6.37
N HIS A 40 10.15 5.71 5.48
CA HIS A 40 11.25 5.19 4.68
C HIS A 40 10.83 5.13 3.22
N PRO A 41 10.60 6.33 2.62
CA PRO A 41 10.20 6.42 1.23
C PRO A 41 11.38 6.15 0.30
N GLU A 42 12.56 6.07 0.89
CA GLU A 42 13.77 5.81 0.13
C GLU A 42 14.00 4.31 0.00
N GLU A 43 13.90 3.62 1.12
CA GLU A 43 14.10 2.18 1.15
C GLU A 43 12.84 1.46 0.67
N LEU A 44 11.72 1.84 1.27
CA LEU A 44 10.44 1.25 0.92
C LEU A 44 9.62 2.25 0.10
N PHE A 45 9.53 1.97 -1.19
CA PHE A 45 8.78 2.83 -2.09
C PHE A 45 8.06 2.02 -3.16
N VAL A 46 7.38 2.72 -4.05
CA VAL A 46 6.64 2.08 -5.12
C VAL A 46 7.04 2.70 -6.46
N VAL A 47 7.08 1.86 -7.48
CA VAL A 47 7.44 2.31 -8.81
C VAL A 47 6.32 1.97 -9.79
N GLY A 48 6.24 2.75 -10.86
CA GLY A 48 5.23 2.55 -11.86
C GLY A 48 4.07 3.55 -11.70
N LEU A 49 3.89 3.99 -10.46
CA LEU A 49 2.83 4.93 -10.15
C LEU A 49 2.79 6.02 -11.23
N PRO A 50 1.59 6.62 -11.40
CA PRO A 50 1.41 7.67 -12.39
C PRO A 50 2.04 8.98 -11.92
N GLU A 51 2.06 9.96 -12.82
CA GLU A 51 2.62 11.26 -12.50
C GLU A 51 1.72 12.00 -11.51
N GLY A 52 2.35 12.69 -10.58
CA GLY A 52 1.64 13.44 -9.57
C GLY A 52 0.90 12.50 -8.60
N ILE A 53 1.49 11.33 -8.41
CA ILE A 53 0.91 10.34 -7.52
C ILE A 53 2.03 9.52 -6.89
N SER A 54 1.83 9.19 -5.62
CA SER A 54 2.82 8.40 -4.88
C SER A 54 2.11 7.32 -4.06
N LEU A 55 2.75 6.96 -2.95
CA LEU A 55 2.20 5.94 -2.07
C LEU A 55 1.54 6.63 -0.87
N ARG A 56 0.23 6.40 -0.75
CA ARG A 56 -0.53 6.98 0.34
C ARG A 56 -1.90 6.32 0.43
N ARG A 57 -2.57 6.58 1.55
CA ARG A 57 -3.90 6.02 1.77
C ARG A 57 -4.80 6.30 0.57
N PRO A 58 -5.53 5.24 0.14
CA PRO A 58 -6.44 5.35 -0.99
C PRO A 58 -7.70 6.12 -0.60
N ASN A 59 -7.49 7.34 -0.11
CA ASN A 59 -8.60 8.18 0.30
C ASN A 59 -8.25 9.64 0.01
N CYS A 60 -7.05 10.02 0.42
CA CYS A 60 -6.58 11.38 0.20
C CYS A 60 -6.62 11.68 -1.29
N PHE A 61 -6.32 10.65 -2.08
CA PHE A 61 -6.31 10.79 -3.52
C PHE A 61 -7.72 11.06 -4.05
N GLY A 62 -7.77 11.51 -5.29
CA GLY A 62 -9.03 11.82 -5.93
C GLY A 62 -9.43 10.72 -6.92
N ILE A 63 -10.73 10.61 -7.16
CA ILE A 63 -11.25 9.61 -8.07
C ILE A 63 -10.31 9.50 -9.28
N ALA A 64 -10.11 10.63 -9.93
CA ALA A 64 -9.25 10.69 -11.09
C ALA A 64 -7.92 9.98 -10.78
N LYS A 65 -7.33 10.38 -9.66
CA LYS A 65 -6.07 9.80 -9.24
C LYS A 65 -6.25 8.30 -9.04
N LEU A 66 -7.17 7.95 -8.15
CA LEU A 66 -7.44 6.55 -7.86
C LEU A 66 -7.42 5.76 -9.15
N ARG A 67 -8.18 6.23 -10.13
CA ARG A 67 -8.26 5.56 -11.41
C ARG A 67 -6.85 5.40 -12.00
N LYS A 68 -6.19 6.53 -12.19
CA LYS A 68 -4.85 6.52 -12.74
C LYS A 68 -4.06 5.35 -12.15
N ILE A 69 -3.91 5.38 -10.84
CA ILE A 69 -3.19 4.33 -10.15
C ILE A 69 -3.70 2.97 -10.62
N LEU A 70 -5.01 2.79 -10.50
CA LEU A 70 -5.63 1.55 -10.92
C LEU A 70 -5.27 1.26 -12.37
N GLU A 71 -5.15 2.33 -13.14
CA GLU A 71 -4.81 2.20 -14.55
C GLU A 71 -3.32 1.86 -14.70
N ALA A 72 -2.54 2.29 -13.72
CA ALA A 72 -1.11 2.04 -13.74
C ALA A 72 -0.77 0.93 -12.75
N SER A 73 -1.78 0.09 -12.50
CA SER A 73 -1.60 -1.02 -11.58
C SER A 73 -0.45 -1.92 -12.05
N ASN A 74 -0.64 -2.50 -13.22
CA ASN A 74 0.35 -3.38 -13.80
C ASN A 74 1.74 -2.72 -13.69
N SER A 75 1.78 -1.43 -14.02
CA SER A 75 3.02 -0.68 -13.96
C SER A 75 3.47 -0.55 -12.51
N ILE A 76 2.53 -0.22 -11.64
CA ILE A 76 2.82 -0.07 -10.23
C ILE A 76 3.62 -1.27 -9.74
N GLN A 77 4.41 -1.04 -8.71
CA GLN A 77 5.24 -2.10 -8.14
C GLN A 77 5.86 -1.64 -6.82
N PHE A 78 5.74 -2.49 -5.82
CA PHE A 78 6.29 -2.17 -4.50
C PHE A 78 7.70 -2.73 -4.35
N VAL A 79 8.67 -1.84 -4.56
CA VAL A 79 10.07 -2.23 -4.46
C VAL A 79 10.51 -2.15 -3.00
N ILE A 80 11.14 -3.23 -2.54
CA ILE A 80 11.61 -3.29 -1.17
C ILE A 80 13.14 -3.21 -1.16
N LYS A 81 13.64 -2.32 -0.31
CA LYS A 81 15.08 -2.13 -0.19
C LYS A 81 15.53 -2.56 1.21
N ARG A 82 14.73 -2.18 2.19
CA ARG A 82 15.04 -2.51 3.57
C ARG A 82 13.78 -3.02 4.29
N PRO A 83 13.61 -4.37 4.27
CA PRO A 83 12.46 -4.99 4.90
C PRO A 83 12.62 -5.00 6.43
N GLU A 84 13.85 -4.78 6.86
CA GLU A 84 14.15 -4.76 8.29
C GLU A 84 13.33 -3.67 8.98
N LEU A 85 12.96 -2.67 8.21
CA LEU A 85 12.19 -1.56 8.75
C LEU A 85 10.78 -2.06 9.10
N LEU A 86 10.19 -2.80 8.17
CA LEU A 86 8.86 -3.33 8.38
C LEU A 86 8.75 -3.86 9.81
N THR A 87 9.58 -4.83 10.12
CA THR A 87 9.58 -5.43 11.45
C THR A 87 10.44 -4.60 12.41
N GLU A 88 9.79 -3.62 13.04
CA GLU A 88 10.47 -2.75 13.98
C GLU A 88 10.63 -3.45 15.34
N GLY A 89 9.49 -3.84 15.89
CA GLY A 89 9.49 -4.51 17.18
C GLY A 89 8.58 -3.78 18.17
N VAL A 90 7.60 -4.52 18.68
CA VAL A 90 6.66 -3.95 19.65
C VAL A 90 5.89 -5.09 20.32
N LYS A 91 5.78 -4.98 21.63
CA LYS A 91 5.06 -5.98 22.41
C LYS A 91 4.84 -5.46 23.82
N GLU A 92 4.10 -6.26 24.60
CA GLU A 92 3.79 -5.88 25.97
C GLU A 92 3.72 -7.13 26.85
N PRO A 93 4.62 -7.16 27.87
CA PRO A 93 4.66 -8.28 28.79
C PRO A 93 3.49 -8.23 29.78
N SER A 94 2.29 -8.43 29.24
CA SER A 94 1.09 -8.41 30.05
C SER A 94 1.11 -7.19 30.99
N GLY A 95 0.27 -7.26 32.01
CA GLY A 95 0.19 -6.18 32.97
C GLY A 95 -0.72 -6.56 34.15
N PRO A 96 -0.13 -7.34 35.10
CA PRO A 96 -0.89 -7.78 36.26
C PRO A 96 -1.06 -6.64 37.27
N SER A 97 -2.21 -6.64 37.93
CA SER A 97 -2.52 -5.62 38.91
C SER A 97 -3.72 -6.04 39.75
N SER A 98 -3.45 -6.38 40.99
CA SER A 98 -4.50 -6.81 41.90
C SER A 98 -4.36 -6.07 43.23
N GLY A 99 -5.22 -5.08 43.42
CA GLY A 99 -5.21 -4.30 44.65
C GLY A 99 -5.82 -5.08 45.80
N GLY A 1 -10.49 13.45 -3.34
CA GLY A 1 -11.32 14.36 -4.10
C GLY A 1 -12.75 13.83 -4.21
N SER A 2 -13.71 14.74 -4.03
CA SER A 2 -15.11 14.38 -4.10
C SER A 2 -15.44 13.33 -3.04
N SER A 3 -16.73 13.10 -2.86
CA SER A 3 -17.19 12.12 -1.89
C SER A 3 -18.45 11.43 -2.39
N GLY A 4 -18.41 10.11 -2.42
CA GLY A 4 -19.55 9.32 -2.87
C GLY A 4 -19.25 7.83 -2.78
N SER A 5 -19.50 7.14 -3.87
CA SER A 5 -19.26 5.71 -3.93
C SER A 5 -17.76 5.42 -4.05
N SER A 6 -17.19 5.87 -5.15
CA SER A 6 -15.77 5.68 -5.41
C SER A 6 -15.36 4.27 -4.98
N GLY A 7 -15.75 3.30 -5.79
CA GLY A 7 -15.43 1.91 -5.52
C GLY A 7 -13.93 1.64 -5.74
N LEU A 8 -13.24 2.67 -6.20
CA LEU A 8 -11.82 2.56 -6.46
C LEU A 8 -11.09 2.25 -5.16
N ARG A 9 -11.45 2.98 -4.12
CA ARG A 9 -10.84 2.80 -2.81
C ARG A 9 -10.63 1.31 -2.54
N LYS A 10 -11.69 0.55 -2.70
CA LYS A 10 -11.63 -0.89 -2.47
C LYS A 10 -10.62 -1.51 -3.43
N GLN A 11 -10.68 -1.06 -4.67
CA GLN A 11 -9.77 -1.56 -5.69
C GLN A 11 -8.33 -1.19 -5.35
N VAL A 12 -8.09 0.11 -5.25
CA VAL A 12 -6.76 0.59 -4.93
C VAL A 12 -6.16 -0.26 -3.82
N GLU A 13 -6.86 -0.26 -2.69
CA GLU A 13 -6.40 -1.04 -1.54
C GLU A 13 -5.92 -2.42 -1.98
N LEU A 14 -6.80 -3.12 -2.70
CA LEU A 14 -6.47 -4.44 -3.18
C LEU A 14 -5.18 -4.38 -4.00
N LEU A 15 -5.13 -3.40 -4.87
CA LEU A 15 -3.96 -3.22 -5.72
C LEU A 15 -2.71 -3.10 -4.85
N PHE A 16 -2.63 -1.99 -4.13
CA PHE A 16 -1.50 -1.75 -3.25
C PHE A 16 -1.18 -2.99 -2.41
N ASN A 17 -2.20 -3.49 -1.73
CA ASN A 17 -2.03 -4.67 -0.89
C ASN A 17 -1.52 -5.83 -1.75
N THR A 18 -2.09 -5.94 -2.94
CA THR A 18 -1.71 -6.99 -3.86
C THR A 18 -0.24 -6.84 -4.26
N ARG A 19 0.07 -5.65 -4.78
CA ARG A 19 1.43 -5.36 -5.21
C ARG A 19 2.42 -5.71 -4.10
N TYR A 20 2.07 -5.31 -2.88
CA TYR A 20 2.91 -5.56 -1.73
C TYR A 20 3.27 -7.05 -1.64
N ALA A 21 2.27 -7.88 -1.83
CA ALA A 21 2.46 -9.32 -1.77
C ALA A 21 3.70 -9.70 -2.60
N LYS A 22 3.73 -9.19 -3.82
CA LYS A 22 4.84 -9.46 -4.72
C LYS A 22 6.14 -8.97 -4.07
N ALA A 23 6.00 -7.94 -3.25
CA ALA A 23 7.15 -7.36 -2.57
C ALA A 23 7.59 -8.30 -1.45
N ILE A 24 6.68 -9.18 -1.05
CA ILE A 24 6.96 -10.14 0.00
C ILE A 24 6.95 -11.56 -0.57
N GLY A 25 6.72 -11.63 -1.88
CA GLY A 25 6.69 -12.91 -2.56
C GLY A 25 5.40 -13.66 -2.24
N ILE A 26 4.35 -12.90 -1.96
CA ILE A 26 3.07 -13.48 -1.63
C ILE A 26 2.18 -13.51 -2.88
N SER A 27 1.21 -14.41 -2.87
CA SER A 27 0.30 -14.55 -3.99
C SER A 27 -0.94 -13.70 -3.76
N GLU A 28 -1.39 -13.69 -2.51
CA GLU A 28 -2.57 -12.92 -2.15
C GLU A 28 -2.17 -11.51 -1.70
N PRO A 29 -3.20 -10.64 -1.54
CA PRO A 29 -2.97 -9.27 -1.12
C PRO A 29 -2.65 -9.20 0.37
N VAL A 30 -1.74 -8.29 0.70
CA VAL A 30 -1.32 -8.12 2.08
C VAL A 30 -1.39 -6.63 2.44
N LYS A 31 -1.33 -6.36 3.74
CA LYS A 31 -1.38 -5.00 4.22
C LYS A 31 -0.09 -4.27 3.83
N VAL A 32 -0.23 -2.99 3.52
CA VAL A 32 0.90 -2.18 3.14
C VAL A 32 1.28 -1.26 4.30
N PRO A 33 2.52 -1.46 4.82
CA PRO A 33 3.01 -0.66 5.93
C PRO A 33 3.42 0.73 5.45
N TYR A 34 2.41 1.48 5.01
CA TYR A 34 2.64 2.84 4.53
C TYR A 34 3.73 3.53 5.35
N SER A 35 3.47 3.63 6.64
CA SER A 35 4.40 4.28 7.54
C SER A 35 5.83 3.87 7.19
N LYS A 36 6.06 2.56 7.20
CA LYS A 36 7.38 2.02 6.87
C LYS A 36 7.91 2.72 5.62
N PHE A 37 7.03 2.84 4.63
CA PHE A 37 7.40 3.47 3.38
C PHE A 37 7.46 4.99 3.53
N LEU A 38 6.73 5.49 4.52
CA LEU A 38 6.69 6.92 4.78
C LEU A 38 7.98 7.34 5.47
N MET A 39 8.23 6.74 6.61
CA MET A 39 9.43 7.05 7.39
C MET A 39 10.69 6.57 6.65
N HIS A 40 10.49 5.59 5.78
CA HIS A 40 11.58 5.03 5.01
C HIS A 40 11.22 5.01 3.53
N PRO A 41 11.13 6.23 2.94
CA PRO A 41 10.79 6.36 1.53
C PRO A 41 11.98 5.97 0.64
N GLU A 42 13.17 6.13 1.19
CA GLU A 42 14.38 5.81 0.47
C GLU A 42 14.59 4.29 0.45
N GLU A 43 14.15 3.65 1.52
CA GLU A 43 14.28 2.21 1.63
C GLU A 43 13.09 1.51 0.99
N LEU A 44 11.91 1.90 1.42
CA LEU A 44 10.68 1.32 0.89
C LEU A 44 9.91 2.39 0.11
N PHE A 45 9.69 2.11 -1.17
CA PHE A 45 8.96 3.02 -2.02
C PHE A 45 8.18 2.28 -3.10
N VAL A 46 7.47 3.04 -3.91
CA VAL A 46 6.67 2.47 -4.98
C VAL A 46 7.11 3.06 -6.32
N VAL A 47 7.07 2.23 -7.34
CA VAL A 47 7.46 2.66 -8.68
C VAL A 47 6.36 2.28 -9.67
N GLY A 48 6.21 3.13 -10.68
CA GLY A 48 5.20 2.89 -11.70
C GLY A 48 4.01 3.83 -11.51
N LEU A 49 3.84 4.28 -10.28
CA LEU A 49 2.74 5.17 -9.95
C LEU A 49 2.63 6.25 -11.04
N PRO A 50 1.38 6.78 -11.19
CA PRO A 50 1.12 7.80 -12.19
C PRO A 50 1.68 9.16 -11.74
N GLU A 51 1.74 10.09 -12.69
CA GLU A 51 2.25 11.42 -12.40
C GLU A 51 1.30 12.15 -11.45
N GLY A 52 1.90 12.91 -10.54
CA GLY A 52 1.13 13.66 -9.58
C GLY A 52 0.47 12.74 -8.55
N ILE A 53 1.13 11.62 -8.30
CA ILE A 53 0.62 10.63 -7.36
C ILE A 53 1.80 9.93 -6.68
N SER A 54 1.62 9.66 -5.39
CA SER A 54 2.65 8.99 -4.62
C SER A 54 2.05 7.78 -3.90
N LEU A 55 2.65 7.46 -2.76
CA LEU A 55 2.20 6.33 -1.96
C LEU A 55 1.43 6.85 -0.74
N ARG A 56 0.11 6.75 -0.82
CA ARG A 56 -0.74 7.20 0.27
C ARG A 56 -2.04 6.39 0.29
N ARG A 57 -2.84 6.65 1.31
CA ARG A 57 -4.11 5.95 1.47
C ARG A 57 -5.05 6.30 0.31
N PRO A 58 -5.88 5.30 -0.08
CA PRO A 58 -6.83 5.49 -1.17
C PRO A 58 -8.01 6.34 -0.71
N ASN A 59 -7.95 6.78 0.54
CA ASN A 59 -9.00 7.61 1.10
C ASN A 59 -8.49 9.03 1.28
N CYS A 60 -7.48 9.36 0.49
CA CYS A 60 -6.89 10.69 0.55
C CYS A 60 -6.52 11.12 -0.88
N PHE A 61 -7.20 10.51 -1.83
CA PHE A 61 -6.96 10.81 -3.24
C PHE A 61 -8.25 11.14 -3.96
N GLY A 62 -8.13 11.43 -5.25
CA GLY A 62 -9.29 11.77 -6.06
C GLY A 62 -9.64 10.63 -7.00
N ILE A 63 -10.87 10.67 -7.52
CA ILE A 63 -11.34 9.65 -8.44
C ILE A 63 -10.32 9.48 -9.56
N ALA A 64 -10.21 10.51 -10.40
CA ALA A 64 -9.29 10.49 -11.52
C ALA A 64 -7.97 9.84 -11.06
N LYS A 65 -7.56 10.19 -9.85
CA LYS A 65 -6.33 9.67 -9.30
C LYS A 65 -6.49 8.17 -9.06
N LEU A 66 -7.42 7.83 -8.19
CA LEU A 66 -7.68 6.44 -7.86
C LEU A 66 -7.60 5.59 -9.14
N ARG A 67 -8.32 6.04 -10.15
CA ARG A 67 -8.34 5.34 -11.43
C ARG A 67 -6.91 5.19 -11.97
N LYS A 68 -6.26 6.34 -12.13
CA LYS A 68 -4.90 6.35 -12.64
C LYS A 68 -4.12 5.19 -12.02
N ILE A 69 -3.96 5.25 -10.70
CA ILE A 69 -3.25 4.22 -9.98
C ILE A 69 -3.66 2.84 -10.53
N LEU A 70 -4.96 2.60 -10.52
CA LEU A 70 -5.49 1.34 -11.00
C LEU A 70 -5.01 1.11 -12.43
N GLU A 71 -5.16 2.15 -13.25
CA GLU A 71 -4.75 2.07 -14.63
C GLU A 71 -3.25 1.84 -14.74
N ALA A 72 -2.57 2.08 -13.63
CA ALA A 72 -1.12 1.90 -13.58
C ALA A 72 -0.79 0.76 -12.61
N SER A 73 -1.79 -0.06 -12.35
CA SER A 73 -1.63 -1.19 -11.46
C SER A 73 -0.46 -2.07 -11.92
N ASN A 74 -0.55 -2.52 -13.16
CA ASN A 74 0.49 -3.36 -13.73
C ASN A 74 1.83 -2.64 -13.61
N SER A 75 1.84 -1.38 -14.03
CA SER A 75 3.05 -0.58 -13.99
C SER A 75 3.55 -0.49 -12.55
N ILE A 76 2.63 -0.18 -11.65
CA ILE A 76 2.97 -0.06 -10.24
C ILE A 76 3.85 -1.23 -9.82
N GLN A 77 4.62 -1.02 -8.78
CA GLN A 77 5.51 -2.05 -8.27
C GLN A 77 6.11 -1.62 -6.93
N PHE A 78 5.94 -2.47 -5.93
CA PHE A 78 6.46 -2.20 -4.61
C PHE A 78 7.89 -2.72 -4.45
N VAL A 79 8.84 -1.82 -4.63
CA VAL A 79 10.24 -2.18 -4.52
C VAL A 79 10.66 -2.15 -3.05
N ILE A 80 11.30 -3.22 -2.62
CA ILE A 80 11.74 -3.33 -1.25
C ILE A 80 13.27 -3.26 -1.20
N LYS A 81 13.77 -2.40 -0.33
CA LYS A 81 15.20 -2.23 -0.18
C LYS A 81 15.63 -2.71 1.21
N ARG A 82 14.78 -2.43 2.18
CA ARG A 82 15.06 -2.82 3.55
C ARG A 82 13.77 -3.28 4.25
N PRO A 83 13.55 -4.61 4.21
CA PRO A 83 12.37 -5.19 4.83
C PRO A 83 12.50 -5.21 6.35
N GLU A 84 13.73 -5.03 6.81
CA GLU A 84 14.00 -5.03 8.24
C GLU A 84 13.23 -3.91 8.93
N LEU A 85 12.84 -2.92 8.13
CA LEU A 85 12.10 -1.79 8.65
C LEU A 85 10.68 -2.24 8.99
N LEU A 86 10.10 -3.02 8.09
CA LEU A 86 8.75 -3.52 8.28
C LEU A 86 8.64 -4.14 9.68
N THR A 87 9.63 -4.96 10.00
CA THR A 87 9.65 -5.63 11.29
C THR A 87 10.08 -4.66 12.39
N GLU A 88 9.09 -3.98 12.95
CA GLU A 88 9.36 -3.01 14.01
C GLU A 88 9.63 -3.73 15.33
N GLY A 89 10.58 -3.18 16.08
CA GLY A 89 10.94 -3.76 17.36
C GLY A 89 10.94 -5.29 17.29
N VAL A 90 10.08 -5.88 18.11
CA VAL A 90 9.96 -7.33 18.16
C VAL A 90 8.83 -7.72 19.11
N LYS A 91 7.92 -8.52 18.59
CA LYS A 91 6.78 -8.97 19.39
C LYS A 91 6.10 -10.15 18.67
N GLU A 92 6.05 -11.27 19.37
CA GLU A 92 5.44 -12.46 18.82
C GLU A 92 3.96 -12.20 18.50
N PRO A 93 3.57 -12.57 17.25
CA PRO A 93 2.20 -12.37 16.81
C PRO A 93 1.28 -13.42 17.44
N SER A 94 0.92 -13.17 18.69
CA SER A 94 0.04 -14.08 19.40
C SER A 94 -0.60 -13.35 20.60
N GLY A 95 -1.79 -13.81 20.95
CA GLY A 95 -2.52 -13.22 22.06
C GLY A 95 -3.60 -14.17 22.57
N PRO A 96 -3.54 -14.43 23.91
CA PRO A 96 -4.51 -15.31 24.53
C PRO A 96 -5.87 -14.62 24.69
N SER A 97 -6.73 -15.25 25.48
CA SER A 97 -8.05 -14.71 25.72
C SER A 97 -8.23 -14.40 27.22
N SER A 98 -8.93 -13.31 27.48
CA SER A 98 -9.19 -12.90 28.85
C SER A 98 -9.79 -14.06 29.64
N GLY A 99 -9.40 -14.14 30.91
CA GLY A 99 -9.90 -15.19 31.78
C GLY A 99 -11.38 -14.99 32.09
N GLY A 1 -19.14 -1.04 -12.16
CA GLY A 1 -20.40 -1.74 -12.00
C GLY A 1 -21.19 -1.20 -10.81
N SER A 2 -21.01 -1.86 -9.67
CA SER A 2 -21.70 -1.45 -8.46
C SER A 2 -20.72 -1.47 -7.27
N SER A 3 -20.62 -0.33 -6.62
CA SER A 3 -19.73 -0.20 -5.47
C SER A 3 -20.11 1.04 -4.65
N GLY A 4 -20.13 2.17 -5.33
CA GLY A 4 -20.47 3.42 -4.69
C GLY A 4 -19.84 4.61 -5.42
N SER A 5 -19.85 5.76 -4.74
CA SER A 5 -19.28 6.96 -5.32
C SER A 5 -17.86 6.68 -5.83
N SER A 6 -16.96 6.43 -4.89
CA SER A 6 -15.58 6.16 -5.24
C SER A 6 -15.17 4.78 -4.70
N GLY A 7 -15.66 3.75 -5.36
CA GLY A 7 -15.36 2.38 -4.95
C GLY A 7 -13.91 2.03 -5.27
N LEU A 8 -13.22 2.97 -5.91
CA LEU A 8 -11.84 2.77 -6.29
C LEU A 8 -11.03 2.43 -5.03
N ARG A 9 -11.28 3.18 -3.98
CA ARG A 9 -10.58 2.96 -2.72
C ARG A 9 -10.42 1.48 -2.45
N LYS A 10 -11.55 0.78 -2.43
CA LYS A 10 -11.55 -0.65 -2.18
C LYS A 10 -10.63 -1.33 -3.19
N GLN A 11 -10.69 -0.86 -4.42
CA GLN A 11 -9.87 -1.42 -5.49
C GLN A 11 -8.39 -1.15 -5.21
N VAL A 12 -8.08 0.12 -5.05
CA VAL A 12 -6.71 0.53 -4.78
C VAL A 12 -6.12 -0.37 -3.69
N GLU A 13 -6.84 -0.47 -2.60
CA GLU A 13 -6.40 -1.29 -1.48
C GLU A 13 -5.91 -2.64 -1.97
N LEU A 14 -6.78 -3.34 -2.69
CA LEU A 14 -6.45 -4.65 -3.23
C LEU A 14 -5.15 -4.54 -4.03
N LEU A 15 -5.09 -3.52 -4.87
CA LEU A 15 -3.92 -3.29 -5.70
C LEU A 15 -2.69 -3.16 -4.80
N PHE A 16 -2.61 -2.04 -4.11
CA PHE A 16 -1.50 -1.77 -3.22
C PHE A 16 -1.16 -3.01 -2.40
N ASN A 17 -2.17 -3.56 -1.75
CA ASN A 17 -1.98 -4.75 -0.94
C ASN A 17 -1.44 -5.88 -1.80
N THR A 18 -2.01 -6.01 -2.99
CA THR A 18 -1.59 -7.04 -3.92
C THR A 18 -0.13 -6.85 -4.30
N ARG A 19 0.18 -5.67 -4.80
CA ARG A 19 1.53 -5.34 -5.20
C ARG A 19 2.52 -5.71 -4.08
N TYR A 20 2.15 -5.33 -2.87
CA TYR A 20 2.98 -5.60 -1.71
C TYR A 20 3.38 -7.08 -1.66
N ALA A 21 2.38 -7.93 -1.85
CA ALA A 21 2.60 -9.36 -1.83
C ALA A 21 3.84 -9.70 -2.67
N LYS A 22 3.85 -9.16 -3.88
CA LYS A 22 4.97 -9.40 -4.79
C LYS A 22 6.26 -8.92 -4.14
N ALA A 23 6.12 -7.90 -3.30
CA ALA A 23 7.27 -7.34 -2.60
C ALA A 23 7.71 -8.30 -1.50
N ILE A 24 6.83 -9.25 -1.19
CA ILE A 24 7.12 -10.23 -0.16
C ILE A 24 7.07 -11.63 -0.77
N GLY A 25 6.89 -11.66 -2.08
CA GLY A 25 6.82 -12.93 -2.80
C GLY A 25 5.53 -13.66 -2.47
N ILE A 26 4.49 -12.89 -2.19
CA ILE A 26 3.20 -13.46 -1.86
C ILE A 26 2.27 -13.34 -3.07
N SER A 27 1.42 -14.34 -3.23
CA SER A 27 0.48 -14.36 -4.34
C SER A 27 -0.78 -13.58 -3.97
N GLU A 28 -1.19 -13.71 -2.72
CA GLU A 28 -2.37 -13.02 -2.23
C GLU A 28 -2.01 -11.61 -1.78
N PRO A 29 -3.06 -10.76 -1.65
CA PRO A 29 -2.87 -9.38 -1.23
C PRO A 29 -2.57 -9.30 0.27
N VAL A 30 -1.63 -8.43 0.60
CA VAL A 30 -1.25 -8.24 1.99
C VAL A 30 -1.36 -6.75 2.35
N LYS A 31 -1.32 -6.49 3.65
CA LYS A 31 -1.40 -5.13 4.13
C LYS A 31 -0.14 -4.37 3.73
N VAL A 32 -0.32 -3.09 3.44
CA VAL A 32 0.78 -2.24 3.04
C VAL A 32 1.15 -1.31 4.18
N PRO A 33 2.39 -1.50 4.72
CA PRO A 33 2.87 -0.69 5.83
C PRO A 33 3.26 0.71 5.34
N TYR A 34 2.27 1.44 4.86
CA TYR A 34 2.49 2.78 4.36
C TYR A 34 3.54 3.51 5.20
N SER A 35 3.22 3.68 6.48
CA SER A 35 4.12 4.35 7.40
C SER A 35 5.57 3.94 7.11
N LYS A 36 5.79 2.63 7.12
CA LYS A 36 7.12 2.10 6.86
C LYS A 36 7.69 2.75 5.59
N PHE A 37 6.84 2.83 4.58
CA PHE A 37 7.24 3.42 3.32
C PHE A 37 7.29 4.95 3.42
N LEU A 38 6.58 5.48 4.42
CA LEU A 38 6.54 6.91 4.64
C LEU A 38 7.81 7.35 5.37
N MET A 39 8.04 6.73 6.52
CA MET A 39 9.21 7.03 7.32
C MET A 39 10.50 6.56 6.63
N HIS A 40 10.33 5.59 5.75
CA HIS A 40 11.46 5.04 5.01
C HIS A 40 11.13 4.99 3.52
N PRO A 41 11.03 6.21 2.91
CA PRO A 41 10.72 6.33 1.50
C PRO A 41 11.94 5.96 0.64
N GLU A 42 13.11 6.14 1.23
CA GLU A 42 14.35 5.83 0.53
C GLU A 42 14.61 4.32 0.55
N GLU A 43 14.02 3.67 1.54
CA GLU A 43 14.17 2.23 1.68
C GLU A 43 12.99 1.50 1.05
N LEU A 44 11.80 1.89 1.46
CA LEU A 44 10.58 1.28 0.95
C LEU A 44 9.79 2.33 0.17
N PHE A 45 9.66 2.08 -1.13
CA PHE A 45 8.91 2.99 -1.99
C PHE A 45 8.15 2.23 -3.07
N VAL A 46 7.41 2.98 -3.87
CA VAL A 46 6.64 2.39 -4.94
C VAL A 46 7.08 2.99 -6.28
N VAL A 47 7.05 2.15 -7.30
CA VAL A 47 7.44 2.58 -8.64
C VAL A 47 6.35 2.18 -9.64
N GLY A 48 6.16 3.03 -10.63
CA GLY A 48 5.17 2.79 -11.65
C GLY A 48 3.97 3.73 -11.50
N LEU A 49 3.78 4.20 -10.28
CA LEU A 49 2.69 5.12 -9.99
C LEU A 49 2.59 6.16 -11.09
N PRO A 50 1.35 6.69 -11.28
CA PRO A 50 1.12 7.70 -12.29
C PRO A 50 1.68 9.06 -11.87
N GLU A 51 1.59 10.01 -12.78
CA GLU A 51 2.09 11.35 -12.51
C GLU A 51 1.16 12.08 -11.55
N GLY A 52 1.76 12.84 -10.64
CA GLY A 52 1.00 13.58 -9.66
C GLY A 52 0.33 12.64 -8.65
N ILE A 53 0.99 11.51 -8.43
CA ILE A 53 0.47 10.52 -7.49
C ILE A 53 1.64 9.80 -6.82
N SER A 54 1.50 9.58 -5.53
CA SER A 54 2.53 8.90 -4.76
C SER A 54 1.93 7.70 -4.02
N LEU A 55 2.54 7.39 -2.89
CA LEU A 55 2.08 6.28 -2.08
C LEU A 55 1.38 6.81 -0.83
N ARG A 56 0.05 6.75 -0.86
CA ARG A 56 -0.75 7.23 0.26
C ARG A 56 -2.09 6.50 0.30
N ARG A 57 -2.68 6.48 1.48
CA ARG A 57 -3.96 5.83 1.66
C ARG A 57 -4.90 6.15 0.50
N PRO A 58 -5.68 5.12 0.07
CA PRO A 58 -6.62 5.29 -1.02
C PRO A 58 -7.85 6.09 -0.57
N ASN A 59 -7.59 7.26 -0.01
CA ASN A 59 -8.66 8.12 0.46
C ASN A 59 -8.35 9.57 0.09
N CYS A 60 -7.11 9.95 0.35
CA CYS A 60 -6.67 11.31 0.05
C CYS A 60 -6.28 11.37 -1.42
N PHE A 61 -7.20 10.93 -2.27
CA PHE A 61 -6.96 10.93 -3.70
C PHE A 61 -8.25 11.23 -4.47
N GLY A 62 -8.08 11.75 -5.67
CA GLY A 62 -9.22 12.09 -6.52
C GLY A 62 -9.61 10.91 -7.40
N ILE A 63 -10.90 10.84 -7.72
CA ILE A 63 -11.42 9.78 -8.56
C ILE A 63 -10.44 9.53 -9.71
N ALA A 64 -10.10 10.60 -10.41
CA ALA A 64 -9.18 10.50 -11.53
C ALA A 64 -7.88 9.85 -11.06
N LYS A 65 -7.42 10.27 -9.89
CA LYS A 65 -6.21 9.73 -9.33
C LYS A 65 -6.35 8.23 -9.12
N LEU A 66 -7.30 7.88 -8.25
CA LEU A 66 -7.55 6.48 -7.95
C LEU A 66 -7.48 5.67 -9.24
N ARG A 67 -8.23 6.13 -10.24
CA ARG A 67 -8.27 5.46 -11.52
C ARG A 67 -6.85 5.28 -12.07
N LYS A 68 -6.18 6.41 -12.26
CA LYS A 68 -4.82 6.40 -12.78
C LYS A 68 -4.06 5.24 -12.16
N ILE A 69 -4.00 5.25 -10.83
CA ILE A 69 -3.29 4.20 -10.10
C ILE A 69 -3.76 2.84 -10.62
N LEU A 70 -5.05 2.59 -10.48
CA LEU A 70 -5.63 1.33 -10.91
C LEU A 70 -5.22 1.08 -12.37
N GLU A 71 -5.18 2.16 -13.14
CA GLU A 71 -4.81 2.06 -14.54
C GLU A 71 -3.34 1.70 -14.68
N ALA A 72 -2.56 2.12 -13.69
CA ALA A 72 -1.13 1.85 -13.69
C ALA A 72 -0.84 0.66 -12.78
N SER A 73 -1.92 -0.04 -12.41
CA SER A 73 -1.79 -1.19 -11.54
C SER A 73 -0.72 -2.15 -12.09
N ASN A 74 -0.49 -2.04 -13.39
CA ASN A 74 0.50 -2.88 -14.04
C ASN A 74 1.90 -2.31 -13.78
N SER A 75 2.06 -1.05 -14.16
CA SER A 75 3.34 -0.38 -13.98
C SER A 75 3.72 -0.36 -12.49
N ILE A 76 2.71 -0.10 -11.66
CA ILE A 76 2.93 -0.05 -10.22
C ILE A 76 3.79 -1.25 -9.80
N GLN A 77 4.56 -1.04 -8.76
CA GLN A 77 5.44 -2.08 -8.25
C GLN A 77 6.06 -1.66 -6.91
N PHE A 78 5.86 -2.51 -5.91
CA PHE A 78 6.39 -2.22 -4.59
C PHE A 78 7.83 -2.76 -4.45
N VAL A 79 8.78 -1.84 -4.59
CA VAL A 79 10.18 -2.20 -4.49
C VAL A 79 10.60 -2.15 -3.02
N ILE A 80 11.25 -3.23 -2.59
CA ILE A 80 11.72 -3.32 -1.22
C ILE A 80 13.24 -3.23 -1.19
N LYS A 81 13.74 -2.37 -0.32
CA LYS A 81 15.17 -2.19 -0.19
C LYS A 81 15.62 -2.67 1.20
N ARG A 82 14.76 -2.42 2.18
CA ARG A 82 15.05 -2.82 3.54
C ARG A 82 13.79 -3.29 4.24
N PRO A 83 13.56 -4.63 4.22
CA PRO A 83 12.39 -5.21 4.84
C PRO A 83 12.53 -5.24 6.36
N GLU A 84 13.77 -5.03 6.81
CA GLU A 84 14.05 -5.04 8.24
C GLU A 84 13.24 -3.93 8.94
N LEU A 85 12.92 -2.90 8.17
CA LEU A 85 12.15 -1.79 8.70
C LEU A 85 10.74 -2.27 9.05
N LEU A 86 10.13 -2.94 8.09
CA LEU A 86 8.77 -3.45 8.28
C LEU A 86 8.65 -4.02 9.69
N THR A 87 9.57 -4.93 10.01
CA THR A 87 9.57 -5.56 11.32
C THR A 87 9.88 -4.53 12.42
N GLU A 88 8.83 -3.85 12.86
CA GLU A 88 8.98 -2.84 13.89
C GLU A 88 7.79 -2.89 14.85
N GLY A 89 7.80 -3.90 15.70
CA GLY A 89 6.73 -4.08 16.67
C GLY A 89 5.38 -4.29 15.98
N VAL A 90 4.97 -5.54 15.93
CA VAL A 90 3.71 -5.89 15.29
C VAL A 90 3.40 -7.36 15.55
N LYS A 91 2.45 -7.59 16.45
CA LYS A 91 2.06 -8.94 16.79
C LYS A 91 0.91 -8.89 17.80
N GLU A 92 -0.19 -8.29 17.37
CA GLU A 92 -1.37 -8.17 18.22
C GLU A 92 -1.04 -7.31 19.45
N PRO A 93 -1.79 -6.18 19.58
CA PRO A 93 -1.59 -5.28 20.69
C PRO A 93 -2.18 -5.86 21.98
N SER A 94 -2.15 -5.04 23.02
CA SER A 94 -2.68 -5.45 24.31
C SER A 94 -4.20 -5.63 24.23
N GLY A 95 -4.89 -4.51 24.25
CA GLY A 95 -6.35 -4.52 24.18
C GLY A 95 -6.95 -4.89 25.53
N PRO A 96 -8.31 -4.87 25.57
CA PRO A 96 -9.04 -5.20 26.79
C PRO A 96 -9.02 -6.72 27.04
N SER A 97 -8.78 -7.07 28.29
CA SER A 97 -8.73 -8.47 28.68
C SER A 97 -8.67 -8.59 30.21
N SER A 98 -9.62 -9.33 30.75
CA SER A 98 -9.67 -9.55 32.19
C SER A 98 -9.84 -8.20 32.90
N GLY A 99 -10.43 -8.26 34.08
CA GLY A 99 -10.65 -7.06 34.88
C GLY A 99 -9.71 -7.02 36.09
N GLY A 1 -16.67 -5.93 -3.68
CA GLY A 1 -16.18 -4.98 -4.67
C GLY A 1 -17.32 -4.16 -5.26
N SER A 2 -17.05 -2.87 -5.43
CA SER A 2 -18.04 -1.96 -5.99
C SER A 2 -19.28 -1.92 -5.07
N SER A 3 -19.56 -0.73 -4.57
CA SER A 3 -20.70 -0.55 -3.69
C SER A 3 -20.94 0.95 -3.46
N GLY A 4 -19.93 1.60 -2.91
CA GLY A 4 -20.03 3.03 -2.63
C GLY A 4 -19.67 3.85 -3.87
N SER A 5 -19.53 5.15 -3.66
CA SER A 5 -19.20 6.05 -4.75
C SER A 5 -17.77 5.77 -5.24
N SER A 6 -16.81 6.13 -4.41
CA SER A 6 -15.41 5.93 -4.75
C SER A 6 -15.01 4.47 -4.47
N GLY A 7 -15.49 3.59 -5.34
CA GLY A 7 -15.20 2.17 -5.21
C GLY A 7 -13.73 1.88 -5.52
N LEU A 8 -13.03 2.93 -5.95
CA LEU A 8 -11.63 2.81 -6.29
C LEU A 8 -10.84 2.41 -5.03
N ARG A 9 -11.13 3.11 -3.94
CA ARG A 9 -10.46 2.83 -2.68
C ARG A 9 -10.25 1.33 -2.51
N LYS A 10 -11.35 0.61 -2.53
CA LYS A 10 -11.30 -0.84 -2.38
C LYS A 10 -10.36 -1.42 -3.42
N GLN A 11 -10.56 -1.01 -4.67
CA GLN A 11 -9.74 -1.49 -5.76
C GLN A 11 -8.26 -1.19 -5.48
N VAL A 12 -7.97 0.07 -5.19
CA VAL A 12 -6.61 0.48 -4.90
C VAL A 12 -6.02 -0.43 -3.83
N GLU A 13 -6.66 -0.43 -2.66
CA GLU A 13 -6.21 -1.25 -1.57
C GLU A 13 -5.73 -2.61 -2.07
N LEU A 14 -6.57 -3.24 -2.87
CA LEU A 14 -6.24 -4.53 -3.44
C LEU A 14 -4.95 -4.42 -4.25
N LEU A 15 -4.89 -3.40 -5.07
CA LEU A 15 -3.73 -3.17 -5.91
C LEU A 15 -2.48 -3.10 -5.02
N PHE A 16 -2.48 -2.12 -4.13
CA PHE A 16 -1.36 -1.93 -3.23
C PHE A 16 -1.09 -3.19 -2.42
N ASN A 17 -2.12 -3.65 -1.72
CA ASN A 17 -2.00 -4.85 -0.91
C ASN A 17 -1.45 -5.99 -1.76
N THR A 18 -2.03 -6.13 -2.94
CA THR A 18 -1.61 -7.17 -3.87
C THR A 18 -0.14 -6.99 -4.24
N ARG A 19 0.17 -5.81 -4.77
CA ARG A 19 1.51 -5.50 -5.18
C ARG A 19 2.50 -5.84 -4.06
N TYR A 20 2.13 -5.44 -2.84
CA TYR A 20 2.96 -5.70 -1.69
C TYR A 20 3.34 -7.18 -1.61
N ALA A 21 2.34 -8.02 -1.80
CA ALA A 21 2.55 -9.46 -1.75
C ALA A 21 3.79 -9.82 -2.57
N LYS A 22 3.81 -9.32 -3.79
CA LYS A 22 4.93 -9.58 -4.69
C LYS A 22 6.22 -9.06 -4.05
N ALA A 23 6.07 -8.05 -3.21
CA ALA A 23 7.21 -7.46 -2.54
C ALA A 23 7.66 -8.39 -1.41
N ILE A 24 6.79 -9.35 -1.10
CA ILE A 24 7.09 -10.31 -0.04
C ILE A 24 7.08 -11.72 -0.63
N GLY A 25 6.80 -11.80 -1.92
CA GLY A 25 6.75 -13.07 -2.61
C GLY A 25 5.44 -13.81 -2.30
N ILE A 26 4.42 -13.03 -2.00
CA ILE A 26 3.11 -13.60 -1.70
C ILE A 26 2.21 -13.51 -2.94
N SER A 27 1.30 -14.46 -3.03
CA SER A 27 0.38 -14.50 -4.15
C SER A 27 -0.87 -13.68 -3.85
N GLU A 28 -1.31 -13.77 -2.59
CA GLU A 28 -2.49 -13.04 -2.16
C GLU A 28 -2.10 -11.63 -1.70
N PRO A 29 -3.13 -10.76 -1.56
CA PRO A 29 -2.90 -9.39 -1.13
C PRO A 29 -2.60 -9.32 0.37
N VAL A 30 -1.63 -8.48 0.71
CA VAL A 30 -1.25 -8.31 2.09
C VAL A 30 -1.32 -6.84 2.47
N LYS A 31 -1.28 -6.58 3.77
CA LYS A 31 -1.34 -5.22 4.28
C LYS A 31 -0.10 -4.45 3.85
N VAL A 32 -0.28 -3.16 3.62
CA VAL A 32 0.81 -2.31 3.20
C VAL A 32 1.15 -1.33 4.33
N PRO A 33 2.39 -1.49 4.86
CA PRO A 33 2.84 -0.63 5.94
C PRO A 33 3.22 0.76 5.42
N TYR A 34 2.20 1.47 4.95
CA TYR A 34 2.40 2.80 4.41
C TYR A 34 3.49 3.55 5.19
N SER A 35 3.27 3.65 6.50
CA SER A 35 4.21 4.34 7.36
C SER A 35 5.64 3.94 7.00
N LYS A 36 5.88 2.63 7.02
CA LYS A 36 7.20 2.11 6.68
C LYS A 36 7.70 2.76 5.39
N PHE A 37 6.77 2.88 4.44
CA PHE A 37 7.10 3.46 3.15
C PHE A 37 7.14 4.99 3.25
N LEU A 38 6.44 5.50 4.25
CA LEU A 38 6.38 6.94 4.47
C LEU A 38 7.67 7.41 5.15
N MET A 39 7.94 6.81 6.31
CA MET A 39 9.13 7.15 7.07
C MET A 39 10.39 6.69 6.34
N HIS A 40 10.21 5.70 5.47
CA HIS A 40 11.33 5.17 4.71
C HIS A 40 10.95 5.12 3.23
N PRO A 41 10.84 6.34 2.62
CA PRO A 41 10.50 6.46 1.21
C PRO A 41 11.69 6.08 0.33
N GLU A 42 12.86 6.05 0.95
CA GLU A 42 14.07 5.72 0.23
C GLU A 42 14.28 4.20 0.21
N GLU A 43 13.96 3.57 1.33
CA GLU A 43 14.10 2.13 1.46
C GLU A 43 12.88 1.42 0.86
N LEU A 44 11.72 1.82 1.35
CA LEU A 44 10.47 1.24 0.88
C LEU A 44 9.68 2.29 0.09
N PHE A 45 9.47 2.00 -1.18
CA PHE A 45 8.74 2.90 -2.05
C PHE A 45 7.98 2.13 -3.13
N VAL A 46 7.28 2.89 -3.96
CA VAL A 46 6.51 2.29 -5.04
C VAL A 46 6.95 2.89 -6.38
N VAL A 47 7.03 2.03 -7.38
CA VAL A 47 7.44 2.47 -8.71
C VAL A 47 6.34 2.11 -9.72
N GLY A 48 6.24 2.93 -10.74
CA GLY A 48 5.25 2.72 -11.78
C GLY A 48 4.08 3.69 -11.63
N LEU A 49 3.85 4.11 -10.39
CA LEU A 49 2.77 5.03 -10.09
C LEU A 49 2.70 6.10 -11.19
N PRO A 50 1.48 6.67 -11.37
CA PRO A 50 1.26 7.69 -12.37
C PRO A 50 1.86 9.02 -11.93
N GLU A 51 1.75 10.01 -12.81
CA GLU A 51 2.27 11.33 -12.53
C GLU A 51 1.36 12.06 -11.53
N GLY A 52 2.01 12.78 -10.63
CA GLY A 52 1.28 13.52 -9.61
C GLY A 52 0.59 12.57 -8.62
N ILE A 53 1.20 11.42 -8.44
CA ILE A 53 0.66 10.42 -7.53
C ILE A 53 1.80 9.65 -6.89
N SER A 54 1.63 9.35 -5.61
CA SER A 54 2.64 8.61 -4.86
C SER A 54 1.98 7.52 -4.03
N LEU A 55 2.62 7.20 -2.92
CA LEU A 55 2.11 6.16 -2.02
C LEU A 55 1.45 6.83 -0.82
N ARG A 56 0.13 6.70 -0.75
CA ARG A 56 -0.63 7.28 0.34
C ARG A 56 -2.00 6.61 0.44
N ARG A 57 -2.68 6.88 1.54
CA ARG A 57 -4.01 6.32 1.78
C ARG A 57 -4.87 6.48 0.53
N PRO A 58 -5.55 5.36 0.15
CA PRO A 58 -6.42 5.37 -1.02
C PRO A 58 -7.72 6.10 -0.73
N ASN A 59 -7.59 7.35 -0.31
CA ASN A 59 -8.74 8.16 0.01
C ASN A 59 -8.37 9.65 -0.12
N CYS A 60 -7.20 9.98 0.42
CA CYS A 60 -6.73 11.35 0.37
C CYS A 60 -6.62 11.77 -1.09
N PHE A 61 -6.59 10.77 -1.96
CA PHE A 61 -6.48 11.02 -3.39
C PHE A 61 -7.86 11.31 -4.00
N GLY A 62 -7.84 11.69 -5.27
CA GLY A 62 -9.07 11.98 -5.98
C GLY A 62 -9.44 10.85 -6.94
N ILE A 63 -10.74 10.74 -7.19
CA ILE A 63 -11.24 9.70 -8.08
C ILE A 63 -10.29 9.57 -9.27
N ALA A 64 -10.11 10.68 -9.98
CA ALA A 64 -9.24 10.69 -11.14
C ALA A 64 -7.91 10.02 -10.78
N LYS A 65 -7.39 10.39 -9.62
CA LYS A 65 -6.12 9.84 -9.16
C LYS A 65 -6.30 8.32 -8.93
N LEU A 66 -7.19 7.99 -8.02
CA LEU A 66 -7.45 6.60 -7.70
C LEU A 66 -7.45 5.78 -8.99
N ARG A 67 -8.23 6.24 -9.95
CA ARG A 67 -8.33 5.56 -11.23
C ARG A 67 -6.94 5.35 -11.84
N LYS A 68 -6.24 6.47 -12.05
CA LYS A 68 -4.91 6.43 -12.61
C LYS A 68 -4.14 5.25 -11.99
N ILE A 69 -3.94 5.32 -10.69
CA ILE A 69 -3.23 4.28 -9.99
C ILE A 69 -3.66 2.91 -10.52
N LEU A 70 -4.96 2.68 -10.46
CA LEU A 70 -5.52 1.43 -10.94
C LEU A 70 -5.10 1.20 -12.40
N GLU A 71 -5.16 2.28 -13.16
CA GLU A 71 -4.78 2.22 -14.57
C GLU A 71 -3.27 2.02 -14.72
N ALA A 72 -2.57 2.27 -13.61
CA ALA A 72 -1.13 2.12 -13.60
C ALA A 72 -0.75 0.98 -12.65
N SER A 73 -1.66 0.04 -12.51
CA SER A 73 -1.44 -1.11 -11.65
C SER A 73 -0.30 -1.97 -12.20
N ASN A 74 -0.58 -2.59 -13.34
CA ASN A 74 0.40 -3.45 -13.99
C ASN A 74 1.79 -2.79 -13.90
N SER A 75 1.77 -1.47 -14.04
CA SER A 75 3.02 -0.70 -13.99
C SER A 75 3.49 -0.59 -12.54
N ILE A 76 2.57 -0.21 -11.67
CA ILE A 76 2.90 -0.06 -10.26
C ILE A 76 3.67 -1.30 -9.79
N GLN A 77 4.48 -1.09 -8.75
CA GLN A 77 5.28 -2.16 -8.20
C GLN A 77 5.93 -1.71 -6.88
N PHE A 78 5.69 -2.51 -5.85
CA PHE A 78 6.24 -2.22 -4.54
C PHE A 78 7.67 -2.76 -4.41
N VAL A 79 8.62 -1.86 -4.58
CA VAL A 79 10.03 -2.23 -4.48
C VAL A 79 10.46 -2.16 -3.01
N ILE A 80 11.08 -3.25 -2.56
CA ILE A 80 11.56 -3.33 -1.20
C ILE A 80 13.09 -3.24 -1.18
N LYS A 81 13.59 -2.36 -0.32
CA LYS A 81 15.03 -2.18 -0.20
C LYS A 81 15.48 -2.64 1.19
N ARG A 82 14.64 -2.35 2.17
CA ARG A 82 14.95 -2.72 3.54
C ARG A 82 13.68 -3.17 4.26
N PRO A 83 13.45 -4.51 4.25
CA PRO A 83 12.28 -5.08 4.90
C PRO A 83 12.44 -5.08 6.42
N GLU A 84 13.69 -4.94 6.85
CA GLU A 84 13.99 -4.93 8.27
C GLU A 84 13.25 -3.79 8.96
N LEU A 85 12.88 -2.79 8.16
CA LEU A 85 12.16 -1.64 8.68
C LEU A 85 10.74 -2.06 9.07
N LEU A 86 10.11 -2.80 8.16
CA LEU A 86 8.75 -3.27 8.40
C LEU A 86 8.62 -3.75 9.84
N THR A 87 9.42 -4.74 10.19
CA THR A 87 9.40 -5.29 11.52
C THR A 87 10.33 -4.49 12.44
N GLU A 88 9.80 -3.38 12.93
CA GLU A 88 10.58 -2.52 13.82
C GLU A 88 10.16 -2.75 15.27
N GLY A 89 8.86 -2.60 15.52
CA GLY A 89 8.34 -2.80 16.86
C GLY A 89 6.95 -2.17 16.99
N VAL A 90 6.30 -2.47 18.11
CA VAL A 90 4.97 -1.95 18.37
C VAL A 90 4.57 -2.28 19.81
N LYS A 91 3.71 -1.42 20.36
CA LYS A 91 3.25 -1.61 21.72
C LYS A 91 1.86 -2.26 21.71
N GLU A 92 1.48 -2.78 22.86
CA GLU A 92 0.18 -3.44 22.99
C GLU A 92 -0.29 -3.40 24.44
N PRO A 93 -1.10 -2.36 24.77
CA PRO A 93 -1.61 -2.20 26.11
C PRO A 93 -2.74 -3.19 26.38
N SER A 94 -2.69 -3.79 27.56
CA SER A 94 -3.70 -4.76 27.97
C SER A 94 -3.89 -4.71 29.48
N GLY A 95 -2.77 -4.74 30.19
CA GLY A 95 -2.82 -4.70 31.64
C GLY A 95 -1.41 -4.89 32.23
N PRO A 96 -1.25 -4.39 33.49
CA PRO A 96 0.03 -4.50 34.17
C PRO A 96 0.27 -5.93 34.66
N SER A 97 0.99 -6.69 33.83
CA SER A 97 1.30 -8.06 34.17
C SER A 97 2.82 -8.28 34.14
N SER A 98 3.25 -9.30 34.86
CA SER A 98 4.67 -9.63 34.92
C SER A 98 4.94 -10.96 34.21
N GLY A 99 5.91 -10.92 33.32
CA GLY A 99 6.29 -12.10 32.55
C GLY A 99 6.55 -11.76 31.09
N GLY A 1 -18.77 -6.95 -8.36
CA GLY A 1 -19.02 -5.52 -8.52
C GLY A 1 -19.76 -4.95 -7.31
N SER A 2 -19.57 -3.66 -7.10
CA SER A 2 -20.20 -2.98 -5.98
C SER A 2 -20.38 -1.50 -6.30
N SER A 3 -19.26 -0.83 -6.56
CA SER A 3 -19.29 0.58 -6.88
C SER A 3 -20.14 1.34 -5.86
N GLY A 4 -19.46 1.92 -4.89
CA GLY A 4 -20.14 2.67 -3.84
C GLY A 4 -19.25 3.78 -3.29
N SER A 5 -19.53 5.00 -3.71
CA SER A 5 -18.76 6.15 -3.26
C SER A 5 -17.27 5.85 -3.39
N SER A 6 -16.70 6.29 -4.51
CA SER A 6 -15.28 6.08 -4.76
C SER A 6 -14.90 4.64 -4.43
N GLY A 7 -15.46 3.72 -5.20
CA GLY A 7 -15.18 2.31 -5.00
C GLY A 7 -13.72 1.98 -5.31
N LEU A 8 -13.03 2.97 -5.86
CA LEU A 8 -11.63 2.80 -6.21
C LEU A 8 -10.84 2.40 -4.96
N ARG A 9 -11.09 3.13 -3.89
CA ARG A 9 -10.41 2.86 -2.63
C ARG A 9 -10.23 1.35 -2.44
N LYS A 10 -11.35 0.65 -2.45
CA LYS A 10 -11.34 -0.79 -2.28
C LYS A 10 -10.41 -1.42 -3.32
N GLN A 11 -10.58 -0.96 -4.56
CA GLN A 11 -9.78 -1.46 -5.65
C GLN A 11 -8.29 -1.20 -5.39
N VAL A 12 -7.98 0.07 -5.17
CA VAL A 12 -6.61 0.48 -4.90
C VAL A 12 -6.01 -0.45 -3.85
N GLU A 13 -6.71 -0.54 -2.71
CA GLU A 13 -6.25 -1.38 -1.62
C GLU A 13 -5.74 -2.71 -2.16
N LEU A 14 -6.59 -3.37 -2.94
CA LEU A 14 -6.24 -4.65 -3.51
C LEU A 14 -4.95 -4.51 -4.32
N LEU A 15 -4.90 -3.46 -5.13
CA LEU A 15 -3.74 -3.20 -5.95
C LEU A 15 -2.50 -3.11 -5.06
N PHE A 16 -2.52 -2.11 -4.18
CA PHE A 16 -1.41 -1.91 -3.27
C PHE A 16 -1.12 -3.17 -2.45
N ASN A 17 -2.16 -3.65 -1.78
CA ASN A 17 -2.04 -4.84 -0.97
C ASN A 17 -1.45 -5.98 -1.81
N THR A 18 -2.03 -6.17 -2.98
CA THR A 18 -1.58 -7.21 -3.88
C THR A 18 -0.10 -7.01 -4.23
N ARG A 19 0.18 -5.84 -4.79
CA ARG A 19 1.54 -5.50 -5.17
C ARG A 19 2.52 -5.86 -4.05
N TYR A 20 2.16 -5.43 -2.84
CA TYR A 20 2.98 -5.70 -1.68
C TYR A 20 3.35 -7.18 -1.59
N ALA A 21 2.35 -8.02 -1.79
CA ALA A 21 2.55 -9.45 -1.75
C ALA A 21 3.78 -9.82 -2.58
N LYS A 22 3.80 -9.32 -3.81
CA LYS A 22 4.89 -9.58 -4.71
C LYS A 22 6.20 -9.10 -4.07
N ALA A 23 6.07 -8.07 -3.25
CA ALA A 23 7.23 -7.50 -2.57
C ALA A 23 7.67 -8.45 -1.45
N ILE A 24 6.78 -9.37 -1.11
CA ILE A 24 7.07 -10.33 -0.07
C ILE A 24 7.01 -11.74 -0.65
N GLY A 25 6.80 -11.80 -1.95
CA GLY A 25 6.72 -13.08 -2.64
C GLY A 25 5.42 -13.80 -2.31
N ILE A 26 4.39 -13.01 -2.05
CA ILE A 26 3.08 -13.56 -1.72
C ILE A 26 2.17 -13.44 -2.94
N SER A 27 1.30 -14.44 -3.08
CA SER A 27 0.35 -14.45 -4.19
C SER A 27 -0.89 -13.63 -3.83
N GLU A 28 -1.31 -13.77 -2.58
CA GLU A 28 -2.47 -13.04 -2.11
C GLU A 28 -2.08 -11.63 -1.67
N PRO A 29 -3.12 -10.76 -1.55
CA PRO A 29 -2.91 -9.38 -1.15
C PRO A 29 -2.61 -9.29 0.35
N VAL A 30 -1.62 -8.47 0.68
CA VAL A 30 -1.24 -8.29 2.07
C VAL A 30 -1.34 -6.81 2.43
N LYS A 31 -1.29 -6.54 3.73
CA LYS A 31 -1.38 -5.17 4.22
C LYS A 31 -0.13 -4.41 3.81
N VAL A 32 -0.31 -3.13 3.52
CA VAL A 32 0.80 -2.28 3.11
C VAL A 32 1.15 -1.33 4.26
N PRO A 33 2.38 -1.51 4.79
CA PRO A 33 2.85 -0.67 5.89
C PRO A 33 3.22 0.73 5.40
N TYR A 34 2.20 1.46 4.96
CA TYR A 34 2.41 2.81 4.46
C TYR A 34 3.50 3.53 5.27
N SER A 35 3.26 3.62 6.57
CA SER A 35 4.21 4.27 7.46
C SER A 35 5.64 3.89 7.07
N LYS A 36 5.86 2.58 7.03
CA LYS A 36 7.19 2.07 6.68
C LYS A 36 7.67 2.74 5.39
N PHE A 37 6.72 2.91 4.47
CA PHE A 37 7.04 3.53 3.19
C PHE A 37 7.06 5.05 3.32
N LEU A 38 6.40 5.54 4.36
CA LEU A 38 6.34 6.97 4.60
C LEU A 38 7.63 7.43 5.28
N MET A 39 7.94 6.78 6.39
CA MET A 39 9.14 7.12 7.15
C MET A 39 10.39 6.67 6.40
N HIS A 40 10.20 5.70 5.52
CA HIS A 40 11.31 5.17 4.73
C HIS A 40 10.91 5.10 3.26
N PRO A 41 10.73 6.31 2.66
CA PRO A 41 10.36 6.41 1.26
C PRO A 41 11.54 6.10 0.35
N GLU A 42 12.72 6.07 0.96
CA GLU A 42 13.93 5.78 0.22
C GLU A 42 14.14 4.28 0.09
N GLU A 43 14.02 3.59 1.21
CA GLU A 43 14.17 2.15 1.24
C GLU A 43 12.92 1.46 0.71
N LEU A 44 11.79 1.84 1.29
CA LEU A 44 10.51 1.27 0.90
C LEU A 44 9.73 2.31 0.08
N PHE A 45 9.53 1.97 -1.18
CA PHE A 45 8.80 2.84 -2.09
C PHE A 45 8.05 2.05 -3.15
N VAL A 46 7.38 2.77 -4.03
CA VAL A 46 6.62 2.15 -5.09
C VAL A 46 7.03 2.75 -6.44
N VAL A 47 7.06 1.89 -7.45
CA VAL A 47 7.44 2.32 -8.79
C VAL A 47 6.32 1.97 -9.77
N GLY A 48 6.24 2.77 -10.83
CA GLY A 48 5.22 2.55 -11.84
C GLY A 48 4.06 3.54 -11.68
N LEU A 49 3.92 4.04 -10.47
CA LEU A 49 2.86 4.99 -10.17
C LEU A 49 2.79 6.03 -11.30
N PRO A 50 1.58 6.63 -11.45
CA PRO A 50 1.37 7.63 -12.47
C PRO A 50 2.01 8.97 -12.07
N GLU A 51 1.83 9.95 -12.94
CA GLU A 51 2.38 11.28 -12.69
C GLU A 51 1.51 12.03 -11.68
N GLY A 52 2.19 12.75 -10.78
CA GLY A 52 1.49 13.51 -9.76
C GLY A 52 0.79 12.60 -8.77
N ILE A 53 1.37 11.42 -8.59
CA ILE A 53 0.82 10.45 -7.67
C ILE A 53 1.96 9.65 -7.02
N SER A 54 1.78 9.36 -5.74
CA SER A 54 2.78 8.61 -4.99
C SER A 54 2.11 7.53 -4.16
N LEU A 55 2.75 7.19 -3.04
CA LEU A 55 2.21 6.18 -2.15
C LEU A 55 1.57 6.85 -0.94
N ARG A 56 0.26 6.66 -0.83
CA ARG A 56 -0.49 7.24 0.27
C ARG A 56 -1.87 6.59 0.39
N ARG A 57 -2.52 6.85 1.50
CA ARG A 57 -3.84 6.30 1.75
C ARG A 57 -4.72 6.46 0.50
N PRO A 58 -5.39 5.34 0.13
CA PRO A 58 -6.27 5.34 -1.03
C PRO A 58 -7.57 6.08 -0.73
N ASN A 59 -7.43 7.31 -0.30
CA ASN A 59 -8.59 8.14 0.02
C ASN A 59 -8.21 9.63 -0.12
N CYS A 60 -7.04 9.95 0.41
CA CYS A 60 -6.55 11.32 0.35
C CYS A 60 -6.48 11.74 -1.11
N PHE A 61 -6.47 10.75 -1.98
CA PHE A 61 -6.40 11.00 -3.41
C PHE A 61 -7.80 11.26 -3.99
N GLY A 62 -7.81 11.68 -5.24
CA GLY A 62 -9.06 11.96 -5.92
C GLY A 62 -9.43 10.83 -6.89
N ILE A 63 -10.72 10.71 -7.15
CA ILE A 63 -11.22 9.69 -8.04
C ILE A 63 -10.27 9.56 -9.24
N ALA A 64 -10.16 10.64 -9.99
CA ALA A 64 -9.29 10.66 -11.16
C ALA A 64 -7.96 9.99 -10.81
N LYS A 65 -7.42 10.39 -9.66
CA LYS A 65 -6.16 9.85 -9.19
C LYS A 65 -6.30 8.33 -8.98
N LEU A 66 -7.18 7.99 -8.05
CA LEU A 66 -7.43 6.59 -7.74
C LEU A 66 -7.44 5.78 -9.04
N ARG A 67 -8.20 6.27 -10.00
CA ARG A 67 -8.31 5.60 -11.29
C ARG A 67 -6.93 5.42 -11.91
N LYS A 68 -6.26 6.55 -12.11
CA LYS A 68 -4.93 6.54 -12.69
C LYS A 68 -4.14 5.36 -12.13
N ILE A 69 -3.92 5.41 -10.82
CA ILE A 69 -3.18 4.35 -10.15
C ILE A 69 -3.69 2.99 -10.64
N LEU A 70 -4.99 2.81 -10.53
CA LEU A 70 -5.61 1.56 -10.95
C LEU A 70 -5.25 1.29 -12.42
N GLU A 71 -5.17 2.37 -13.18
CA GLU A 71 -4.84 2.27 -14.60
C GLU A 71 -3.34 1.94 -14.76
N ALA A 72 -2.58 2.30 -13.74
CA ALA A 72 -1.15 2.05 -13.77
C ALA A 72 -0.81 0.93 -12.78
N SER A 73 -1.78 0.04 -12.59
CA SER A 73 -1.59 -1.07 -11.68
C SER A 73 -0.44 -1.96 -12.17
N ASN A 74 -0.68 -2.62 -13.30
CA ASN A 74 0.33 -3.49 -13.88
C ASN A 74 1.70 -2.82 -13.79
N SER A 75 1.70 -1.52 -14.02
CA SER A 75 2.92 -0.75 -13.97
C SER A 75 3.41 -0.63 -12.53
N ILE A 76 2.50 -0.21 -11.66
CA ILE A 76 2.83 -0.05 -10.25
C ILE A 76 3.63 -1.26 -9.78
N GLN A 77 4.42 -1.05 -8.73
CA GLN A 77 5.24 -2.11 -8.18
C GLN A 77 5.87 -1.66 -6.85
N PHE A 78 5.71 -2.50 -5.85
CA PHE A 78 6.25 -2.21 -4.53
C PHE A 78 7.67 -2.76 -4.39
N VAL A 79 8.64 -1.87 -4.55
CA VAL A 79 10.04 -2.25 -4.45
C VAL A 79 10.46 -2.18 -2.98
N ILE A 80 11.11 -3.26 -2.54
CA ILE A 80 11.56 -3.34 -1.16
C ILE A 80 13.10 -3.28 -1.14
N LYS A 81 13.61 -2.40 -0.29
CA LYS A 81 15.04 -2.23 -0.16
C LYS A 81 15.49 -2.69 1.24
N ARG A 82 14.70 -2.31 2.23
CA ARG A 82 14.99 -2.66 3.60
C ARG A 82 13.72 -3.13 4.31
N PRO A 83 13.50 -4.47 4.29
CA PRO A 83 12.33 -5.04 4.94
C PRO A 83 12.49 -5.06 6.45
N GLU A 84 13.72 -4.87 6.90
CA GLU A 84 14.02 -4.86 8.31
C GLU A 84 13.26 -3.73 9.01
N LEU A 85 12.95 -2.70 8.23
CA LEU A 85 12.22 -1.55 8.76
C LEU A 85 10.79 -1.98 9.11
N LEU A 86 10.19 -2.74 8.20
CA LEU A 86 8.84 -3.22 8.42
C LEU A 86 8.67 -3.66 9.87
N THR A 87 9.78 -4.12 10.44
CA THR A 87 9.77 -4.57 11.82
C THR A 87 11.21 -4.78 12.32
N GLU A 88 11.92 -5.66 11.63
CA GLU A 88 13.29 -5.96 11.99
C GLU A 88 13.92 -6.91 10.97
N GLY A 89 13.12 -7.87 10.53
CA GLY A 89 13.58 -8.83 9.54
C GLY A 89 12.77 -10.13 9.62
N VAL A 90 13.38 -11.20 9.15
CA VAL A 90 12.73 -12.50 9.15
C VAL A 90 12.46 -12.92 10.61
N LYS A 91 11.19 -12.85 10.98
CA LYS A 91 10.79 -13.21 12.32
C LYS A 91 9.34 -12.78 12.56
N GLU A 92 8.48 -13.77 12.71
CA GLU A 92 7.07 -13.50 12.94
C GLU A 92 6.34 -14.79 13.34
N PRO A 93 6.48 -15.15 14.64
CA PRO A 93 5.85 -16.34 15.16
C PRO A 93 4.34 -16.14 15.34
N SER A 94 3.98 -15.67 16.53
CA SER A 94 2.58 -15.42 16.84
C SER A 94 2.47 -14.39 17.96
N GLY A 95 1.54 -13.46 17.78
CA GLY A 95 1.33 -12.41 18.76
C GLY A 95 -0.03 -12.57 19.45
N PRO A 96 0.00 -13.19 20.66
CA PRO A 96 -1.22 -13.41 21.42
C PRO A 96 -1.71 -12.12 22.06
N SER A 97 -2.81 -12.23 22.78
CA SER A 97 -3.39 -11.07 23.45
C SER A 97 -4.19 -11.53 24.66
N SER A 98 -4.00 -10.81 25.76
CA SER A 98 -4.68 -11.12 27.00
C SER A 98 -4.27 -10.14 28.10
N GLY A 99 -5.27 -9.68 28.85
CA GLY A 99 -5.02 -8.74 29.92
C GLY A 99 -6.27 -8.54 30.78
N GLY A 1 -18.35 5.14 2.15
CA GLY A 1 -19.77 5.43 2.29
C GLY A 1 -20.55 4.16 2.60
N SER A 2 -20.09 3.44 3.62
CA SER A 2 -20.74 2.21 4.03
C SER A 2 -21.01 1.33 2.80
N SER A 3 -19.95 0.68 2.33
CA SER A 3 -20.07 -0.19 1.17
C SER A 3 -20.53 0.61 -0.04
N GLY A 4 -19.58 1.29 -0.65
CA GLY A 4 -19.86 2.11 -1.82
C GLY A 4 -19.07 3.42 -1.79
N SER A 5 -19.42 4.30 -2.72
CA SER A 5 -18.76 5.59 -2.81
C SER A 5 -17.26 5.39 -3.06
N SER A 6 -16.82 5.88 -4.21
CA SER A 6 -15.41 5.77 -4.59
C SER A 6 -14.93 4.34 -4.35
N GLY A 7 -15.53 3.42 -5.09
CA GLY A 7 -15.18 2.01 -4.97
C GLY A 7 -13.68 1.81 -5.23
N LEU A 8 -13.07 2.82 -5.83
CA LEU A 8 -11.65 2.77 -6.14
C LEU A 8 -10.87 2.44 -4.87
N ARG A 9 -11.18 3.17 -3.81
CA ARG A 9 -10.51 2.97 -2.54
C ARG A 9 -10.27 1.47 -2.30
N LYS A 10 -11.34 0.70 -2.41
CA LYS A 10 -11.26 -0.73 -2.20
C LYS A 10 -10.30 -1.33 -3.24
N GLN A 11 -10.54 -0.98 -4.49
CA GLN A 11 -9.70 -1.47 -5.58
C GLN A 11 -8.23 -1.16 -5.31
N VAL A 12 -7.94 0.12 -5.14
CA VAL A 12 -6.58 0.55 -4.86
C VAL A 12 -5.96 -0.35 -3.79
N GLU A 13 -6.61 -0.36 -2.63
CA GLU A 13 -6.13 -1.17 -1.52
C GLU A 13 -5.65 -2.53 -2.03
N LEU A 14 -6.51 -3.18 -2.81
CA LEU A 14 -6.18 -4.48 -3.37
C LEU A 14 -4.91 -4.36 -4.20
N LEU A 15 -4.85 -3.31 -5.01
CA LEU A 15 -3.69 -3.08 -5.86
C LEU A 15 -2.43 -2.99 -4.99
N PHE A 16 -2.42 -1.96 -4.14
CA PHE A 16 -1.29 -1.75 -3.25
C PHE A 16 -0.93 -3.03 -2.49
N ASN A 17 -1.97 -3.64 -1.91
CA ASN A 17 -1.78 -4.86 -1.15
C ASN A 17 -1.22 -5.94 -2.08
N THR A 18 -1.98 -6.25 -3.11
CA THR A 18 -1.58 -7.26 -4.07
C THR A 18 -0.11 -7.07 -4.46
N ARG A 19 0.23 -5.82 -4.74
CA ARG A 19 1.60 -5.49 -5.13
C ARG A 19 2.57 -5.85 -4.00
N TYR A 20 2.20 -5.45 -2.80
CA TYR A 20 3.02 -5.71 -1.63
C TYR A 20 3.38 -7.19 -1.55
N ALA A 21 2.38 -8.03 -1.76
CA ALA A 21 2.58 -9.47 -1.71
C ALA A 21 3.79 -9.84 -2.57
N LYS A 22 3.79 -9.33 -3.79
CA LYS A 22 4.88 -9.60 -4.71
C LYS A 22 6.19 -9.10 -4.11
N ALA A 23 6.07 -8.10 -3.25
CA ALA A 23 7.24 -7.53 -2.60
C ALA A 23 7.71 -8.47 -1.49
N ILE A 24 6.82 -9.37 -1.11
CA ILE A 24 7.13 -10.34 -0.06
C ILE A 24 7.08 -11.75 -0.65
N GLY A 25 6.83 -11.81 -1.95
CA GLY A 25 6.75 -13.09 -2.64
C GLY A 25 5.46 -13.82 -2.29
N ILE A 26 4.42 -13.05 -2.02
CA ILE A 26 3.13 -13.61 -1.67
C ILE A 26 2.20 -13.53 -2.89
N SER A 27 1.36 -14.55 -3.02
CA SER A 27 0.42 -14.61 -4.13
C SER A 27 -0.84 -13.78 -3.80
N GLU A 28 -1.25 -13.89 -2.54
CA GLU A 28 -2.42 -13.16 -2.09
C GLU A 28 -2.05 -11.73 -1.69
N PRO A 29 -3.10 -10.87 -1.61
CA PRO A 29 -2.89 -9.47 -1.25
C PRO A 29 -2.62 -9.34 0.25
N VAL A 30 -1.66 -8.48 0.57
CA VAL A 30 -1.30 -8.25 1.96
C VAL A 30 -1.40 -6.75 2.27
N LYS A 31 -1.38 -6.45 3.55
CA LYS A 31 -1.46 -5.06 3.99
C LYS A 31 -0.17 -4.33 3.60
N VAL A 32 -0.31 -3.03 3.38
CA VAL A 32 0.82 -2.21 3.01
C VAL A 32 1.16 -1.25 4.15
N PRO A 33 2.39 -1.44 4.71
CA PRO A 33 2.85 -0.59 5.81
C PRO A 33 3.23 0.79 5.31
N TYR A 34 2.22 1.53 4.88
CA TYR A 34 2.44 2.89 4.39
C TYR A 34 3.53 3.60 5.18
N SER A 35 3.29 3.72 6.48
CA SER A 35 4.24 4.37 7.36
C SER A 35 5.67 3.95 6.99
N LYS A 36 5.90 2.65 7.03
CA LYS A 36 7.20 2.11 6.70
C LYS A 36 7.73 2.78 5.42
N PHE A 37 6.84 2.87 4.44
CA PHE A 37 7.20 3.50 3.18
C PHE A 37 7.27 5.02 3.31
N LEU A 38 6.54 5.52 4.29
CA LEU A 38 6.52 6.96 4.53
C LEU A 38 7.80 7.38 5.25
N MET A 39 8.02 6.76 6.41
CA MET A 39 9.21 7.05 7.20
C MET A 39 10.47 6.56 6.50
N HIS A 40 10.29 5.58 5.62
CA HIS A 40 11.40 5.02 4.88
C HIS A 40 11.06 4.99 3.39
N PRO A 41 10.98 6.21 2.79
CA PRO A 41 10.67 6.32 1.38
C PRO A 41 11.88 5.93 0.51
N GLU A 42 13.04 5.95 1.14
CA GLU A 42 14.27 5.60 0.44
C GLU A 42 14.46 4.09 0.44
N GLU A 43 14.01 3.47 1.52
CA GLU A 43 14.13 2.02 1.65
C GLU A 43 12.92 1.33 1.03
N LEU A 44 11.74 1.79 1.41
CA LEU A 44 10.50 1.22 0.89
C LEU A 44 9.74 2.30 0.11
N PHE A 45 9.55 2.01 -1.17
CA PHE A 45 8.84 2.94 -2.04
C PHE A 45 8.04 2.19 -3.11
N VAL A 46 7.39 2.96 -3.97
CA VAL A 46 6.59 2.38 -5.04
C VAL A 46 7.07 2.95 -6.38
N VAL A 47 6.99 2.11 -7.40
CA VAL A 47 7.41 2.50 -8.73
C VAL A 47 6.31 2.14 -9.73
N GLY A 48 6.13 3.01 -10.72
CA GLY A 48 5.13 2.79 -11.75
C GLY A 48 3.97 3.77 -11.59
N LEU A 49 3.77 4.20 -10.36
CA LEU A 49 2.70 5.14 -10.05
C LEU A 49 2.61 6.19 -11.16
N PRO A 50 1.40 6.76 -11.33
CA PRO A 50 1.17 7.78 -12.34
C PRO A 50 1.78 9.12 -11.92
N GLU A 51 1.65 10.09 -12.80
CA GLU A 51 2.17 11.42 -12.54
C GLU A 51 1.30 12.16 -11.53
N GLY A 52 1.95 12.91 -10.65
CA GLY A 52 1.23 13.66 -9.64
C GLY A 52 0.56 12.72 -8.63
N ILE A 53 1.17 11.56 -8.45
CA ILE A 53 0.64 10.57 -7.53
C ILE A 53 1.80 9.80 -6.90
N SER A 54 1.61 9.45 -5.64
CA SER A 54 2.63 8.70 -4.91
C SER A 54 1.98 7.59 -4.07
N LEU A 55 2.64 7.26 -2.99
CA LEU A 55 2.14 6.23 -2.08
C LEU A 55 1.50 6.88 -0.87
N ARG A 56 0.18 6.76 -0.79
CA ARG A 56 -0.57 7.33 0.32
C ARG A 56 -1.94 6.67 0.43
N ARG A 57 -2.58 6.90 1.56
CA ARG A 57 -3.91 6.34 1.80
C ARG A 57 -4.79 6.51 0.57
N PRO A 58 -5.47 5.40 0.19
CA PRO A 58 -6.35 5.43 -0.97
C PRO A 58 -7.66 6.15 -0.64
N ASN A 59 -7.51 7.42 -0.28
CA ASN A 59 -8.66 8.24 0.05
C ASN A 59 -8.29 9.72 -0.12
N CYS A 60 -7.12 10.06 0.40
CA CYS A 60 -6.64 11.43 0.32
C CYS A 60 -6.56 11.83 -1.16
N PHE A 61 -6.56 10.83 -2.01
CA PHE A 61 -6.50 11.06 -3.44
C PHE A 61 -7.89 11.31 -4.02
N GLY A 62 -7.92 11.65 -5.30
CA GLY A 62 -9.18 11.92 -5.98
C GLY A 62 -9.55 10.76 -6.91
N ILE A 63 -10.86 10.64 -7.15
CA ILE A 63 -11.35 9.59 -8.01
C ILE A 63 -10.43 9.44 -9.22
N ALA A 64 -10.34 10.51 -9.99
CA ALA A 64 -9.49 10.52 -11.17
C ALA A 64 -8.15 9.86 -10.84
N LYS A 65 -7.57 10.32 -9.74
CA LYS A 65 -6.28 9.79 -9.30
C LYS A 65 -6.40 8.29 -9.08
N LEU A 66 -7.26 7.92 -8.14
CA LEU A 66 -7.48 6.52 -7.82
C LEU A 66 -7.47 5.71 -9.11
N ARG A 67 -8.31 6.15 -10.05
CA ARG A 67 -8.42 5.47 -11.33
C ARG A 67 -7.03 5.31 -11.96
N LYS A 68 -6.38 6.44 -12.18
CA LYS A 68 -5.06 6.44 -12.78
C LYS A 68 -4.24 5.28 -12.20
N ILE A 69 -3.99 5.37 -10.90
CA ILE A 69 -3.23 4.35 -10.21
C ILE A 69 -3.70 2.96 -10.68
N LEU A 70 -5.00 2.75 -10.57
CA LEU A 70 -5.58 1.48 -10.97
C LEU A 70 -5.20 1.20 -12.43
N GLU A 71 -5.23 2.25 -13.23
CA GLU A 71 -4.89 2.12 -14.64
C GLU A 71 -3.38 1.87 -14.81
N ALA A 72 -2.64 2.21 -13.76
CA ALA A 72 -1.20 2.03 -13.78
C ALA A 72 -0.81 0.93 -12.77
N SER A 73 -1.74 0.01 -12.56
CA SER A 73 -1.52 -1.08 -11.63
C SER A 73 -0.36 -1.95 -12.11
N ASN A 74 -0.58 -2.60 -13.25
CA ASN A 74 0.43 -3.46 -13.82
C ASN A 74 1.80 -2.79 -13.69
N SER A 75 1.85 -1.52 -14.06
CA SER A 75 3.08 -0.77 -13.99
C SER A 75 3.54 -0.66 -12.53
N ILE A 76 2.62 -0.20 -11.69
CA ILE A 76 2.91 -0.04 -10.27
C ILE A 76 3.72 -1.26 -9.79
N GLN A 77 4.49 -1.03 -8.74
CA GLN A 77 5.31 -2.09 -8.16
C GLN A 77 5.92 -1.63 -6.85
N PHE A 78 5.77 -2.48 -5.83
CA PHE A 78 6.30 -2.17 -4.52
C PHE A 78 7.71 -2.73 -4.36
N VAL A 79 8.68 -1.85 -4.56
CA VAL A 79 10.08 -2.23 -4.44
C VAL A 79 10.49 -2.19 -2.98
N ILE A 80 11.12 -3.27 -2.54
CA ILE A 80 11.57 -3.37 -1.15
C ILE A 80 13.10 -3.29 -1.13
N LYS A 81 13.60 -2.42 -0.25
CA LYS A 81 15.04 -2.26 -0.11
C LYS A 81 15.47 -2.75 1.27
N ARG A 82 14.63 -2.48 2.25
CA ARG A 82 14.91 -2.88 3.62
C ARG A 82 13.62 -3.31 4.33
N PRO A 83 13.37 -4.64 4.31
CA PRO A 83 12.17 -5.18 4.95
C PRO A 83 12.32 -5.18 6.47
N GLU A 84 13.55 -5.02 6.92
CA GLU A 84 13.84 -5.00 8.34
C GLU A 84 13.08 -3.86 9.02
N LEU A 85 12.71 -2.87 8.22
CA LEU A 85 11.98 -1.72 8.72
C LEU A 85 10.56 -2.14 9.10
N LEU A 86 9.94 -2.90 8.20
CA LEU A 86 8.59 -3.37 8.42
C LEU A 86 8.45 -3.83 9.87
N THR A 87 9.39 -4.66 10.29
CA THR A 87 9.38 -5.18 11.65
C THR A 87 10.09 -4.21 12.59
N GLU A 88 10.77 -4.78 13.57
CA GLU A 88 11.49 -3.99 14.55
C GLU A 88 10.53 -3.07 15.31
N GLY A 89 9.93 -3.63 16.35
CA GLY A 89 8.99 -2.88 17.16
C GLY A 89 8.03 -3.82 17.91
N VAL A 90 8.18 -3.83 19.23
CA VAL A 90 7.35 -4.68 20.06
C VAL A 90 6.96 -3.91 21.32
N LYS A 91 5.77 -4.21 21.82
CA LYS A 91 5.27 -3.56 23.01
C LYS A 91 4.82 -4.62 24.02
N GLU A 92 4.55 -4.17 25.23
CA GLU A 92 4.12 -5.07 26.29
C GLU A 92 3.62 -4.26 27.49
N PRO A 93 2.29 -3.96 27.48
CA PRO A 93 1.68 -3.21 28.55
C PRO A 93 1.50 -4.08 29.81
N SER A 94 0.92 -5.25 29.59
CA SER A 94 0.68 -6.18 30.68
C SER A 94 -0.19 -5.51 31.75
N GLY A 95 -1.41 -6.02 31.88
CA GLY A 95 -2.34 -5.50 32.85
C GLY A 95 -3.64 -6.30 32.87
N PRO A 96 -3.59 -7.46 33.56
CA PRO A 96 -4.76 -8.33 33.66
C PRO A 96 -5.80 -7.76 34.62
N SER A 97 -6.92 -8.44 34.70
CA SER A 97 -8.00 -8.02 35.58
C SER A 97 -8.99 -9.16 35.79
N SER A 98 -9.80 -9.02 36.83
CA SER A 98 -10.79 -10.02 37.15
C SER A 98 -10.10 -11.36 37.44
N GLY A 99 -10.13 -11.75 38.70
CA GLY A 99 -9.52 -13.01 39.12
C GLY A 99 -8.00 -12.96 38.94
N GLY A 1 -17.13 4.04 -17.49
CA GLY A 1 -16.71 4.79 -16.32
C GLY A 1 -17.51 4.36 -15.09
N SER A 2 -17.03 4.80 -13.93
CA SER A 2 -17.68 4.47 -12.68
C SER A 2 -18.50 5.67 -12.19
N SER A 3 -19.46 5.38 -11.33
CA SER A 3 -20.32 6.42 -10.78
C SER A 3 -20.87 5.98 -9.42
N GLY A 4 -21.07 6.97 -8.56
CA GLY A 4 -21.59 6.71 -7.22
C GLY A 4 -20.53 6.98 -6.17
N SER A 5 -20.18 5.92 -5.43
CA SER A 5 -19.17 6.04 -4.39
C SER A 5 -17.79 5.70 -4.95
N SER A 6 -16.77 6.18 -4.24
CA SER A 6 -15.40 5.94 -4.66
C SER A 6 -15.01 4.48 -4.35
N GLY A 7 -15.51 3.59 -5.18
CA GLY A 7 -15.23 2.17 -5.01
C GLY A 7 -13.76 1.87 -5.34
N LEU A 8 -13.07 2.90 -5.82
CA LEU A 8 -11.67 2.75 -6.18
C LEU A 8 -10.87 2.38 -4.94
N ARG A 9 -11.14 3.11 -3.85
CA ARG A 9 -10.45 2.87 -2.60
C ARG A 9 -10.23 1.37 -2.39
N LYS A 10 -11.33 0.63 -2.46
CA LYS A 10 -11.27 -0.82 -2.28
C LYS A 10 -10.34 -1.42 -3.34
N GLN A 11 -10.55 -0.99 -4.57
CA GLN A 11 -9.73 -1.48 -5.68
C GLN A 11 -8.26 -1.18 -5.41
N VAL A 12 -7.98 0.08 -5.15
CA VAL A 12 -6.61 0.50 -4.88
C VAL A 12 -5.99 -0.39 -3.81
N GLU A 13 -6.67 -0.45 -2.67
CA GLU A 13 -6.20 -1.27 -1.57
C GLU A 13 -5.71 -2.63 -2.08
N LEU A 14 -6.57 -3.27 -2.87
CA LEU A 14 -6.23 -4.57 -3.43
C LEU A 14 -4.95 -4.45 -4.25
N LEU A 15 -4.90 -3.41 -5.06
CA LEU A 15 -3.74 -3.17 -5.91
C LEU A 15 -2.49 -3.10 -5.03
N PHE A 16 -2.49 -2.12 -4.13
CA PHE A 16 -1.36 -1.93 -3.24
C PHE A 16 -1.08 -3.20 -2.43
N ASN A 17 -2.11 -3.67 -1.76
CA ASN A 17 -1.98 -4.88 -0.95
C ASN A 17 -1.43 -6.00 -1.82
N THR A 18 -2.03 -6.16 -2.99
CA THR A 18 -1.61 -7.20 -3.92
C THR A 18 -0.15 -7.01 -4.30
N ARG A 19 0.17 -5.82 -4.77
CA ARG A 19 1.54 -5.50 -5.17
C ARG A 19 2.51 -5.86 -4.05
N TYR A 20 2.14 -5.47 -2.84
CA TYR A 20 2.97 -5.74 -1.67
C TYR A 20 3.34 -7.22 -1.60
N ALA A 21 2.34 -8.06 -1.80
CA ALA A 21 2.54 -9.50 -1.75
C ALA A 21 3.76 -9.86 -2.62
N LYS A 22 3.76 -9.34 -3.83
CA LYS A 22 4.84 -9.59 -4.76
C LYS A 22 6.16 -9.12 -4.14
N ALA A 23 6.05 -8.10 -3.29
CA ALA A 23 7.22 -7.54 -2.63
C ALA A 23 7.67 -8.49 -1.53
N ILE A 24 6.79 -9.43 -1.19
CA ILE A 24 7.09 -10.41 -0.15
C ILE A 24 7.01 -11.82 -0.75
N GLY A 25 6.82 -11.86 -2.06
CA GLY A 25 6.73 -13.13 -2.76
C GLY A 25 5.42 -13.86 -2.41
N ILE A 26 4.40 -13.06 -2.14
CA ILE A 26 3.10 -13.62 -1.79
C ILE A 26 2.15 -13.49 -2.98
N SER A 27 1.29 -14.48 -3.13
CA SER A 27 0.33 -14.49 -4.22
C SER A 27 -0.92 -13.69 -3.82
N GLU A 28 -1.29 -13.83 -2.56
CA GLU A 28 -2.47 -13.14 -2.05
C GLU A 28 -2.09 -11.72 -1.63
N PRO A 29 -3.13 -10.85 -1.54
CA PRO A 29 -2.93 -9.47 -1.15
C PRO A 29 -2.66 -9.35 0.34
N VAL A 30 -1.65 -8.56 0.67
CA VAL A 30 -1.28 -8.36 2.06
C VAL A 30 -1.37 -6.87 2.40
N LYS A 31 -1.34 -6.59 3.69
CA LYS A 31 -1.42 -5.21 4.16
C LYS A 31 -0.16 -4.46 3.73
N VAL A 32 -0.32 -3.15 3.55
CA VAL A 32 0.80 -2.32 3.15
C VAL A 32 1.13 -1.34 4.28
N PRO A 33 2.36 -1.49 4.83
CA PRO A 33 2.81 -0.64 5.92
C PRO A 33 3.18 0.75 5.40
N TYR A 34 2.17 1.48 4.96
CA TYR A 34 2.38 2.82 4.44
C TYR A 34 3.48 3.54 5.22
N SER A 35 3.26 3.67 6.53
CA SER A 35 4.22 4.33 7.38
C SER A 35 5.64 3.91 7.01
N LYS A 36 5.87 2.61 7.03
CA LYS A 36 7.18 2.08 6.68
C LYS A 36 7.66 2.72 5.38
N PHE A 37 6.75 2.85 4.44
CA PHE A 37 7.07 3.45 3.16
C PHE A 37 7.11 4.97 3.26
N LEU A 38 6.41 5.49 4.26
CA LEU A 38 6.36 6.92 4.48
C LEU A 38 7.66 7.37 5.17
N MET A 39 7.91 6.77 6.32
CA MET A 39 9.11 7.11 7.08
C MET A 39 10.37 6.65 6.35
N HIS A 40 10.19 5.67 5.47
CA HIS A 40 11.30 5.14 4.71
C HIS A 40 10.93 5.10 3.23
N PRO A 41 10.82 6.32 2.63
CA PRO A 41 10.47 6.44 1.23
C PRO A 41 11.67 6.07 0.34
N GLU A 42 12.85 6.07 0.95
CA GLU A 42 14.06 5.75 0.23
C GLU A 42 14.29 4.24 0.21
N GLU A 43 14.00 3.62 1.35
CA GLU A 43 14.16 2.18 1.48
C GLU A 43 12.95 1.45 0.90
N LEU A 44 11.78 1.86 1.37
CA LEU A 44 10.54 1.26 0.91
C LEU A 44 9.75 2.29 0.10
N PHE A 45 9.51 1.95 -1.16
CA PHE A 45 8.77 2.84 -2.04
C PHE A 45 8.02 2.05 -3.12
N VAL A 46 7.40 2.77 -4.02
CA VAL A 46 6.65 2.15 -5.10
C VAL A 46 7.09 2.76 -6.44
N VAL A 47 7.07 1.92 -7.46
CA VAL A 47 7.45 2.37 -8.80
C VAL A 47 6.33 2.04 -9.78
N GLY A 48 6.23 2.87 -10.82
CA GLY A 48 5.21 2.68 -11.83
C GLY A 48 4.06 3.67 -11.66
N LEU A 49 3.86 4.08 -10.41
CA LEU A 49 2.80 5.02 -10.10
C LEU A 49 2.75 6.10 -11.18
N PRO A 50 1.53 6.69 -11.35
CA PRO A 50 1.33 7.73 -12.35
C PRO A 50 1.95 9.05 -11.89
N GLU A 51 1.98 10.00 -12.82
CA GLU A 51 2.55 11.31 -12.53
C GLU A 51 1.64 12.07 -11.55
N GLY A 52 2.28 12.78 -10.63
CA GLY A 52 1.55 13.54 -9.64
C GLY A 52 0.83 12.62 -8.65
N ILE A 53 1.43 11.45 -8.44
CA ILE A 53 0.86 10.48 -7.52
C ILE A 53 1.99 9.68 -6.86
N SER A 54 1.78 9.34 -5.60
CA SER A 54 2.76 8.58 -4.85
C SER A 54 2.07 7.48 -4.04
N LEU A 55 2.74 7.08 -2.97
CA LEU A 55 2.20 6.04 -2.11
C LEU A 55 1.54 6.68 -0.89
N ARG A 56 0.24 6.43 -0.75
CA ARG A 56 -0.52 6.98 0.36
C ARG A 56 -1.91 6.35 0.41
N ARG A 57 -2.56 6.54 1.55
CA ARG A 57 -3.90 6.00 1.73
C ARG A 57 -4.78 6.31 0.52
N PRO A 58 -5.53 5.27 0.07
CA PRO A 58 -6.41 5.43 -1.08
C PRO A 58 -7.67 6.22 -0.70
N ASN A 59 -7.44 7.39 -0.13
CA ASN A 59 -8.53 8.25 0.29
C ASN A 59 -8.14 9.71 0.07
N CYS A 60 -6.94 10.05 0.52
CA CYS A 60 -6.43 11.40 0.38
C CYS A 60 -6.40 11.75 -1.11
N PHE A 61 -6.41 10.70 -1.93
CA PHE A 61 -6.39 10.89 -3.38
C PHE A 61 -7.79 11.14 -3.93
N GLY A 62 -7.85 11.52 -5.19
CA GLY A 62 -9.12 11.79 -5.84
C GLY A 62 -9.45 10.69 -6.85
N ILE A 63 -10.75 10.55 -7.12
CA ILE A 63 -11.22 9.55 -8.06
C ILE A 63 -10.26 9.48 -9.25
N ALA A 64 -10.06 10.63 -9.87
CA ALA A 64 -9.17 10.72 -11.02
C ALA A 64 -7.87 10.00 -10.70
N LYS A 65 -7.31 10.35 -9.54
CA LYS A 65 -6.05 9.75 -9.11
C LYS A 65 -6.25 8.24 -8.93
N LEU A 66 -7.16 7.89 -8.04
CA LEU A 66 -7.45 6.49 -7.77
C LEU A 66 -7.46 5.72 -9.08
N ARG A 67 -8.22 6.23 -10.03
CA ARG A 67 -8.32 5.59 -11.33
C ARG A 67 -6.94 5.42 -11.95
N LYS A 68 -6.25 6.55 -12.14
CA LYS A 68 -4.92 6.53 -12.70
C LYS A 68 -4.14 5.35 -12.13
N ILE A 69 -3.93 5.39 -10.83
CA ILE A 69 -3.20 4.33 -10.15
C ILE A 69 -3.70 2.97 -10.64
N LEU A 70 -5.00 2.78 -10.53
CA LEU A 70 -5.61 1.54 -10.95
C LEU A 70 -5.25 1.28 -12.42
N GLU A 71 -5.17 2.36 -13.18
CA GLU A 71 -4.84 2.27 -14.59
C GLU A 71 -3.36 1.91 -14.76
N ALA A 72 -2.57 2.29 -13.76
CA ALA A 72 -1.14 2.01 -13.79
C ALA A 72 -0.81 0.92 -12.79
N SER A 73 -1.80 0.06 -12.56
CA SER A 73 -1.63 -1.04 -11.62
C SER A 73 -0.50 -1.96 -12.09
N ASN A 74 -0.73 -2.59 -13.22
CA ASN A 74 0.25 -3.50 -13.80
C ASN A 74 1.63 -2.83 -13.76
N SER A 75 1.63 -1.53 -13.96
CA SER A 75 2.86 -0.76 -13.95
C SER A 75 3.39 -0.62 -12.52
N ILE A 76 2.48 -0.22 -11.63
CA ILE A 76 2.84 -0.05 -10.24
C ILE A 76 3.64 -1.25 -9.76
N GLN A 77 4.44 -1.03 -8.72
CA GLN A 77 5.27 -2.09 -8.17
C GLN A 77 5.89 -1.63 -6.85
N PHE A 78 5.71 -2.45 -5.83
CA PHE A 78 6.25 -2.15 -4.51
C PHE A 78 7.67 -2.70 -4.37
N VAL A 79 8.64 -1.81 -4.56
CA VAL A 79 10.04 -2.20 -4.45
C VAL A 79 10.46 -2.13 -2.99
N ILE A 80 11.11 -3.20 -2.55
CA ILE A 80 11.58 -3.28 -1.18
C ILE A 80 13.11 -3.20 -1.15
N LYS A 81 13.62 -2.33 -0.29
CA LYS A 81 15.06 -2.15 -0.17
C LYS A 81 15.50 -2.63 1.21
N ARG A 82 14.69 -2.32 2.20
CA ARG A 82 14.99 -2.70 3.57
C ARG A 82 13.70 -3.11 4.29
N PRO A 83 13.45 -4.44 4.31
CA PRO A 83 12.26 -4.97 4.96
C PRO A 83 12.43 -4.96 6.48
N GLU A 84 13.67 -4.80 6.91
CA GLU A 84 13.98 -4.77 8.34
C GLU A 84 13.20 -3.65 9.02
N LEU A 85 12.84 -2.64 8.23
CA LEU A 85 12.09 -1.51 8.75
C LEU A 85 10.68 -1.97 9.11
N LEU A 86 10.11 -2.77 8.23
CA LEU A 86 8.76 -3.28 8.45
C LEU A 86 8.63 -3.77 9.89
N THR A 87 9.60 -4.59 10.29
CA THR A 87 9.61 -5.13 11.64
C THR A 87 9.94 -4.04 12.65
N GLU A 88 8.90 -3.34 13.08
CA GLU A 88 9.06 -2.27 14.04
C GLU A 88 9.17 -2.85 15.46
N GLY A 89 8.15 -3.59 15.84
CA GLY A 89 8.12 -4.21 17.16
C GLY A 89 6.73 -4.74 17.49
N VAL A 90 6.48 -4.90 18.78
CA VAL A 90 5.19 -5.40 19.25
C VAL A 90 4.27 -4.22 19.54
N LYS A 91 3.07 -4.30 18.98
CA LYS A 91 2.08 -3.24 19.17
C LYS A 91 1.60 -3.26 20.63
N GLU A 92 2.44 -2.71 21.50
CA GLU A 92 2.11 -2.66 22.92
C GLU A 92 3.17 -1.85 23.67
N PRO A 93 2.89 -0.52 23.78
CA PRO A 93 3.81 0.37 24.48
C PRO A 93 3.70 0.18 26.01
N SER A 94 3.93 -1.05 26.42
CA SER A 94 3.87 -1.38 27.84
C SER A 94 5.20 -1.96 28.30
N GLY A 95 6.28 -1.37 27.82
CA GLY A 95 7.61 -1.83 28.18
C GLY A 95 8.68 -0.82 27.73
N PRO A 96 9.24 -0.10 28.74
CA PRO A 96 10.26 0.89 28.47
C PRO A 96 11.60 0.23 28.15
N SER A 97 11.88 -0.85 28.86
CA SER A 97 13.12 -1.58 28.67
C SER A 97 13.13 -2.83 29.55
N SER A 98 13.09 -2.60 30.85
CA SER A 98 13.10 -3.70 31.80
C SER A 98 11.68 -3.97 32.30
N GLY A 99 11.35 -5.25 32.38
CA GLY A 99 10.02 -5.65 32.84
C GLY A 99 9.57 -4.78 34.02
N GLY A 1 -17.05 4.32 1.41
CA GLY A 1 -17.25 3.58 2.65
C GLY A 1 -17.39 2.07 2.37
N SER A 2 -18.52 1.71 1.79
CA SER A 2 -18.79 0.32 1.47
C SER A 2 -19.43 0.22 0.08
N SER A 3 -18.58 0.29 -0.93
CA SER A 3 -19.04 0.21 -2.31
C SER A 3 -19.89 1.44 -2.65
N GLY A 4 -19.29 2.33 -3.42
CA GLY A 4 -19.98 3.55 -3.83
C GLY A 4 -19.11 4.78 -3.55
N SER A 5 -19.49 5.88 -4.18
CA SER A 5 -18.77 7.13 -4.00
C SER A 5 -17.38 7.02 -4.65
N SER A 6 -16.51 6.27 -3.99
CA SER A 6 -15.16 6.08 -4.49
C SER A 6 -14.73 4.62 -4.28
N GLY A 7 -15.42 3.73 -4.98
CA GLY A 7 -15.12 2.32 -4.89
C GLY A 7 -13.64 2.04 -5.19
N LEU A 8 -13.01 3.02 -5.84
CA LEU A 8 -11.61 2.90 -6.19
C LEU A 8 -10.81 2.51 -4.94
N ARG A 9 -11.08 3.22 -3.86
CA ARG A 9 -10.39 2.96 -2.61
C ARG A 9 -10.19 1.45 -2.41
N LYS A 10 -11.31 0.74 -2.37
CA LYS A 10 -11.28 -0.70 -2.18
C LYS A 10 -10.35 -1.32 -3.24
N GLN A 11 -10.54 -0.88 -4.47
CA GLN A 11 -9.74 -1.39 -5.58
C GLN A 11 -8.26 -1.12 -5.31
N VAL A 12 -7.93 0.16 -5.19
CA VAL A 12 -6.55 0.56 -4.94
C VAL A 12 -5.96 -0.35 -3.87
N GLU A 13 -6.68 -0.47 -2.76
CA GLU A 13 -6.23 -1.30 -1.66
C GLU A 13 -5.73 -2.65 -2.18
N LEU A 14 -6.60 -3.32 -2.93
CA LEU A 14 -6.25 -4.61 -3.50
C LEU A 14 -4.96 -4.49 -4.30
N LEU A 15 -4.88 -3.43 -5.09
CA LEU A 15 -3.70 -3.19 -5.90
C LEU A 15 -2.47 -3.10 -5.00
N PHE A 16 -2.46 -2.08 -4.17
CA PHE A 16 -1.35 -1.87 -3.25
C PHE A 16 -1.08 -3.13 -2.42
N ASN A 17 -2.15 -3.66 -1.83
CA ASN A 17 -2.04 -4.85 -1.01
C ASN A 17 -1.46 -5.99 -1.85
N THR A 18 -2.02 -6.14 -3.04
CA THR A 18 -1.57 -7.18 -3.95
C THR A 18 -0.10 -6.99 -4.31
N ARG A 19 0.20 -5.81 -4.83
CA ARG A 19 1.56 -5.48 -5.21
C ARG A 19 2.53 -5.86 -4.09
N TYR A 20 2.18 -5.47 -2.88
CA TYR A 20 3.01 -5.77 -1.72
C TYR A 20 3.36 -7.25 -1.67
N ALA A 21 2.35 -8.08 -1.88
CA ALA A 21 2.53 -9.52 -1.86
C ALA A 21 3.77 -9.88 -2.70
N LYS A 22 3.79 -9.34 -3.90
CA LYS A 22 4.90 -9.59 -4.81
C LYS A 22 6.20 -9.12 -4.16
N ALA A 23 6.08 -8.12 -3.31
CA ALA A 23 7.24 -7.58 -2.62
C ALA A 23 7.66 -8.55 -1.52
N ILE A 24 6.78 -9.48 -1.22
CA ILE A 24 7.05 -10.48 -0.19
C ILE A 24 6.97 -11.88 -0.80
N GLY A 25 6.79 -11.91 -2.11
CA GLY A 25 6.69 -13.16 -2.83
C GLY A 25 5.38 -13.89 -2.50
N ILE A 26 4.37 -13.10 -2.23
CA ILE A 26 3.06 -13.64 -1.90
C ILE A 26 2.14 -13.53 -3.11
N SER A 27 1.26 -14.50 -3.25
CA SER A 27 0.31 -14.52 -4.35
C SER A 27 -0.94 -13.71 -4.00
N GLU A 28 -1.30 -13.79 -2.73
CA GLU A 28 -2.48 -13.08 -2.25
C GLU A 28 -2.09 -11.66 -1.79
N PRO A 29 -3.13 -10.80 -1.67
CA PRO A 29 -2.92 -9.43 -1.25
C PRO A 29 -2.63 -9.35 0.26
N VAL A 30 -1.64 -8.52 0.59
CA VAL A 30 -1.26 -8.35 1.98
C VAL A 30 -1.36 -6.87 2.35
N LYS A 31 -1.32 -6.61 3.65
CA LYS A 31 -1.39 -5.25 4.15
C LYS A 31 -0.12 -4.50 3.74
N VAL A 32 -0.30 -3.20 3.49
CA VAL A 32 0.81 -2.36 3.09
C VAL A 32 1.17 -1.42 4.24
N PRO A 33 2.42 -1.58 4.76
CA PRO A 33 2.88 -0.76 5.86
C PRO A 33 3.24 0.64 5.37
N TYR A 34 2.22 1.36 4.94
CA TYR A 34 2.40 2.72 4.45
C TYR A 34 3.49 3.44 5.24
N SER A 35 3.25 3.55 6.55
CA SER A 35 4.19 4.21 7.43
C SER A 35 5.63 3.84 7.05
N LYS A 36 5.89 2.54 7.04
CA LYS A 36 7.20 2.03 6.70
C LYS A 36 7.69 2.72 5.41
N PHE A 37 6.78 2.83 4.46
CA PHE A 37 7.10 3.47 3.19
C PHE A 37 7.10 4.99 3.33
N LEU A 38 6.39 5.47 4.33
CA LEU A 38 6.31 6.91 4.58
C LEU A 38 7.60 7.37 5.27
N MET A 39 7.87 6.78 6.41
CA MET A 39 9.07 7.12 7.17
C MET A 39 10.33 6.68 6.43
N HIS A 40 10.15 5.69 5.57
CA HIS A 40 11.27 5.17 4.80
C HIS A 40 10.88 5.12 3.31
N PRO A 41 10.76 6.34 2.71
CA PRO A 41 10.40 6.45 1.31
C PRO A 41 11.59 6.09 0.42
N GLU A 42 12.78 6.14 1.00
CA GLU A 42 14.00 5.84 0.27
C GLU A 42 14.24 4.33 0.27
N GLU A 43 13.90 3.70 1.39
CA GLU A 43 14.08 2.27 1.53
C GLU A 43 12.88 1.52 0.93
N LEU A 44 11.70 1.91 1.37
CA LEU A 44 10.48 1.29 0.88
C LEU A 44 9.68 2.31 0.08
N PHE A 45 9.47 1.99 -1.19
CA PHE A 45 8.73 2.86 -2.07
C PHE A 45 7.99 2.07 -3.15
N VAL A 46 7.29 2.80 -4.00
CA VAL A 46 6.54 2.16 -5.08
C VAL A 46 6.94 2.78 -6.41
N VAL A 47 7.07 1.92 -7.41
CA VAL A 47 7.45 2.37 -8.74
C VAL A 47 6.34 2.02 -9.74
N GLY A 48 6.27 2.81 -10.80
CA GLY A 48 5.27 2.60 -11.82
C GLY A 48 4.10 3.58 -11.66
N LEU A 49 3.92 4.03 -10.43
CA LEU A 49 2.85 4.98 -10.14
C LEU A 49 2.76 6.02 -11.25
N PRO A 50 1.55 6.61 -11.39
CA PRO A 50 1.32 7.61 -12.41
C PRO A 50 1.96 8.95 -12.03
N GLU A 51 1.70 9.96 -12.84
CA GLU A 51 2.24 11.29 -12.59
C GLU A 51 1.38 12.02 -11.56
N GLY A 52 2.06 12.75 -10.69
CA GLY A 52 1.38 13.50 -9.66
C GLY A 52 0.70 12.57 -8.65
N ILE A 53 1.29 11.39 -8.49
CA ILE A 53 0.74 10.41 -7.57
C ILE A 53 1.89 9.62 -6.94
N SER A 54 1.71 9.31 -5.66
CA SER A 54 2.72 8.57 -4.93
C SER A 54 2.06 7.47 -4.08
N LEU A 55 2.73 7.12 -3.00
CA LEU A 55 2.23 6.09 -2.11
C LEU A 55 1.59 6.75 -0.88
N ARG A 56 0.29 6.54 -0.74
CA ARG A 56 -0.44 7.10 0.38
C ARG A 56 -1.86 6.51 0.45
N ARG A 57 -2.48 6.68 1.60
CA ARG A 57 -3.82 6.17 1.80
C ARG A 57 -4.68 6.42 0.56
N PRO A 58 -5.40 5.35 0.13
CA PRO A 58 -6.26 5.43 -1.04
C PRO A 58 -7.54 6.21 -0.72
N ASN A 59 -7.35 7.43 -0.26
CA ASN A 59 -8.48 8.28 0.08
C ASN A 59 -8.09 9.75 -0.15
N CYS A 60 -6.91 10.09 0.35
CA CYS A 60 -6.42 11.45 0.21
C CYS A 60 -6.38 11.80 -1.28
N PHE A 61 -6.33 10.76 -2.10
CA PHE A 61 -6.27 10.94 -3.54
C PHE A 61 -7.68 11.21 -4.10
N GLY A 62 -7.70 11.69 -5.33
CA GLY A 62 -8.96 12.00 -5.99
C GLY A 62 -9.38 10.85 -6.92
N ILE A 63 -10.68 10.75 -7.12
CA ILE A 63 -11.23 9.71 -7.98
C ILE A 63 -10.33 9.55 -9.21
N ALA A 64 -10.15 10.66 -9.93
CA ALA A 64 -9.32 10.65 -11.11
C ALA A 64 -7.97 9.99 -10.79
N LYS A 65 -7.42 10.39 -9.66
CA LYS A 65 -6.14 9.85 -9.22
C LYS A 65 -6.27 8.33 -9.01
N LEU A 66 -7.14 7.97 -8.08
CA LEU A 66 -7.37 6.57 -7.77
C LEU A 66 -7.37 5.76 -9.07
N ARG A 67 -8.20 6.22 -10.01
CA ARG A 67 -8.31 5.55 -11.29
C ARG A 67 -6.92 5.36 -11.92
N LYS A 68 -6.25 6.48 -12.13
CA LYS A 68 -4.93 6.46 -12.72
C LYS A 68 -4.14 5.28 -12.13
N ILE A 69 -3.94 5.35 -10.82
CA ILE A 69 -3.20 4.30 -10.12
C ILE A 69 -3.69 2.94 -10.61
N LEU A 70 -4.98 2.73 -10.50
CA LEU A 70 -5.58 1.48 -10.93
C LEU A 70 -5.21 1.21 -12.39
N GLU A 71 -5.24 2.27 -13.18
CA GLU A 71 -4.91 2.15 -14.59
C GLU A 71 -3.41 1.88 -14.76
N ALA A 72 -2.66 2.22 -13.73
CA ALA A 72 -1.22 2.00 -13.75
C ALA A 72 -0.85 0.92 -12.74
N SER A 73 -1.79 0.02 -12.51
CA SER A 73 -1.57 -1.07 -11.57
C SER A 73 -0.48 -1.99 -12.09
N ASN A 74 -0.75 -2.60 -13.23
CA ASN A 74 0.20 -3.51 -13.84
C ASN A 74 1.60 -2.89 -13.79
N SER A 75 1.63 -1.57 -13.94
CA SER A 75 2.88 -0.85 -13.92
C SER A 75 3.39 -0.72 -12.49
N ILE A 76 2.51 -0.27 -11.61
CA ILE A 76 2.84 -0.10 -10.21
C ILE A 76 3.64 -1.32 -9.74
N GLN A 77 4.44 -1.11 -8.70
CA GLN A 77 5.24 -2.19 -8.14
C GLN A 77 5.89 -1.73 -6.83
N PHE A 78 5.67 -2.54 -5.79
CA PHE A 78 6.22 -2.24 -4.48
C PHE A 78 7.64 -2.78 -4.35
N VAL A 79 8.60 -1.89 -4.54
CA VAL A 79 10.00 -2.27 -4.44
C VAL A 79 10.45 -2.18 -2.97
N ILE A 80 11.09 -3.25 -2.53
CA ILE A 80 11.57 -3.31 -1.15
C ILE A 80 13.10 -3.23 -1.14
N LYS A 81 13.61 -2.35 -0.30
CA LYS A 81 15.05 -2.17 -0.19
C LYS A 81 15.51 -2.61 1.20
N ARG A 82 14.71 -2.23 2.20
CA ARG A 82 15.02 -2.57 3.57
C ARG A 82 13.75 -3.00 4.31
N PRO A 83 13.53 -4.34 4.33
CA PRO A 83 12.36 -4.89 4.99
C PRO A 83 12.53 -4.87 6.51
N GLU A 84 13.78 -4.71 6.93
CA GLU A 84 14.09 -4.67 8.35
C GLU A 84 13.31 -3.55 9.04
N LEU A 85 12.88 -2.59 8.23
CA LEU A 85 12.12 -1.46 8.74
C LEU A 85 10.72 -1.93 9.13
N LEU A 86 10.15 -2.76 8.27
CA LEU A 86 8.82 -3.29 8.52
C LEU A 86 8.70 -3.69 9.99
N THR A 87 9.61 -4.55 10.42
CA THR A 87 9.62 -5.01 11.79
C THR A 87 10.36 -4.02 12.69
N GLU A 88 11.06 -4.57 13.67
CA GLU A 88 11.81 -3.75 14.60
C GLU A 88 12.53 -4.63 15.63
N GLY A 89 11.75 -5.51 16.25
CA GLY A 89 12.30 -6.41 17.25
C GLY A 89 11.25 -6.72 18.33
N VAL A 90 11.74 -6.91 19.55
CA VAL A 90 10.87 -7.22 20.66
C VAL A 90 9.87 -8.29 20.25
N LYS A 91 8.88 -8.51 21.11
CA LYS A 91 7.86 -9.50 20.83
C LYS A 91 6.63 -9.19 21.68
N GLU A 92 5.56 -8.80 20.99
CA GLU A 92 4.31 -8.47 21.67
C GLU A 92 4.52 -7.30 22.62
N PRO A 93 4.04 -6.09 22.17
CA PRO A 93 4.17 -4.89 22.98
C PRO A 93 3.17 -4.90 24.13
N SER A 94 1.90 -5.07 23.79
CA SER A 94 0.84 -5.10 24.77
C SER A 94 -0.51 -5.29 24.09
N GLY A 95 -1.51 -5.58 24.90
CA GLY A 95 -2.86 -5.79 24.40
C GLY A 95 -3.80 -4.68 24.86
N PRO A 96 -4.52 -4.08 23.87
CA PRO A 96 -5.45 -3.00 24.17
C PRO A 96 -6.73 -3.55 24.81
N SER A 97 -7.63 -2.64 25.13
CA SER A 97 -8.90 -3.02 25.75
C SER A 97 -10.06 -2.43 24.95
N SER A 98 -10.03 -1.12 24.78
CA SER A 98 -11.07 -0.43 24.05
C SER A 98 -12.36 -0.40 24.88
N GLY A 99 -12.87 -1.59 25.17
CA GLY A 99 -14.09 -1.71 25.95
C GLY A 99 -14.74 -3.08 25.73
N GLY A 1 -17.42 15.49 -11.59
CA GLY A 1 -16.87 14.41 -12.41
C GLY A 1 -16.68 13.14 -11.59
N SER A 2 -17.78 12.42 -11.41
CA SER A 2 -17.75 11.18 -10.65
C SER A 2 -18.91 10.29 -11.06
N SER A 3 -18.68 8.98 -10.97
CA SER A 3 -19.69 8.01 -11.33
C SER A 3 -19.95 7.05 -10.15
N GLY A 4 -20.81 7.50 -9.25
CA GLY A 4 -21.15 6.70 -8.08
C GLY A 4 -20.08 6.83 -7.00
N SER A 5 -20.28 6.10 -5.92
CA SER A 5 -19.34 6.13 -4.81
C SER A 5 -17.94 5.73 -5.29
N SER A 6 -16.95 6.43 -4.77
CA SER A 6 -15.57 6.16 -5.14
C SER A 6 -15.17 4.77 -4.64
N GLY A 7 -15.66 3.76 -5.34
CA GLY A 7 -15.36 2.39 -4.99
C GLY A 7 -13.91 2.04 -5.35
N LEU A 8 -13.23 3.00 -5.96
CA LEU A 8 -11.85 2.81 -6.35
C LEU A 8 -11.01 2.52 -5.11
N ARG A 9 -11.30 3.26 -4.04
CA ARG A 9 -10.57 3.09 -2.80
C ARG A 9 -10.29 1.61 -2.55
N LYS A 10 -11.36 0.84 -2.45
CA LYS A 10 -11.23 -0.60 -2.21
C LYS A 10 -10.30 -1.20 -3.26
N GLN A 11 -10.61 -0.90 -4.52
CA GLN A 11 -9.80 -1.41 -5.61
C GLN A 11 -8.33 -1.12 -5.38
N VAL A 12 -8.04 0.14 -5.10
CA VAL A 12 -6.67 0.56 -4.84
C VAL A 12 -6.05 -0.36 -3.79
N GLU A 13 -6.76 -0.49 -2.68
CA GLU A 13 -6.29 -1.32 -1.58
C GLU A 13 -5.78 -2.66 -2.12
N LEU A 14 -6.64 -3.32 -2.88
CA LEU A 14 -6.30 -4.61 -3.46
C LEU A 14 -5.00 -4.47 -4.26
N LEU A 15 -4.97 -3.42 -5.08
CA LEU A 15 -3.81 -3.17 -5.92
C LEU A 15 -2.56 -3.08 -5.03
N PHE A 16 -2.55 -2.08 -4.16
CA PHE A 16 -1.44 -1.88 -3.26
C PHE A 16 -1.11 -3.16 -2.50
N ASN A 17 -2.11 -3.66 -1.79
CA ASN A 17 -1.95 -4.88 -1.00
C ASN A 17 -1.40 -5.98 -1.91
N THR A 18 -2.10 -6.22 -3.01
CA THR A 18 -1.68 -7.24 -3.95
C THR A 18 -0.22 -7.03 -4.37
N ARG A 19 0.09 -5.77 -4.67
CA ARG A 19 1.45 -5.43 -5.08
C ARG A 19 2.45 -5.80 -3.98
N TYR A 20 2.11 -5.42 -2.77
CA TYR A 20 2.96 -5.70 -1.63
C TYR A 20 3.33 -7.19 -1.57
N ALA A 21 2.32 -8.02 -1.77
CA ALA A 21 2.53 -9.46 -1.76
C ALA A 21 3.72 -9.82 -2.64
N LYS A 22 3.71 -9.27 -3.85
CA LYS A 22 4.79 -9.53 -4.80
C LYS A 22 6.12 -9.09 -4.17
N ALA A 23 6.02 -8.07 -3.31
CA ALA A 23 7.21 -7.56 -2.65
C ALA A 23 7.66 -8.54 -1.57
N ILE A 24 6.75 -9.44 -1.22
CA ILE A 24 7.03 -10.44 -0.20
C ILE A 24 6.91 -11.84 -0.82
N GLY A 25 6.79 -11.86 -2.14
CA GLY A 25 6.66 -13.12 -2.85
C GLY A 25 5.35 -13.83 -2.49
N ILE A 26 4.34 -13.02 -2.20
CA ILE A 26 3.05 -13.56 -1.84
C ILE A 26 2.08 -13.40 -3.01
N SER A 27 1.23 -14.40 -3.19
CA SER A 27 0.26 -14.38 -4.27
C SER A 27 -0.98 -13.59 -3.84
N GLU A 28 -1.34 -13.75 -2.57
CA GLU A 28 -2.49 -13.06 -2.02
C GLU A 28 -2.13 -11.64 -1.61
N PRO A 29 -3.17 -10.78 -1.50
CA PRO A 29 -2.96 -9.39 -1.12
C PRO A 29 -2.67 -9.28 0.38
N VAL A 30 -1.65 -8.48 0.70
CA VAL A 30 -1.27 -8.28 2.08
C VAL A 30 -1.36 -6.78 2.41
N LYS A 31 -1.31 -6.50 3.70
CA LYS A 31 -1.39 -5.13 4.17
C LYS A 31 -0.10 -4.39 3.80
N VAL A 32 -0.24 -3.10 3.55
CA VAL A 32 0.88 -2.28 3.17
C VAL A 32 1.24 -1.33 4.33
N PRO A 33 2.47 -1.52 4.87
CA PRO A 33 2.94 -0.69 5.97
C PRO A 33 3.32 0.71 5.49
N TYR A 34 2.30 1.44 5.06
CA TYR A 34 2.51 2.80 4.58
C TYR A 34 3.60 3.51 5.39
N SER A 35 3.37 3.58 6.69
CA SER A 35 4.32 4.23 7.58
C SER A 35 5.75 3.83 7.19
N LYS A 36 5.99 2.54 7.16
CA LYS A 36 7.30 2.02 6.80
C LYS A 36 7.79 2.71 5.53
N PHE A 37 6.86 2.86 4.59
CA PHE A 37 7.18 3.50 3.33
C PHE A 37 7.21 5.02 3.47
N LEU A 38 6.52 5.51 4.49
CA LEU A 38 6.46 6.93 4.75
C LEU A 38 7.76 7.38 5.43
N MET A 39 8.05 6.75 6.56
CA MET A 39 9.25 7.08 7.31
C MET A 39 10.50 6.63 6.55
N HIS A 40 10.30 5.66 5.67
CA HIS A 40 11.41 5.13 4.88
C HIS A 40 11.01 5.10 3.40
N PRO A 41 10.88 6.32 2.82
CA PRO A 41 10.50 6.44 1.42
C PRO A 41 11.68 6.09 0.50
N GLU A 42 12.88 6.20 1.07
CA GLU A 42 14.08 5.90 0.33
C GLU A 42 14.34 4.40 0.30
N GLU A 43 13.96 3.75 1.40
CA GLU A 43 14.14 2.32 1.53
C GLU A 43 12.95 1.57 0.93
N LEU A 44 11.77 1.95 1.39
CA LEU A 44 10.54 1.33 0.91
C LEU A 44 9.73 2.36 0.12
N PHE A 45 9.54 2.04 -1.15
CA PHE A 45 8.79 2.93 -2.04
C PHE A 45 8.04 2.14 -3.10
N VAL A 46 7.35 2.87 -3.96
CA VAL A 46 6.59 2.25 -5.04
C VAL A 46 6.98 2.88 -6.37
N VAL A 47 7.07 2.03 -7.39
CA VAL A 47 7.44 2.48 -8.71
C VAL A 47 6.33 2.13 -9.70
N GLY A 48 6.22 2.94 -10.74
CA GLY A 48 5.20 2.73 -11.75
C GLY A 48 4.04 3.71 -11.58
N LEU A 49 3.84 4.14 -10.34
CA LEU A 49 2.77 5.07 -10.04
C LEU A 49 2.72 6.15 -11.11
N PRO A 50 1.50 6.73 -11.28
CA PRO A 50 1.30 7.77 -12.28
C PRO A 50 1.89 9.10 -11.82
N GLU A 51 1.78 10.10 -12.67
CA GLU A 51 2.31 11.42 -12.37
C GLU A 51 1.39 12.14 -11.39
N GLY A 52 2.00 12.93 -10.52
CA GLY A 52 1.25 13.68 -9.53
C GLY A 52 0.56 12.75 -8.55
N ILE A 53 1.18 11.60 -8.33
CA ILE A 53 0.63 10.61 -7.42
C ILE A 53 1.78 9.88 -6.73
N SER A 54 1.59 9.63 -5.43
CA SER A 54 2.60 8.93 -4.65
C SER A 54 1.97 7.73 -3.93
N LEU A 55 2.57 7.37 -2.81
CA LEU A 55 2.09 6.25 -2.03
C LEU A 55 1.39 6.77 -0.78
N ARG A 56 0.06 6.65 -0.78
CA ARG A 56 -0.73 7.10 0.34
C ARG A 56 -2.08 6.38 0.36
N ARG A 57 -2.70 6.38 1.53
CA ARG A 57 -3.99 5.73 1.69
C ARG A 57 -4.92 6.11 0.54
N PRO A 58 -5.71 5.10 0.08
CA PRO A 58 -6.65 5.31 -1.01
C PRO A 58 -7.87 6.10 -0.55
N ASN A 59 -7.60 7.25 0.04
CA ASN A 59 -8.66 8.11 0.54
C ASN A 59 -8.31 9.57 0.26
N CYS A 60 -7.06 9.91 0.58
CA CYS A 60 -6.59 11.27 0.37
C CYS A 60 -6.17 11.41 -1.10
N PHE A 61 -7.09 11.05 -1.98
CA PHE A 61 -6.83 11.14 -3.40
C PHE A 61 -8.09 11.55 -4.17
N GLY A 62 -7.93 11.72 -5.48
CA GLY A 62 -9.04 12.11 -6.32
C GLY A 62 -9.48 10.94 -7.21
N ILE A 63 -10.77 10.93 -7.51
CA ILE A 63 -11.33 9.88 -8.35
C ILE A 63 -10.36 9.57 -9.49
N ALA A 64 -10.06 10.60 -10.27
CA ALA A 64 -9.15 10.45 -11.39
C ALA A 64 -7.89 9.73 -10.93
N LYS A 65 -7.37 10.19 -9.80
CA LYS A 65 -6.16 9.60 -9.23
C LYS A 65 -6.39 8.10 -9.03
N LEU A 66 -7.35 7.79 -8.17
CA LEU A 66 -7.67 6.41 -7.88
C LEU A 66 -7.63 5.59 -9.18
N ARG A 67 -8.34 6.10 -10.17
CA ARG A 67 -8.39 5.43 -11.46
C ARG A 67 -6.99 5.28 -12.04
N LYS A 68 -6.33 6.42 -12.20
CA LYS A 68 -4.98 6.43 -12.75
C LYS A 68 -4.18 5.29 -12.14
N ILE A 69 -3.98 5.36 -10.84
CA ILE A 69 -3.24 4.33 -10.12
C ILE A 69 -3.71 2.95 -10.59
N LEU A 70 -5.02 2.77 -10.55
CA LEU A 70 -5.61 1.51 -10.96
C LEU A 70 -5.21 1.21 -12.41
N GLU A 71 -5.17 2.27 -13.21
CA GLU A 71 -4.81 2.14 -14.61
C GLU A 71 -3.30 1.87 -14.74
N ALA A 72 -2.57 2.26 -13.72
CA ALA A 72 -1.13 2.07 -13.71
C ALA A 72 -0.78 0.94 -12.74
N SER A 73 -1.75 0.08 -12.50
CA SER A 73 -1.55 -1.03 -11.59
C SER A 73 -0.39 -1.91 -12.08
N ASN A 74 -0.62 -2.57 -13.21
CA ASN A 74 0.39 -3.43 -13.78
C ASN A 74 1.75 -2.73 -13.72
N SER A 75 1.72 -1.42 -13.92
CA SER A 75 2.94 -0.63 -13.89
C SER A 75 3.43 -0.50 -12.46
N ILE A 76 2.50 -0.16 -11.57
CA ILE A 76 2.84 -0.01 -10.16
C ILE A 76 3.67 -1.20 -9.70
N GLN A 77 4.46 -0.97 -8.66
CA GLN A 77 5.30 -2.02 -8.11
C GLN A 77 5.92 -1.55 -6.79
N PHE A 78 5.79 -2.41 -5.78
CA PHE A 78 6.33 -2.10 -4.47
C PHE A 78 7.75 -2.64 -4.33
N VAL A 79 8.72 -1.76 -4.56
CA VAL A 79 10.12 -2.13 -4.47
C VAL A 79 10.55 -2.08 -3.01
N ILE A 80 11.19 -3.17 -2.57
CA ILE A 80 11.66 -3.26 -1.21
C ILE A 80 13.18 -3.17 -1.19
N LYS A 81 13.69 -2.30 -0.31
CA LYS A 81 15.12 -2.11 -0.18
C LYS A 81 15.57 -2.57 1.20
N ARG A 82 14.76 -2.27 2.19
CA ARG A 82 15.06 -2.65 3.56
C ARG A 82 13.78 -3.10 4.28
N PRO A 83 13.57 -4.45 4.26
CA PRO A 83 12.41 -5.02 4.90
C PRO A 83 12.56 -5.04 6.42
N GLU A 84 13.81 -4.86 6.86
CA GLU A 84 14.10 -4.85 8.28
C GLU A 84 13.32 -3.74 8.98
N LEU A 85 12.95 -2.73 8.19
CA LEU A 85 12.20 -1.61 8.71
C LEU A 85 10.78 -2.06 9.07
N LEU A 86 10.22 -2.85 8.17
CA LEU A 86 8.87 -3.37 8.38
C LEU A 86 8.74 -3.91 9.80
N THR A 87 9.69 -4.75 10.17
CA THR A 87 9.69 -5.34 11.50
C THR A 87 10.05 -4.29 12.55
N GLU A 88 9.02 -3.60 13.02
CA GLU A 88 9.22 -2.57 14.02
C GLU A 88 8.81 -3.08 15.41
N GLY A 89 7.58 -3.60 15.46
CA GLY A 89 7.06 -4.13 16.71
C GLY A 89 5.53 -4.03 16.75
N VAL A 90 5.05 -3.17 17.63
CA VAL A 90 3.62 -2.98 17.78
C VAL A 90 2.92 -4.33 17.76
N LYS A 91 3.36 -5.20 18.67
CA LYS A 91 2.78 -6.54 18.77
C LYS A 91 2.69 -6.94 20.24
N GLU A 92 1.65 -7.69 20.56
CA GLU A 92 1.44 -8.14 21.91
C GLU A 92 2.19 -9.45 22.15
N PRO A 93 3.01 -9.46 23.23
CA PRO A 93 3.79 -10.64 23.58
C PRO A 93 2.90 -11.70 24.22
N SER A 94 2.33 -12.53 23.38
CA SER A 94 1.46 -13.60 23.85
C SER A 94 1.62 -14.84 22.98
N GLY A 95 2.17 -15.88 23.59
CA GLY A 95 2.40 -17.13 22.88
C GLY A 95 2.13 -18.33 23.79
N PRO A 96 3.19 -18.71 24.56
CA PRO A 96 3.08 -19.84 25.48
C PRO A 96 2.26 -19.46 26.71
N SER A 97 1.01 -19.89 26.70
CA SER A 97 0.11 -19.61 27.82
C SER A 97 0.17 -20.76 28.83
N SER A 98 1.02 -20.59 29.83
CA SER A 98 1.17 -21.59 30.87
C SER A 98 1.22 -22.98 30.24
N GLY A 99 2.43 -23.43 29.95
CA GLY A 99 2.62 -24.75 29.35
C GLY A 99 3.64 -24.69 28.22
N GLY A 1 -25.86 -1.36 -5.71
CA GLY A 1 -25.31 -1.04 -7.02
C GLY A 1 -25.21 0.48 -7.21
N SER A 2 -26.12 1.00 -8.02
CA SER A 2 -26.15 2.43 -8.29
C SER A 2 -24.92 2.83 -9.12
N SER A 3 -25.11 3.84 -9.95
CA SER A 3 -24.04 4.32 -10.81
C SER A 3 -23.62 5.73 -10.36
N GLY A 4 -22.33 5.84 -10.05
CA GLY A 4 -21.79 7.12 -9.62
C GLY A 4 -21.29 7.03 -8.16
N SER A 5 -20.05 6.61 -8.03
CA SER A 5 -19.45 6.48 -6.71
C SER A 5 -18.00 6.00 -6.83
N SER A 6 -17.16 6.49 -5.94
CA SER A 6 -15.76 6.13 -5.94
C SER A 6 -15.62 4.60 -6.05
N GLY A 7 -15.45 3.97 -4.90
CA GLY A 7 -15.31 2.52 -4.86
C GLY A 7 -13.89 2.10 -5.28
N LEU A 8 -13.12 3.09 -5.69
CA LEU A 8 -11.74 2.84 -6.12
C LEU A 8 -10.90 2.48 -4.89
N ARG A 9 -11.14 3.20 -3.81
CA ARG A 9 -10.41 2.98 -2.57
C ARG A 9 -10.16 1.47 -2.38
N LYS A 10 -11.25 0.72 -2.39
CA LYS A 10 -11.16 -0.72 -2.22
C LYS A 10 -10.25 -1.31 -3.28
N GLN A 11 -10.53 -0.94 -4.53
CA GLN A 11 -9.75 -1.42 -5.65
C GLN A 11 -8.25 -1.15 -5.41
N VAL A 12 -7.96 0.11 -5.10
CA VAL A 12 -6.59 0.51 -4.84
C VAL A 12 -5.98 -0.40 -3.78
N GLU A 13 -6.68 -0.51 -2.67
CA GLU A 13 -6.22 -1.34 -1.57
C GLU A 13 -5.72 -2.69 -2.10
N LEU A 14 -6.57 -3.32 -2.89
CA LEU A 14 -6.24 -4.61 -3.48
C LEU A 14 -4.94 -4.48 -4.28
N LEU A 15 -4.89 -3.43 -5.09
CA LEU A 15 -3.74 -3.17 -5.92
C LEU A 15 -2.49 -3.09 -5.03
N PHE A 16 -2.49 -2.09 -4.16
CA PHE A 16 -1.37 -1.89 -3.25
C PHE A 16 -1.05 -3.17 -2.48
N ASN A 17 -2.08 -3.69 -1.82
CA ASN A 17 -1.92 -4.90 -1.04
C ASN A 17 -1.36 -6.01 -1.93
N THR A 18 -2.06 -6.24 -3.03
CA THR A 18 -1.64 -7.27 -3.98
C THR A 18 -0.16 -7.09 -4.36
N ARG A 19 0.15 -5.87 -4.78
CA ARG A 19 1.51 -5.54 -5.17
C ARG A 19 2.49 -5.91 -4.06
N TYR A 20 2.15 -5.47 -2.85
CA TYR A 20 2.99 -5.76 -1.69
C TYR A 20 3.34 -7.24 -1.62
N ALA A 21 2.32 -8.07 -1.81
CA ALA A 21 2.51 -9.51 -1.76
C ALA A 21 3.73 -9.89 -2.60
N LYS A 22 3.74 -9.38 -3.83
CA LYS A 22 4.84 -9.65 -4.74
C LYS A 22 6.15 -9.18 -4.11
N ALA A 23 6.04 -8.15 -3.29
CA ALA A 23 7.20 -7.60 -2.61
C ALA A 23 7.65 -8.55 -1.50
N ILE A 24 6.76 -9.48 -1.18
CA ILE A 24 7.05 -10.45 -0.14
C ILE A 24 6.98 -11.86 -0.73
N GLY A 25 6.73 -11.92 -2.02
CA GLY A 25 6.64 -13.19 -2.72
C GLY A 25 5.32 -13.89 -2.40
N ILE A 26 4.31 -13.09 -2.11
CA ILE A 26 3.00 -13.61 -1.78
C ILE A 26 2.07 -13.48 -3.00
N SER A 27 1.20 -14.45 -3.16
CA SER A 27 0.26 -14.44 -4.28
C SER A 27 -0.97 -13.63 -3.91
N GLU A 28 -1.38 -13.76 -2.65
CA GLU A 28 -2.55 -13.05 -2.16
C GLU A 28 -2.15 -11.63 -1.72
N PRO A 29 -3.19 -10.77 -1.60
CA PRO A 29 -2.97 -9.38 -1.19
C PRO A 29 -2.69 -9.30 0.31
N VAL A 30 -1.70 -8.48 0.64
CA VAL A 30 -1.31 -8.29 2.03
C VAL A 30 -1.39 -6.81 2.39
N LYS A 31 -1.36 -6.54 3.68
CA LYS A 31 -1.43 -5.17 4.17
C LYS A 31 -0.15 -4.42 3.75
N VAL A 32 -0.31 -3.12 3.53
CA VAL A 32 0.81 -2.29 3.13
C VAL A 32 1.14 -1.32 4.26
N PRO A 33 2.37 -1.48 4.82
CA PRO A 33 2.82 -0.62 5.90
C PRO A 33 3.20 0.77 5.38
N TYR A 34 2.19 1.49 4.91
CA TYR A 34 2.40 2.83 4.39
C TYR A 34 3.48 3.56 5.18
N SER A 35 3.26 3.66 6.48
CA SER A 35 4.20 4.33 7.35
C SER A 35 5.63 3.93 7.00
N LYS A 36 5.86 2.62 7.01
CA LYS A 36 7.18 2.09 6.69
C LYS A 36 7.67 2.73 5.39
N PHE A 37 6.75 2.89 4.45
CA PHE A 37 7.09 3.49 3.17
C PHE A 37 7.12 5.01 3.27
N LEU A 38 6.44 5.52 4.28
CA LEU A 38 6.38 6.96 4.49
C LEU A 38 7.66 7.42 5.19
N MET A 39 7.89 6.84 6.37
CA MET A 39 9.07 7.18 7.14
C MET A 39 10.34 6.70 6.44
N HIS A 40 10.18 5.71 5.58
CA HIS A 40 11.30 5.16 4.85
C HIS A 40 10.96 5.10 3.35
N PRO A 41 10.86 6.31 2.74
CA PRO A 41 10.55 6.40 1.33
C PRO A 41 11.75 6.02 0.47
N GLU A 42 12.93 6.14 1.06
CA GLU A 42 14.16 5.80 0.36
C GLU A 42 14.39 4.29 0.38
N GLU A 43 13.95 3.68 1.48
CA GLU A 43 14.11 2.24 1.64
C GLU A 43 12.93 1.50 1.00
N LEU A 44 11.74 1.89 1.43
CA LEU A 44 10.53 1.29 0.91
C LEU A 44 9.74 2.32 0.10
N PHE A 45 9.51 1.98 -1.16
CA PHE A 45 8.78 2.86 -2.04
C PHE A 45 8.04 2.07 -3.13
N VAL A 46 7.33 2.80 -3.97
CA VAL A 46 6.58 2.18 -5.05
C VAL A 46 6.99 2.81 -6.38
N VAL A 47 7.13 1.97 -7.39
CA VAL A 47 7.51 2.42 -8.71
C VAL A 47 6.42 2.07 -9.71
N GLY A 48 6.30 2.90 -10.74
CA GLY A 48 5.30 2.68 -11.77
C GLY A 48 4.12 3.64 -11.59
N LEU A 49 4.00 4.19 -10.39
CA LEU A 49 2.93 5.11 -10.08
C LEU A 49 2.86 6.18 -11.17
N PRO A 50 1.64 6.75 -11.35
CA PRO A 50 1.42 7.78 -12.35
C PRO A 50 2.02 9.12 -11.90
N GLU A 51 1.90 10.11 -12.78
CA GLU A 51 2.43 11.43 -12.49
C GLU A 51 1.52 12.16 -11.50
N GLY A 52 2.15 12.85 -10.57
CA GLY A 52 1.41 13.59 -9.55
C GLY A 52 0.72 12.65 -8.58
N ILE A 53 1.32 11.48 -8.39
CA ILE A 53 0.77 10.48 -7.50
C ILE A 53 1.91 9.71 -6.84
N SER A 54 1.72 9.39 -5.56
CA SER A 54 2.73 8.65 -4.82
C SER A 54 2.06 7.53 -4.02
N LEU A 55 2.69 7.20 -2.90
CA LEU A 55 2.17 6.15 -2.04
C LEU A 55 1.52 6.77 -0.81
N ARG A 56 0.21 6.57 -0.71
CA ARG A 56 -0.54 7.11 0.42
C ARG A 56 -1.93 6.49 0.48
N ARG A 57 -2.56 6.63 1.63
CA ARG A 57 -3.90 6.09 1.83
C ARG A 57 -4.76 6.35 0.60
N PRO A 58 -5.46 5.27 0.15
CA PRO A 58 -6.33 5.37 -1.02
C PRO A 58 -7.62 6.12 -0.68
N ASN A 59 -7.45 7.32 -0.16
CA ASN A 59 -8.59 8.15 0.22
C ASN A 59 -8.24 9.62 0.00
N CYS A 60 -7.06 9.99 0.47
CA CYS A 60 -6.60 11.36 0.33
C CYS A 60 -6.60 11.72 -1.16
N PHE A 61 -6.52 10.69 -1.99
CA PHE A 61 -6.51 10.89 -3.43
C PHE A 61 -7.92 11.13 -3.96
N GLY A 62 -7.99 11.47 -5.24
CA GLY A 62 -9.26 11.73 -5.87
C GLY A 62 -9.61 10.61 -6.86
N ILE A 63 -10.91 10.47 -7.10
CA ILE A 63 -11.39 9.45 -8.03
C ILE A 63 -10.45 9.38 -9.23
N ALA A 64 -10.29 10.52 -9.88
CA ALA A 64 -9.43 10.61 -11.05
C ALA A 64 -8.09 9.93 -10.74
N LYS A 65 -7.48 10.36 -9.64
CA LYS A 65 -6.21 9.81 -9.22
C LYS A 65 -6.36 8.30 -9.02
N LEU A 66 -7.26 7.95 -8.11
CA LEU A 66 -7.51 6.55 -7.80
C LEU A 66 -7.47 5.74 -9.09
N ARG A 67 -8.24 6.20 -10.07
CA ARG A 67 -8.31 5.53 -11.36
C ARG A 67 -6.91 5.39 -11.95
N LYS A 68 -6.27 6.52 -12.15
CA LYS A 68 -4.93 6.53 -12.71
C LYS A 68 -4.13 5.37 -12.14
N ILE A 69 -3.93 5.41 -10.83
CA ILE A 69 -3.18 4.37 -10.14
C ILE A 69 -3.66 3.01 -10.64
N LEU A 70 -4.96 2.80 -10.55
CA LEU A 70 -5.56 1.54 -10.98
C LEU A 70 -5.18 1.29 -12.44
N GLU A 71 -5.16 2.37 -13.21
CA GLU A 71 -4.81 2.28 -14.62
C GLU A 71 -3.32 1.97 -14.78
N ALA A 72 -2.57 2.28 -13.74
CA ALA A 72 -1.13 2.04 -13.75
C ALA A 72 -0.78 0.94 -12.75
N SER A 73 -1.74 0.05 -12.54
CA SER A 73 -1.56 -1.05 -11.61
C SER A 73 -0.36 -1.91 -12.06
N ASN A 74 -0.40 -2.31 -13.32
CA ASN A 74 0.66 -3.13 -13.87
C ASN A 74 2.01 -2.45 -13.61
N SER A 75 2.15 -1.24 -14.14
CA SER A 75 3.38 -0.47 -13.98
C SER A 75 3.76 -0.42 -12.49
N ILE A 76 2.76 -0.12 -11.67
CA ILE A 76 2.98 -0.03 -10.24
C ILE A 76 3.76 -1.27 -9.77
N GLN A 77 4.55 -1.07 -8.73
CA GLN A 77 5.35 -2.14 -8.17
C GLN A 77 5.99 -1.70 -6.85
N PHE A 78 5.75 -2.51 -5.82
CA PHE A 78 6.29 -2.22 -4.51
C PHE A 78 7.71 -2.76 -4.37
N VAL A 79 8.68 -1.86 -4.55
CA VAL A 79 10.08 -2.24 -4.44
C VAL A 79 10.52 -2.18 -2.98
N ILE A 80 11.14 -3.26 -2.55
CA ILE A 80 11.61 -3.34 -1.17
C ILE A 80 13.14 -3.27 -1.16
N LYS A 81 13.65 -2.39 -0.29
CA LYS A 81 15.09 -2.22 -0.17
C LYS A 81 15.54 -2.68 1.22
N ARG A 82 14.75 -2.29 2.21
CA ARG A 82 15.05 -2.66 3.59
C ARG A 82 13.77 -3.08 4.32
N PRO A 83 13.52 -4.41 4.34
CA PRO A 83 12.35 -4.95 5.00
C PRO A 83 12.51 -4.93 6.52
N GLU A 84 13.76 -4.77 6.95
CA GLU A 84 14.06 -4.73 8.37
C GLU A 84 13.26 -3.63 9.06
N LEU A 85 12.83 -2.66 8.26
CA LEU A 85 12.05 -1.54 8.77
C LEU A 85 10.64 -2.04 9.10
N LEU A 86 10.09 -2.81 8.19
CA LEU A 86 8.75 -3.35 8.38
C LEU A 86 8.62 -3.92 9.79
N THR A 87 9.58 -4.76 10.14
CA THR A 87 9.59 -5.37 11.46
C THR A 87 9.95 -4.34 12.53
N GLU A 88 8.95 -3.56 12.93
CA GLU A 88 9.14 -2.54 13.93
C GLU A 88 7.82 -1.87 14.28
N GLY A 89 7.65 -1.57 15.56
CA GLY A 89 6.44 -0.94 16.03
C GLY A 89 6.03 -1.49 17.40
N VAL A 90 6.25 -0.67 18.42
CA VAL A 90 5.92 -1.06 19.78
C VAL A 90 6.39 -2.50 20.03
N LYS A 91 5.97 -3.04 21.16
CA LYS A 91 6.34 -4.39 21.53
C LYS A 91 5.61 -4.79 22.81
N GLU A 92 4.34 -5.10 22.66
CA GLU A 92 3.52 -5.48 23.79
C GLU A 92 2.12 -5.90 23.33
N PRO A 93 1.54 -6.87 24.08
CA PRO A 93 0.20 -7.36 23.75
C PRO A 93 -0.87 -6.35 24.15
N SER A 94 -1.10 -5.39 23.26
CA SER A 94 -2.10 -4.36 23.50
C SER A 94 -3.50 -4.92 23.26
N GLY A 95 -4.20 -5.16 24.36
CA GLY A 95 -5.55 -5.69 24.28
C GLY A 95 -6.42 -5.17 25.43
N PRO A 96 -6.93 -3.92 25.24
CA PRO A 96 -7.77 -3.30 26.25
C PRO A 96 -9.17 -3.91 26.27
N SER A 97 -9.69 -4.11 27.47
CA SER A 97 -11.01 -4.68 27.63
C SER A 97 -11.38 -4.75 29.11
N SER A 98 -12.48 -4.08 29.44
CA SER A 98 -12.94 -4.06 30.82
C SER A 98 -14.37 -4.60 30.90
N GLY A 99 -14.55 -5.55 31.80
CA GLY A 99 -15.86 -6.17 31.99
C GLY A 99 -15.78 -7.36 32.96
N GLY A 1 -20.50 -5.55 -4.73
CA GLY A 1 -21.24 -4.46 -4.10
C GLY A 1 -20.55 -3.12 -4.32
N SER A 2 -19.64 -2.80 -3.42
CA SER A 2 -18.91 -1.55 -3.49
C SER A 2 -19.86 -0.37 -3.33
N SER A 3 -19.42 0.60 -2.53
CA SER A 3 -20.23 1.79 -2.29
C SER A 3 -20.29 2.65 -3.55
N GLY A 4 -21.34 3.44 -3.64
CA GLY A 4 -21.52 4.32 -4.78
C GLY A 4 -20.97 5.71 -4.50
N SER A 5 -19.68 5.87 -4.78
CA SER A 5 -19.01 7.14 -4.56
C SER A 5 -17.55 7.04 -5.01
N SER A 6 -16.83 6.10 -4.41
CA SER A 6 -15.44 5.90 -4.75
C SER A 6 -15.04 4.46 -4.46
N GLY A 7 -15.54 3.56 -5.29
CA GLY A 7 -15.25 2.15 -5.14
C GLY A 7 -13.79 1.85 -5.46
N LEU A 8 -13.10 2.89 -5.95
CA LEU A 8 -11.70 2.76 -6.30
C LEU A 8 -10.90 2.36 -5.05
N ARG A 9 -11.18 3.06 -3.96
CA ARG A 9 -10.50 2.79 -2.72
C ARG A 9 -10.28 1.29 -2.54
N LYS A 10 -11.38 0.56 -2.54
CA LYS A 10 -11.33 -0.88 -2.37
C LYS A 10 -10.39 -1.47 -3.43
N GLN A 11 -10.58 -1.03 -4.66
CA GLN A 11 -9.75 -1.50 -5.76
C GLN A 11 -8.28 -1.21 -5.48
N VAL A 12 -8.00 0.06 -5.22
CA VAL A 12 -6.64 0.48 -4.93
C VAL A 12 -6.04 -0.43 -3.86
N GLU A 13 -6.73 -0.51 -2.74
CA GLU A 13 -6.28 -1.35 -1.64
C GLU A 13 -5.76 -2.68 -2.16
N LEU A 14 -6.60 -3.34 -2.95
CA LEU A 14 -6.24 -4.63 -3.53
C LEU A 14 -4.94 -4.48 -4.31
N LEU A 15 -4.87 -3.44 -5.11
CA LEU A 15 -3.69 -3.18 -5.92
C LEU A 15 -2.47 -3.06 -5.00
N PHE A 16 -2.45 -1.99 -4.23
CA PHE A 16 -1.35 -1.75 -3.30
C PHE A 16 -1.00 -3.02 -2.53
N ASN A 17 -2.01 -3.60 -1.89
CA ASN A 17 -1.82 -4.81 -1.11
C ASN A 17 -1.25 -5.89 -2.03
N THR A 18 -2.01 -6.23 -3.05
CA THR A 18 -1.59 -7.25 -4.00
C THR A 18 -0.12 -7.07 -4.37
N ARG A 19 0.22 -5.83 -4.73
CA ARG A 19 1.58 -5.50 -5.11
C ARG A 19 2.54 -5.87 -3.97
N TYR A 20 2.20 -5.42 -2.78
CA TYR A 20 3.03 -5.70 -1.61
C TYR A 20 3.37 -7.19 -1.52
N ALA A 21 2.36 -8.01 -1.70
CA ALA A 21 2.53 -9.45 -1.64
C ALA A 21 3.75 -9.84 -2.50
N LYS A 22 3.74 -9.34 -3.73
CA LYS A 22 4.83 -9.63 -4.65
C LYS A 22 6.14 -9.15 -4.05
N ALA A 23 6.05 -8.12 -3.23
CA ALA A 23 7.22 -7.56 -2.59
C ALA A 23 7.68 -8.50 -1.47
N ILE A 24 6.79 -9.41 -1.10
CA ILE A 24 7.09 -10.37 -0.05
C ILE A 24 7.02 -11.78 -0.62
N GLY A 25 6.75 -11.85 -1.93
CA GLY A 25 6.66 -13.13 -2.60
C GLY A 25 5.35 -13.83 -2.25
N ILE A 26 4.33 -13.04 -1.98
CA ILE A 26 3.03 -13.57 -1.62
C ILE A 26 2.09 -13.45 -2.82
N SER A 27 1.25 -14.47 -2.98
CA SER A 27 0.30 -14.49 -4.08
C SER A 27 -0.94 -13.68 -3.71
N GLU A 28 -1.32 -13.77 -2.44
CA GLU A 28 -2.49 -13.06 -1.95
C GLU A 28 -2.12 -11.63 -1.57
N PRO A 29 -3.15 -10.76 -1.51
CA PRO A 29 -2.94 -9.36 -1.16
C PRO A 29 -2.69 -9.21 0.33
N VAL A 30 -1.69 -8.40 0.66
CA VAL A 30 -1.32 -8.16 2.04
C VAL A 30 -1.41 -6.66 2.33
N LYS A 31 -1.39 -6.34 3.61
CA LYS A 31 -1.46 -4.95 4.03
C LYS A 31 -0.16 -4.24 3.65
N VAL A 32 -0.28 -2.93 3.45
CA VAL A 32 0.87 -2.13 3.08
C VAL A 32 1.20 -1.15 4.21
N PRO A 33 2.41 -1.34 4.80
CA PRO A 33 2.86 -0.49 5.89
C PRO A 33 3.28 0.88 5.38
N TYR A 34 2.28 1.66 4.98
CA TYR A 34 2.53 3.00 4.47
C TYR A 34 3.64 3.68 5.26
N SER A 35 3.42 3.82 6.56
CA SER A 35 4.39 4.45 7.43
C SER A 35 5.80 4.00 7.05
N LYS A 36 5.99 2.69 7.06
CA LYS A 36 7.29 2.12 6.72
C LYS A 36 7.79 2.76 5.43
N PHE A 37 6.88 2.91 4.49
CA PHE A 37 7.22 3.51 3.20
C PHE A 37 7.30 5.03 3.31
N LEU A 38 6.63 5.56 4.32
CA LEU A 38 6.61 7.00 4.53
C LEU A 38 7.91 7.42 5.22
N MET A 39 8.16 6.82 6.38
CA MET A 39 9.36 7.12 7.14
C MET A 39 10.61 6.62 6.41
N HIS A 40 10.39 5.64 5.54
CA HIS A 40 11.49 5.07 4.78
C HIS A 40 11.13 5.04 3.29
N PRO A 41 11.05 6.25 2.69
CA PRO A 41 10.71 6.38 1.28
C PRO A 41 11.89 5.97 0.40
N GLU A 42 13.07 5.98 1.00
CA GLU A 42 14.28 5.61 0.28
C GLU A 42 14.46 4.09 0.28
N GLU A 43 14.05 3.48 1.38
CA GLU A 43 14.15 2.04 1.52
C GLU A 43 12.92 1.35 0.91
N LEU A 44 11.76 1.76 1.39
CA LEU A 44 10.50 1.21 0.91
C LEU A 44 9.75 2.26 0.12
N PHE A 45 9.52 1.98 -1.15
CA PHE A 45 8.81 2.91 -2.01
C PHE A 45 8.02 2.15 -3.09
N VAL A 46 7.36 2.92 -3.94
CA VAL A 46 6.57 2.34 -5.01
C VAL A 46 7.05 2.89 -6.35
N VAL A 47 6.94 2.06 -7.38
CA VAL A 47 7.36 2.46 -8.71
C VAL A 47 6.28 2.06 -9.73
N GLY A 48 6.11 2.92 -10.71
CA GLY A 48 5.11 2.67 -11.75
C GLY A 48 3.91 3.60 -11.59
N LEU A 49 3.84 4.23 -10.43
CA LEU A 49 2.76 5.15 -10.14
C LEU A 49 2.66 6.20 -11.26
N PRO A 50 1.44 6.77 -11.40
CA PRO A 50 1.20 7.78 -12.43
C PRO A 50 1.83 9.12 -12.02
N GLU A 51 1.52 10.14 -12.83
CA GLU A 51 2.05 11.47 -12.57
C GLU A 51 1.16 12.19 -11.55
N GLY A 52 1.83 12.96 -10.69
CA GLY A 52 1.12 13.71 -9.66
C GLY A 52 0.45 12.76 -8.67
N ILE A 53 1.07 11.60 -8.49
CA ILE A 53 0.55 10.61 -7.57
C ILE A 53 1.71 9.86 -6.90
N SER A 54 1.51 9.56 -5.63
CA SER A 54 2.54 8.85 -4.87
C SER A 54 1.89 7.72 -4.05
N LEU A 55 2.57 7.36 -2.97
CA LEU A 55 2.08 6.30 -2.11
C LEU A 55 1.43 6.93 -0.87
N ARG A 56 0.11 6.79 -0.81
CA ARG A 56 -0.64 7.33 0.31
C ARG A 56 -2.01 6.64 0.42
N ARG A 57 -2.68 6.91 1.52
CA ARG A 57 -3.99 6.32 1.76
C ARG A 57 -4.87 6.47 0.52
N PRO A 58 -5.53 5.33 0.14
CA PRO A 58 -6.40 5.32 -1.03
C PRO A 58 -7.72 6.02 -0.72
N ASN A 59 -7.60 7.25 -0.24
CA ASN A 59 -8.78 8.03 0.10
C ASN A 59 -8.43 9.53 0.00
N CYS A 60 -7.27 9.86 0.55
CA CYS A 60 -6.82 11.25 0.53
C CYS A 60 -6.73 11.71 -0.93
N PHE A 61 -6.66 10.74 -1.82
CA PHE A 61 -6.57 11.02 -3.24
C PHE A 61 -7.94 11.31 -3.82
N GLY A 62 -7.96 11.57 -5.13
CA GLY A 62 -9.21 11.86 -5.82
C GLY A 62 -9.58 10.73 -6.78
N ILE A 63 -10.87 10.60 -7.02
CA ILE A 63 -11.36 9.57 -7.91
C ILE A 63 -10.45 9.48 -9.14
N ALA A 64 -10.33 10.60 -9.83
CA ALA A 64 -9.50 10.66 -11.02
C ALA A 64 -8.16 9.96 -10.74
N LYS A 65 -7.55 10.38 -9.64
CA LYS A 65 -6.27 9.80 -9.25
C LYS A 65 -6.43 8.30 -9.02
N LEU A 66 -7.31 7.96 -8.10
CA LEU A 66 -7.57 6.57 -7.77
C LEU A 66 -7.57 5.75 -9.07
N ARG A 67 -8.31 6.26 -10.05
CA ARG A 67 -8.42 5.59 -11.33
C ARG A 67 -7.02 5.41 -11.95
N LYS A 68 -6.36 6.54 -12.15
CA LYS A 68 -5.02 6.52 -12.73
C LYS A 68 -4.23 5.36 -12.13
N ILE A 69 -4.01 5.43 -10.83
CA ILE A 69 -3.28 4.40 -10.13
C ILE A 69 -3.72 3.02 -10.64
N LEU A 70 -5.01 2.77 -10.51
CA LEU A 70 -5.57 1.51 -10.95
C LEU A 70 -5.17 1.26 -12.41
N GLU A 71 -5.22 2.32 -13.19
CA GLU A 71 -4.86 2.22 -14.60
C GLU A 71 -3.35 1.96 -14.75
N ALA A 72 -2.62 2.32 -13.70
CA ALA A 72 -1.18 2.12 -13.71
C ALA A 72 -0.81 1.04 -12.70
N SER A 73 -1.72 0.09 -12.53
CA SER A 73 -1.51 -1.00 -11.59
C SER A 73 -0.35 -1.87 -12.08
N ASN A 74 -0.58 -2.54 -13.20
CA ASN A 74 0.44 -3.40 -13.78
C ASN A 74 1.80 -2.72 -13.67
N SER A 75 1.82 -1.45 -14.02
CA SER A 75 3.05 -0.67 -13.96
C SER A 75 3.53 -0.54 -12.52
N ILE A 76 2.59 -0.22 -11.65
CA ILE A 76 2.91 -0.06 -10.24
C ILE A 76 3.70 -1.28 -9.76
N GLN A 77 4.49 -1.06 -8.72
CA GLN A 77 5.31 -2.12 -8.16
C GLN A 77 5.95 -1.67 -6.84
N PHE A 78 5.74 -2.48 -5.81
CA PHE A 78 6.27 -2.17 -4.50
C PHE A 78 7.69 -2.74 -4.34
N VAL A 79 8.67 -1.86 -4.55
CA VAL A 79 10.06 -2.26 -4.42
C VAL A 79 10.48 -2.20 -2.96
N ILE A 80 11.10 -3.28 -2.51
CA ILE A 80 11.56 -3.36 -1.13
C ILE A 80 13.09 -3.30 -1.11
N LYS A 81 13.60 -2.44 -0.25
CA LYS A 81 15.04 -2.27 -0.11
C LYS A 81 15.47 -2.75 1.27
N ARG A 82 14.64 -2.45 2.25
CA ARG A 82 14.93 -2.86 3.62
C ARG A 82 13.64 -3.28 4.34
N PRO A 83 13.39 -4.61 4.32
CA PRO A 83 12.20 -5.15 4.96
C PRO A 83 12.35 -5.16 6.48
N GLU A 84 13.60 -5.00 6.93
CA GLU A 84 13.89 -5.00 8.35
C GLU A 84 13.15 -3.84 9.03
N LEU A 85 12.82 -2.84 8.23
CA LEU A 85 12.11 -1.67 8.74
C LEU A 85 10.69 -2.06 9.12
N LEU A 86 10.07 -2.83 8.22
CA LEU A 86 8.70 -3.28 8.44
C LEU A 86 8.55 -3.73 9.90
N THR A 87 9.43 -4.63 10.30
CA THR A 87 9.40 -5.15 11.66
C THR A 87 10.47 -4.45 12.51
N GLU A 88 10.04 -3.41 13.21
CA GLU A 88 10.94 -2.66 14.07
C GLU A 88 10.15 -1.82 15.07
N GLY A 89 9.74 -2.47 16.15
CA GLY A 89 8.97 -1.80 17.19
C GLY A 89 8.38 -2.80 18.17
N VAL A 90 7.38 -2.33 18.91
CA VAL A 90 6.71 -3.17 19.88
C VAL A 90 5.42 -2.49 20.34
N LYS A 91 4.36 -3.29 20.38
CA LYS A 91 3.06 -2.78 20.78
C LYS A 91 2.15 -3.95 21.18
N GLU A 92 1.44 -3.76 22.27
CA GLU A 92 0.53 -4.79 22.76
C GLU A 92 -0.18 -4.32 24.03
N PRO A 93 -1.30 -3.57 23.82
CA PRO A 93 -2.07 -3.05 24.93
C PRO A 93 -2.89 -4.17 25.59
N SER A 94 -2.18 -5.17 26.07
CA SER A 94 -2.83 -6.30 26.73
C SER A 94 -2.26 -6.49 28.14
N GLY A 95 -2.95 -7.30 28.92
CA GLY A 95 -2.52 -7.57 30.28
C GLY A 95 -3.69 -8.09 31.13
N PRO A 96 -3.76 -9.44 31.24
CA PRO A 96 -4.82 -10.06 32.02
C PRO A 96 -4.56 -9.92 33.52
N SER A 97 -4.74 -8.70 34.01
CA SER A 97 -4.52 -8.41 35.41
C SER A 97 -5.50 -7.34 35.88
N SER A 98 -6.36 -7.73 36.81
CA SER A 98 -7.35 -6.79 37.34
C SER A 98 -7.23 -6.73 38.87
N GLY A 99 -7.38 -7.88 39.49
CA GLY A 99 -7.29 -7.97 40.94
C GLY A 99 -7.95 -6.76 41.60
N GLY A 1 -24.69 12.13 -6.06
CA GLY A 1 -25.23 11.19 -7.02
C GLY A 1 -25.63 9.88 -6.35
N SER A 2 -25.63 8.82 -7.13
CA SER A 2 -25.98 7.51 -6.62
C SER A 2 -24.96 7.05 -5.57
N SER A 3 -25.47 6.71 -4.41
CA SER A 3 -24.62 6.25 -3.32
C SER A 3 -23.69 5.14 -3.82
N GLY A 4 -22.47 5.53 -4.12
CA GLY A 4 -21.47 4.59 -4.59
C GLY A 4 -20.91 5.02 -5.95
N SER A 5 -19.98 5.96 -5.89
CA SER A 5 -19.36 6.46 -7.11
C SER A 5 -17.90 5.99 -7.19
N SER A 6 -17.11 6.41 -6.20
CA SER A 6 -15.71 6.03 -6.16
C SER A 6 -15.57 4.52 -6.35
N GLY A 7 -15.44 3.82 -5.23
CA GLY A 7 -15.29 2.38 -5.26
C GLY A 7 -13.86 1.98 -5.64
N LEU A 8 -13.07 2.99 -5.95
CA LEU A 8 -11.68 2.76 -6.33
C LEU A 8 -10.89 2.35 -5.08
N ARG A 9 -11.18 3.03 -3.98
CA ARG A 9 -10.50 2.76 -2.72
C ARG A 9 -10.29 1.25 -2.57
N LYS A 10 -11.39 0.53 -2.56
CA LYS A 10 -11.34 -0.92 -2.41
C LYS A 10 -10.39 -1.50 -3.46
N GLN A 11 -10.55 -1.04 -4.69
CA GLN A 11 -9.72 -1.50 -5.78
C GLN A 11 -8.24 -1.22 -5.48
N VAL A 12 -7.96 0.05 -5.20
CA VAL A 12 -6.61 0.46 -4.89
C VAL A 12 -6.03 -0.45 -3.81
N GLU A 13 -6.69 -0.42 -2.65
CA GLU A 13 -6.25 -1.24 -1.54
C GLU A 13 -5.77 -2.61 -2.02
N LEU A 14 -6.60 -3.23 -2.84
CA LEU A 14 -6.27 -4.53 -3.39
C LEU A 14 -4.98 -4.43 -4.21
N LEU A 15 -4.94 -3.42 -5.06
CA LEU A 15 -3.78 -3.20 -5.90
C LEU A 15 -2.53 -3.11 -5.03
N PHE A 16 -2.54 -2.15 -4.12
CA PHE A 16 -1.42 -1.93 -3.22
C PHE A 16 -1.15 -3.19 -2.40
N ASN A 17 -2.18 -3.63 -1.68
CA ASN A 17 -2.07 -4.81 -0.85
C ASN A 17 -1.52 -5.97 -1.69
N THR A 18 -2.06 -6.11 -2.88
CA THR A 18 -1.64 -7.16 -3.79
C THR A 18 -0.17 -6.98 -4.17
N ARG A 19 0.12 -5.83 -4.76
CA ARG A 19 1.48 -5.53 -5.17
C ARG A 19 2.46 -5.85 -4.05
N TYR A 20 2.09 -5.43 -2.85
CA TYR A 20 2.93 -5.67 -1.68
C TYR A 20 3.31 -7.14 -1.57
N ALA A 21 2.31 -7.99 -1.73
CA ALA A 21 2.53 -9.42 -1.65
C ALA A 21 3.75 -9.79 -2.48
N LYS A 22 3.76 -9.31 -3.72
CA LYS A 22 4.87 -9.58 -4.62
C LYS A 22 6.17 -9.06 -4.01
N ALA A 23 6.03 -8.01 -3.21
CA ALA A 23 7.18 -7.42 -2.55
C ALA A 23 7.66 -8.34 -1.42
N ILE A 24 6.78 -9.26 -1.06
CA ILE A 24 7.09 -10.22 0.00
C ILE A 24 7.08 -11.63 -0.56
N GLY A 25 6.80 -11.72 -1.86
CA GLY A 25 6.75 -13.01 -2.53
C GLY A 25 5.45 -13.75 -2.19
N ILE A 26 4.41 -12.98 -1.92
CA ILE A 26 3.13 -13.56 -1.57
C ILE A 26 2.21 -13.50 -2.80
N SER A 27 1.33 -14.48 -2.88
CA SER A 27 0.39 -14.55 -3.99
C SER A 27 -0.86 -13.74 -3.68
N GLU A 28 -1.28 -13.83 -2.42
CA GLU A 28 -2.47 -13.11 -1.97
C GLU A 28 -2.09 -11.68 -1.55
N PRO A 29 -3.14 -10.82 -1.43
CA PRO A 29 -2.93 -9.44 -1.03
C PRO A 29 -2.64 -9.34 0.46
N VAL A 30 -1.69 -8.48 0.78
CA VAL A 30 -1.30 -8.27 2.17
C VAL A 30 -1.41 -6.79 2.52
N LYS A 31 -1.36 -6.51 3.81
CA LYS A 31 -1.47 -5.13 4.28
C LYS A 31 -0.21 -4.36 3.86
N VAL A 32 -0.41 -3.10 3.53
CA VAL A 32 0.69 -2.24 3.11
C VAL A 32 1.06 -1.30 4.26
N PRO A 33 2.29 -1.49 4.79
CA PRO A 33 2.77 -0.66 5.88
C PRO A 33 3.17 0.73 5.38
N TYR A 34 2.16 1.47 4.94
CA TYR A 34 2.38 2.81 4.43
C TYR A 34 3.48 3.53 5.24
N SER A 35 3.23 3.64 6.53
CA SER A 35 4.18 4.30 7.42
C SER A 35 5.61 3.89 7.05
N LYS A 36 5.83 2.58 7.06
CA LYS A 36 7.14 2.04 6.73
C LYS A 36 7.65 2.71 5.45
N PHE A 37 6.75 2.84 4.49
CA PHE A 37 7.09 3.46 3.22
C PHE A 37 7.14 4.98 3.34
N LEU A 38 6.44 5.49 4.34
CA LEU A 38 6.39 6.91 4.58
C LEU A 38 7.69 7.36 5.26
N MET A 39 7.96 6.74 6.40
CA MET A 39 9.16 7.05 7.16
C MET A 39 10.41 6.59 6.42
N HIS A 40 10.22 5.61 5.54
CA HIS A 40 11.32 5.06 4.77
C HIS A 40 10.94 5.03 3.29
N PRO A 41 10.82 6.24 2.70
CA PRO A 41 10.46 6.36 1.30
C PRO A 41 11.65 6.01 0.40
N GLU A 42 12.84 6.11 0.97
CA GLU A 42 14.06 5.81 0.24
C GLU A 42 14.30 4.29 0.23
N GLU A 43 13.97 3.67 1.34
CA GLU A 43 14.14 2.22 1.47
C GLU A 43 12.95 1.49 0.87
N LEU A 44 11.76 1.88 1.32
CA LEU A 44 10.53 1.27 0.84
C LEU A 44 9.75 2.30 0.02
N PHE A 45 9.50 1.94 -1.23
CA PHE A 45 8.76 2.81 -2.12
C PHE A 45 8.02 2.01 -3.20
N VAL A 46 7.36 2.73 -4.08
CA VAL A 46 6.62 2.10 -5.15
C VAL A 46 7.03 2.71 -6.49
N VAL A 47 7.08 1.87 -7.51
CA VAL A 47 7.46 2.32 -8.83
C VAL A 47 6.35 1.97 -9.82
N GLY A 48 6.24 2.78 -10.87
CA GLY A 48 5.23 2.57 -11.89
C GLY A 48 4.08 3.56 -11.73
N LEU A 49 3.91 4.02 -10.50
CA LEU A 49 2.85 4.98 -10.20
C LEU A 49 2.77 6.02 -11.31
N PRO A 50 1.56 6.63 -11.45
CA PRO A 50 1.33 7.64 -12.47
C PRO A 50 2.01 8.96 -12.08
N GLU A 51 1.69 10.00 -12.85
CA GLU A 51 2.25 11.31 -12.60
C GLU A 51 1.41 12.05 -11.55
N GLY A 52 2.11 12.77 -10.69
CA GLY A 52 1.45 13.52 -9.63
C GLY A 52 0.75 12.58 -8.64
N ILE A 53 1.32 11.39 -8.51
CA ILE A 53 0.77 10.40 -7.60
C ILE A 53 1.91 9.60 -6.96
N SER A 54 1.73 9.30 -5.68
CA SER A 54 2.73 8.54 -4.95
C SER A 54 2.06 7.44 -4.13
N LEU A 55 2.69 7.13 -3.00
CA LEU A 55 2.16 6.10 -2.12
C LEU A 55 1.52 6.76 -0.90
N ARG A 56 0.20 6.67 -0.85
CA ARG A 56 -0.55 7.25 0.25
C ARG A 56 -1.93 6.59 0.37
N ARG A 57 -2.57 6.84 1.50
CA ARG A 57 -3.89 6.28 1.75
C ARG A 57 -4.78 6.45 0.51
N PRO A 58 -5.46 5.33 0.15
CA PRO A 58 -6.34 5.33 -1.01
C PRO A 58 -7.64 6.07 -0.70
N ASN A 59 -7.50 7.29 -0.20
CA ASN A 59 -8.65 8.10 0.15
C ASN A 59 -8.29 9.58 0.01
N CYS A 60 -7.12 9.93 0.54
CA CYS A 60 -6.65 11.30 0.48
C CYS A 60 -6.61 11.73 -0.99
N PHE A 61 -6.59 10.73 -1.86
CA PHE A 61 -6.55 10.99 -3.29
C PHE A 61 -7.95 11.23 -3.85
N GLY A 62 -8.00 11.49 -5.15
CA GLY A 62 -9.27 11.75 -5.81
C GLY A 62 -9.59 10.65 -6.83
N ILE A 63 -10.87 10.49 -7.08
CA ILE A 63 -11.33 9.49 -8.04
C ILE A 63 -10.36 9.45 -9.23
N ALA A 64 -10.18 10.61 -9.84
CA ALA A 64 -9.30 10.72 -10.99
C ALA A 64 -7.97 10.02 -10.67
N LYS A 65 -7.39 10.40 -9.55
CA LYS A 65 -6.14 9.82 -9.13
C LYS A 65 -6.31 8.31 -8.93
N LEU A 66 -7.22 7.95 -8.03
CA LEU A 66 -7.49 6.56 -7.75
C LEU A 66 -7.47 5.76 -9.07
N ARG A 67 -8.21 6.27 -10.04
CA ARG A 67 -8.28 5.63 -11.33
C ARG A 67 -6.89 5.44 -11.92
N LYS A 68 -6.21 6.56 -12.10
CA LYS A 68 -4.86 6.54 -12.65
C LYS A 68 -4.09 5.36 -12.06
N ILE A 69 -3.91 5.41 -10.74
CA ILE A 69 -3.19 4.35 -10.04
C ILE A 69 -3.61 3.00 -10.62
N LEU A 70 -4.90 2.72 -10.51
CA LEU A 70 -5.44 1.47 -11.01
C LEU A 70 -5.00 1.27 -12.46
N GLU A 71 -5.14 2.34 -13.24
CA GLU A 71 -4.76 2.30 -14.64
C GLU A 71 -3.26 2.02 -14.78
N ALA A 72 -2.53 2.34 -13.71
CA ALA A 72 -1.11 2.13 -13.71
C ALA A 72 -0.76 0.97 -12.76
N SER A 73 -1.74 0.09 -12.57
CA SER A 73 -1.55 -1.05 -11.70
C SER A 73 -0.40 -1.92 -12.22
N ASN A 74 -0.63 -2.53 -13.38
CA ASN A 74 0.38 -3.38 -13.98
C ASN A 74 1.75 -2.72 -13.84
N SER A 75 1.77 -1.42 -14.06
CA SER A 75 3.01 -0.67 -13.96
C SER A 75 3.47 -0.59 -12.51
N ILE A 76 2.56 -0.14 -11.66
CA ILE A 76 2.85 -0.02 -10.24
C ILE A 76 3.65 -1.25 -9.78
N GLN A 77 4.45 -1.03 -8.75
CA GLN A 77 5.28 -2.10 -8.21
C GLN A 77 5.92 -1.67 -6.89
N PHE A 78 5.71 -2.48 -5.87
CA PHE A 78 6.25 -2.19 -4.55
C PHE A 78 7.68 -2.74 -4.43
N VAL A 79 8.64 -1.84 -4.57
CA VAL A 79 10.04 -2.21 -4.48
C VAL A 79 10.48 -2.15 -3.01
N ILE A 80 11.13 -3.21 -2.58
CA ILE A 80 11.60 -3.29 -1.20
C ILE A 80 13.13 -3.21 -1.20
N LYS A 81 13.64 -2.34 -0.35
CA LYS A 81 15.08 -2.15 -0.23
C LYS A 81 15.53 -2.63 1.15
N ARG A 82 14.74 -2.30 2.16
CA ARG A 82 15.05 -2.69 3.52
C ARG A 82 13.79 -3.12 4.25
N PRO A 83 13.54 -4.45 4.24
CA PRO A 83 12.37 -5.01 4.90
C PRO A 83 12.55 -5.01 6.42
N GLU A 84 13.79 -4.85 6.84
CA GLU A 84 14.11 -4.83 8.26
C GLU A 84 13.35 -3.71 8.96
N LEU A 85 12.93 -2.73 8.16
CA LEU A 85 12.20 -1.59 8.70
C LEU A 85 10.77 -2.03 9.04
N LEU A 86 10.18 -2.79 8.13
CA LEU A 86 8.82 -3.28 8.33
C LEU A 86 8.68 -3.78 9.76
N THR A 87 9.11 -5.02 9.96
CA THR A 87 9.03 -5.63 11.28
C THR A 87 7.71 -5.28 11.96
N GLU A 88 6.64 -5.88 11.46
CA GLU A 88 5.32 -5.63 12.00
C GLU A 88 4.45 -6.90 11.88
N GLY A 89 3.74 -7.19 12.96
CA GLY A 89 2.88 -8.36 12.99
C GLY A 89 2.42 -8.68 14.41
N VAL A 90 1.11 -8.74 14.58
CA VAL A 90 0.54 -9.02 15.88
C VAL A 90 -0.93 -9.43 15.71
N LYS A 91 -1.45 -10.09 16.74
CA LYS A 91 -2.83 -10.54 16.71
C LYS A 91 -3.21 -11.12 18.08
N GLU A 92 -4.41 -10.80 18.51
CA GLU A 92 -4.89 -11.28 19.79
C GLU A 92 -6.40 -11.00 19.94
N PRO A 93 -7.19 -12.09 19.94
CA PRO A 93 -8.63 -11.98 20.06
C PRO A 93 -9.03 -11.64 21.51
N SER A 94 -10.23 -11.11 21.65
CA SER A 94 -10.74 -10.75 22.96
C SER A 94 -12.13 -10.11 22.82
N GLY A 95 -12.95 -10.37 23.83
CA GLY A 95 -14.31 -9.82 23.83
C GLY A 95 -15.33 -10.91 24.15
N PRO A 96 -15.46 -11.21 25.48
CA PRO A 96 -16.38 -12.23 25.93
C PRO A 96 -17.83 -11.71 25.87
N SER A 97 -18.29 -11.45 24.66
CA SER A 97 -19.64 -10.96 24.46
C SER A 97 -20.63 -12.11 24.48
N SER A 98 -21.63 -11.99 25.34
CA SER A 98 -22.65 -13.01 25.46
C SER A 98 -24.01 -12.46 25.05
N GLY A 99 -24.63 -13.13 24.10
CA GLY A 99 -25.94 -12.71 23.61
C GLY A 99 -26.68 -13.87 22.96
N GLY A 1 -20.85 -4.36 -7.38
CA GLY A 1 -21.96 -4.33 -6.44
C GLY A 1 -22.49 -2.91 -6.27
N SER A 2 -21.83 -2.16 -5.39
CA SER A 2 -22.24 -0.79 -5.13
C SER A 2 -22.13 0.04 -6.40
N SER A 3 -23.05 0.98 -6.54
CA SER A 3 -23.07 1.85 -7.70
C SER A 3 -22.90 3.31 -7.27
N GLY A 4 -22.66 4.16 -8.26
CA GLY A 4 -22.48 5.58 -7.99
C GLY A 4 -21.68 5.80 -6.71
N SER A 5 -20.42 5.39 -6.75
CA SER A 5 -19.55 5.54 -5.60
C SER A 5 -18.09 5.31 -6.02
N SER A 6 -17.19 5.74 -5.16
CA SER A 6 -15.77 5.61 -5.43
C SER A 6 -15.29 4.21 -5.00
N GLY A 7 -15.64 3.22 -5.81
CA GLY A 7 -15.26 1.85 -5.52
C GLY A 7 -13.77 1.63 -5.80
N LEU A 8 -13.12 2.70 -6.26
CA LEU A 8 -11.71 2.63 -6.57
C LEU A 8 -10.93 2.30 -5.28
N ARG A 9 -11.26 3.03 -4.23
CA ARG A 9 -10.60 2.83 -2.94
C ARG A 9 -10.39 1.34 -2.69
N LYS A 10 -11.49 0.60 -2.73
CA LYS A 10 -11.45 -0.83 -2.50
C LYS A 10 -10.47 -1.46 -3.49
N GLN A 11 -10.59 -1.04 -4.73
CA GLN A 11 -9.73 -1.57 -5.79
C GLN A 11 -8.26 -1.25 -5.47
N VAL A 12 -8.00 0.02 -5.23
CA VAL A 12 -6.65 0.47 -4.91
C VAL A 12 -6.06 -0.43 -3.83
N GLU A 13 -6.77 -0.50 -2.71
CA GLU A 13 -6.32 -1.33 -1.60
C GLU A 13 -5.82 -2.67 -2.10
N LEU A 14 -6.69 -3.37 -2.82
CA LEU A 14 -6.35 -4.67 -3.36
C LEU A 14 -5.06 -4.55 -4.19
N LEU A 15 -5.03 -3.55 -5.05
CA LEU A 15 -3.88 -3.31 -5.89
C LEU A 15 -2.62 -3.23 -5.03
N PHE A 16 -2.61 -2.22 -4.16
CA PHE A 16 -1.48 -2.02 -3.28
C PHE A 16 -1.19 -3.28 -2.45
N ASN A 17 -2.20 -3.69 -1.71
CA ASN A 17 -2.08 -4.88 -0.87
C ASN A 17 -1.52 -6.03 -1.71
N THR A 18 -2.12 -6.22 -2.88
CA THR A 18 -1.71 -7.27 -3.78
C THR A 18 -0.24 -7.07 -4.19
N ARG A 19 0.05 -5.88 -4.69
CA ARG A 19 1.39 -5.56 -5.12
C ARG A 19 2.40 -5.88 -4.00
N TYR A 20 2.05 -5.45 -2.80
CA TYR A 20 2.91 -5.69 -1.65
C TYR A 20 3.29 -7.17 -1.55
N ALA A 21 2.29 -8.03 -1.68
CA ALA A 21 2.51 -9.46 -1.60
C ALA A 21 3.71 -9.83 -2.46
N LYS A 22 3.70 -9.34 -3.70
CA LYS A 22 4.77 -9.61 -4.62
C LYS A 22 6.09 -9.12 -4.03
N ALA A 23 6.00 -8.05 -3.25
CA ALA A 23 7.16 -7.47 -2.61
C ALA A 23 7.64 -8.41 -1.50
N ILE A 24 6.79 -9.37 -1.16
CA ILE A 24 7.11 -10.32 -0.11
C ILE A 24 7.04 -11.74 -0.69
N GLY A 25 6.76 -11.81 -1.98
CA GLY A 25 6.66 -13.08 -2.66
C GLY A 25 5.36 -13.80 -2.27
N ILE A 26 4.34 -13.01 -1.97
CA ILE A 26 3.05 -13.56 -1.59
C ILE A 26 2.09 -13.44 -2.77
N SER A 27 1.23 -14.44 -2.91
CA SER A 27 0.26 -14.46 -3.98
C SER A 27 -0.99 -13.66 -3.57
N GLU A 28 -1.34 -13.80 -2.30
CA GLU A 28 -2.50 -13.10 -1.77
C GLU A 28 -2.12 -11.67 -1.38
N PRO A 29 -3.17 -10.81 -1.28
CA PRO A 29 -2.97 -9.42 -0.92
C PRO A 29 -2.68 -9.28 0.57
N VAL A 30 -1.68 -8.48 0.87
CA VAL A 30 -1.27 -8.25 2.26
C VAL A 30 -1.37 -6.76 2.58
N LYS A 31 -1.32 -6.45 3.87
CA LYS A 31 -1.41 -5.07 4.30
C LYS A 31 -0.15 -4.32 3.87
N VAL A 32 -0.33 -3.05 3.58
CA VAL A 32 0.78 -2.21 3.15
C VAL A 32 1.15 -1.25 4.28
N PRO A 33 2.40 -1.43 4.79
CA PRO A 33 2.90 -0.59 5.87
C PRO A 33 3.28 0.80 5.35
N TYR A 34 2.26 1.54 4.93
CA TYR A 34 2.47 2.88 4.42
C TYR A 34 3.56 3.60 5.20
N SER A 35 3.32 3.76 6.49
CA SER A 35 4.28 4.43 7.36
C SER A 35 5.70 4.01 6.98
N LYS A 36 5.92 2.71 7.03
CA LYS A 36 7.24 2.17 6.71
C LYS A 36 7.75 2.81 5.41
N PHE A 37 6.85 2.91 4.44
CA PHE A 37 7.19 3.51 3.16
C PHE A 37 7.23 5.03 3.26
N LEU A 38 6.51 5.55 4.24
CA LEU A 38 6.46 6.99 4.45
C LEU A 38 7.75 7.45 5.15
N MET A 39 8.01 6.84 6.29
CA MET A 39 9.20 7.16 7.06
C MET A 39 10.46 6.71 6.33
N HIS A 40 10.29 5.72 5.46
CA HIS A 40 11.41 5.19 4.69
C HIS A 40 11.03 5.16 3.21
N PRO A 41 10.92 6.37 2.62
CA PRO A 41 10.57 6.49 1.20
C PRO A 41 11.77 6.13 0.33
N GLU A 42 12.93 6.11 0.94
CA GLU A 42 14.16 5.79 0.22
C GLU A 42 14.39 4.28 0.21
N GLU A 43 14.05 3.65 1.33
CA GLU A 43 14.22 2.21 1.47
C GLU A 43 13.01 1.48 0.88
N LEU A 44 11.84 1.88 1.35
CA LEU A 44 10.59 1.28 0.88
C LEU A 44 9.80 2.31 0.08
N PHE A 45 9.61 2.00 -1.19
CA PHE A 45 8.86 2.90 -2.07
C PHE A 45 8.10 2.10 -3.13
N VAL A 46 7.40 2.84 -3.98
CA VAL A 46 6.62 2.22 -5.04
C VAL A 46 7.02 2.84 -6.39
N VAL A 47 7.12 1.98 -7.40
CA VAL A 47 7.48 2.44 -8.73
C VAL A 47 6.36 2.09 -9.70
N GLY A 48 6.27 2.88 -10.77
CA GLY A 48 5.25 2.66 -11.78
C GLY A 48 4.09 3.64 -11.61
N LEU A 49 3.90 4.08 -10.37
CA LEU A 49 2.85 5.02 -10.06
C LEU A 49 2.75 6.07 -11.18
N PRO A 50 1.54 6.67 -11.30
CA PRO A 50 1.31 7.68 -12.32
C PRO A 50 1.96 9.01 -11.92
N GLU A 51 1.67 10.03 -12.72
CA GLU A 51 2.22 11.35 -12.47
C GLU A 51 1.35 12.10 -11.46
N GLY A 52 2.02 12.79 -10.55
CA GLY A 52 1.32 13.55 -9.52
C GLY A 52 0.64 12.62 -8.52
N ILE A 53 1.23 11.45 -8.34
CA ILE A 53 0.68 10.46 -7.41
C ILE A 53 1.84 9.72 -6.74
N SER A 54 1.66 9.48 -5.45
CA SER A 54 2.67 8.78 -4.68
C SER A 54 2.05 7.59 -3.95
N LEU A 55 2.65 7.23 -2.83
CA LEU A 55 2.15 6.12 -2.03
C LEU A 55 1.37 6.65 -0.84
N ARG A 56 0.07 6.82 -1.04
CA ARG A 56 -0.81 7.33 0.00
C ARG A 56 -2.09 6.50 0.07
N ARG A 57 -2.77 6.61 1.19
CA ARG A 57 -4.02 5.88 1.39
C ARG A 57 -4.98 6.18 0.26
N PRO A 58 -5.79 5.13 -0.10
CA PRO A 58 -6.76 5.27 -1.17
C PRO A 58 -7.97 6.09 -0.71
N ASN A 59 -7.68 7.28 -0.21
CA ASN A 59 -8.74 8.16 0.26
C ASN A 59 -8.29 9.62 0.08
N CYS A 60 -7.06 9.87 0.49
CA CYS A 60 -6.50 11.22 0.39
C CYS A 60 -5.93 11.39 -1.02
N PHE A 61 -6.76 11.09 -2.01
CA PHE A 61 -6.36 11.21 -3.39
C PHE A 61 -7.48 11.82 -4.24
N GLY A 62 -8.34 10.94 -4.72
CA GLY A 62 -9.46 11.37 -5.54
C GLY A 62 -9.73 10.38 -6.67
N ILE A 63 -10.99 10.32 -7.09
CA ILE A 63 -11.38 9.41 -8.16
C ILE A 63 -10.31 9.42 -9.24
N ALA A 64 -10.13 10.57 -9.85
CA ALA A 64 -9.12 10.71 -10.91
C ALA A 64 -7.87 9.93 -10.51
N LYS A 65 -7.29 10.34 -9.39
CA LYS A 65 -6.08 9.69 -8.91
C LYS A 65 -6.34 8.19 -8.75
N LEU A 66 -7.31 7.87 -7.92
CA LEU A 66 -7.67 6.48 -7.67
C LEU A 66 -7.60 5.71 -8.99
N ARG A 67 -8.26 6.26 -10.00
CA ARG A 67 -8.28 5.63 -11.30
C ARG A 67 -6.87 5.48 -11.85
N LYS A 68 -6.18 6.61 -11.95
CA LYS A 68 -4.81 6.63 -12.45
C LYS A 68 -4.07 5.41 -11.90
N ILE A 69 -3.82 5.44 -10.60
CA ILE A 69 -3.13 4.36 -9.93
C ILE A 69 -3.57 3.03 -10.54
N LEU A 70 -4.88 2.80 -10.47
CA LEU A 70 -5.46 1.57 -11.00
C LEU A 70 -5.00 1.39 -12.45
N GLU A 71 -5.14 2.45 -13.21
CA GLU A 71 -4.75 2.42 -14.62
C GLU A 71 -3.26 2.13 -14.75
N ALA A 72 -2.54 2.34 -13.65
CA ALA A 72 -1.11 2.10 -13.62
C ALA A 72 -0.80 0.93 -12.68
N SER A 73 -1.83 0.14 -12.44
CA SER A 73 -1.69 -1.02 -11.56
C SER A 73 -0.55 -1.91 -12.05
N ASN A 74 -0.56 -2.17 -13.34
CA ASN A 74 0.46 -3.01 -13.95
C ASN A 74 1.83 -2.37 -13.73
N SER A 75 1.91 -1.09 -14.09
CA SER A 75 3.16 -0.35 -13.95
C SER A 75 3.57 -0.32 -12.48
N ILE A 76 2.61 0.00 -11.62
CA ILE A 76 2.87 0.06 -10.20
C ILE A 76 3.69 -1.15 -9.77
N GLN A 77 4.49 -0.95 -8.73
CA GLN A 77 5.33 -2.02 -8.22
C GLN A 77 5.97 -1.61 -6.89
N PHE A 78 5.76 -2.45 -5.88
CA PHE A 78 6.32 -2.18 -4.57
C PHE A 78 7.73 -2.74 -4.44
N VAL A 79 8.71 -1.85 -4.58
CA VAL A 79 10.10 -2.24 -4.48
C VAL A 79 10.54 -2.19 -3.02
N ILE A 80 11.17 -3.27 -2.58
CA ILE A 80 11.65 -3.35 -1.21
C ILE A 80 13.18 -3.27 -1.20
N LYS A 81 13.69 -2.41 -0.33
CA LYS A 81 15.12 -2.23 -0.22
C LYS A 81 15.57 -2.69 1.17
N ARG A 82 14.73 -2.40 2.16
CA ARG A 82 15.03 -2.78 3.53
C ARG A 82 13.75 -3.20 4.26
N PRO A 83 13.50 -4.54 4.26
CA PRO A 83 12.32 -5.08 4.91
C PRO A 83 12.48 -5.06 6.44
N GLU A 84 13.73 -4.88 6.87
CA GLU A 84 14.03 -4.85 8.29
C GLU A 84 13.27 -3.71 8.97
N LEU A 85 12.92 -2.71 8.16
CA LEU A 85 12.19 -1.57 8.67
C LEU A 85 10.77 -1.99 9.05
N LEU A 86 10.15 -2.75 8.17
CA LEU A 86 8.80 -3.22 8.40
C LEU A 86 8.68 -3.72 9.84
N THR A 87 9.77 -4.29 10.33
CA THR A 87 9.80 -4.82 11.68
C THR A 87 10.39 -3.78 12.63
N GLU A 88 11.19 -4.27 13.56
CA GLU A 88 11.83 -3.40 14.54
C GLU A 88 10.79 -2.50 15.21
N GLY A 89 9.84 -3.15 15.88
CA GLY A 89 8.78 -2.43 16.57
C GLY A 89 7.44 -2.61 15.86
N VAL A 90 6.47 -1.83 16.30
CA VAL A 90 5.14 -1.91 15.72
C VAL A 90 4.33 -3.00 16.43
N LYS A 91 3.02 -2.85 16.38
CA LYS A 91 2.13 -3.82 17.01
C LYS A 91 0.84 -3.91 16.19
N GLU A 92 0.21 -5.08 16.27
CA GLU A 92 -1.03 -5.32 15.55
C GLU A 92 -2.22 -4.74 16.33
N PRO A 93 -2.85 -3.70 15.73
CA PRO A 93 -3.99 -3.06 16.36
C PRO A 93 -5.24 -3.94 16.24
N SER A 94 -6.23 -3.61 17.07
CA SER A 94 -7.48 -4.35 17.08
C SER A 94 -8.45 -3.73 18.08
N GLY A 95 -9.66 -3.48 17.60
CA GLY A 95 -10.69 -2.89 18.44
C GLY A 95 -11.57 -1.93 17.65
N PRO A 96 -12.56 -1.33 18.35
CA PRO A 96 -13.47 -0.40 17.72
C PRO A 96 -12.79 0.96 17.47
N SER A 97 -13.34 1.69 16.52
CA SER A 97 -12.80 2.99 16.17
C SER A 97 -13.86 3.83 15.47
N SER A 98 -14.30 4.87 16.17
CA SER A 98 -15.31 5.76 15.64
C SER A 98 -16.55 4.97 15.25
N GLY A 99 -17.62 5.70 14.94
CA GLY A 99 -18.87 5.06 14.55
C GLY A 99 -19.94 6.12 14.25
N GLY A 1 -23.15 -6.42 -0.24
CA GLY A 1 -22.22 -5.99 -1.28
C GLY A 1 -22.44 -4.52 -1.63
N SER A 2 -22.26 -3.68 -0.62
CA SER A 2 -22.43 -2.24 -0.81
C SER A 2 -21.22 -1.67 -1.54
N SER A 3 -21.50 -1.11 -2.71
CA SER A 3 -20.44 -0.53 -3.53
C SER A 3 -19.89 0.73 -2.85
N GLY A 4 -20.78 1.69 -2.65
CA GLY A 4 -20.40 2.94 -2.02
C GLY A 4 -19.77 3.90 -3.03
N SER A 5 -19.58 5.14 -2.59
CA SER A 5 -18.99 6.16 -3.44
C SER A 5 -17.50 5.87 -3.63
N SER A 6 -17.05 6.09 -4.86
CA SER A 6 -15.65 5.86 -5.19
C SER A 6 -15.23 4.46 -4.76
N GLY A 7 -15.69 3.48 -5.52
CA GLY A 7 -15.37 2.09 -5.24
C GLY A 7 -13.90 1.80 -5.52
N LEU A 8 -13.22 2.80 -6.07
CA LEU A 8 -11.82 2.66 -6.39
C LEU A 8 -11.03 2.27 -5.13
N ARG A 9 -11.33 2.99 -4.06
CA ARG A 9 -10.67 2.73 -2.79
C ARG A 9 -10.47 1.23 -2.57
N LYS A 10 -11.59 0.51 -2.60
CA LYS A 10 -11.55 -0.94 -2.42
C LYS A 10 -10.58 -1.55 -3.45
N GLN A 11 -10.67 -1.04 -4.67
CA GLN A 11 -9.81 -1.52 -5.74
C GLN A 11 -8.35 -1.22 -5.43
N VAL A 12 -8.06 0.06 -5.28
CA VAL A 12 -6.71 0.50 -4.98
C VAL A 12 -6.11 -0.40 -3.89
N GLU A 13 -6.80 -0.44 -2.76
CA GLU A 13 -6.35 -1.27 -1.65
C GLU A 13 -5.84 -2.61 -2.16
N LEU A 14 -6.68 -3.29 -2.91
CA LEU A 14 -6.33 -4.59 -3.46
C LEU A 14 -5.05 -4.45 -4.27
N LEU A 15 -5.00 -3.42 -5.09
CA LEU A 15 -3.83 -3.17 -5.93
C LEU A 15 -2.59 -3.05 -5.04
N PHE A 16 -2.55 -1.95 -4.28
CA PHE A 16 -1.44 -1.71 -3.39
C PHE A 16 -1.05 -2.98 -2.62
N ASN A 17 -2.07 -3.62 -2.07
CA ASN A 17 -1.85 -4.85 -1.32
C ASN A 17 -1.27 -5.92 -2.24
N THR A 18 -2.08 -6.32 -3.21
CA THR A 18 -1.66 -7.34 -4.16
C THR A 18 -0.20 -7.13 -4.55
N ARG A 19 0.16 -5.87 -4.72
CA ARG A 19 1.52 -5.52 -5.10
C ARG A 19 2.49 -5.88 -3.97
N TYR A 20 2.14 -5.43 -2.77
CA TYR A 20 2.96 -5.69 -1.61
C TYR A 20 3.32 -7.18 -1.50
N ALA A 21 2.31 -8.01 -1.67
CA ALA A 21 2.50 -9.45 -1.61
C ALA A 21 3.71 -9.83 -2.46
N LYS A 22 3.71 -9.34 -3.69
CA LYS A 22 4.79 -9.62 -4.62
C LYS A 22 6.12 -9.13 -4.01
N ALA A 23 6.00 -8.10 -3.18
CA ALA A 23 7.17 -7.54 -2.53
C ALA A 23 7.63 -8.47 -1.41
N ILE A 24 6.72 -9.33 -0.99
CA ILE A 24 7.02 -10.27 0.07
C ILE A 24 6.96 -11.69 -0.49
N GLY A 25 6.85 -11.78 -1.81
CA GLY A 25 6.79 -13.06 -2.48
C GLY A 25 5.50 -13.81 -2.12
N ILE A 26 4.45 -13.03 -1.90
CA ILE A 26 3.16 -13.61 -1.55
C ILE A 26 2.25 -13.59 -2.78
N SER A 27 1.42 -14.61 -2.87
CA SER A 27 0.49 -14.72 -3.99
C SER A 27 -0.78 -13.94 -3.69
N GLU A 28 -1.20 -13.99 -2.43
CA GLU A 28 -2.39 -13.28 -2.01
C GLU A 28 -2.07 -11.83 -1.65
N PRO A 29 -3.12 -10.98 -1.63
CA PRO A 29 -2.95 -9.57 -1.30
C PRO A 29 -2.72 -9.38 0.20
N VAL A 30 -1.79 -8.50 0.51
CA VAL A 30 -1.46 -8.22 1.90
C VAL A 30 -1.53 -6.70 2.13
N LYS A 31 -1.57 -6.34 3.40
CA LYS A 31 -1.63 -4.93 3.77
C LYS A 31 -0.38 -4.22 3.27
N VAL A 32 -0.28 -2.95 3.62
CA VAL A 32 0.87 -2.15 3.21
C VAL A 32 1.25 -1.20 4.34
N PRO A 33 2.49 -1.39 4.86
CA PRO A 33 2.98 -0.56 5.95
C PRO A 33 3.38 0.83 5.44
N TYR A 34 2.37 1.57 5.01
CA TYR A 34 2.60 2.92 4.49
C TYR A 34 3.70 3.62 5.28
N SER A 35 3.48 3.74 6.58
CA SER A 35 4.45 4.39 7.45
C SER A 35 5.87 3.97 7.06
N LYS A 36 6.07 2.67 7.05
CA LYS A 36 7.38 2.12 6.70
C LYS A 36 7.88 2.78 5.41
N PHE A 37 6.95 2.93 4.47
CA PHE A 37 7.27 3.53 3.19
C PHE A 37 7.32 5.05 3.30
N LEU A 38 6.65 5.56 4.32
CA LEU A 38 6.61 6.99 4.55
C LEU A 38 7.91 7.43 5.23
N MET A 39 8.18 6.82 6.37
CA MET A 39 9.38 7.13 7.12
C MET A 39 10.64 6.66 6.38
N HIS A 40 10.43 5.68 5.51
CA HIS A 40 11.53 5.14 4.73
C HIS A 40 11.15 5.09 3.25
N PRO A 41 11.04 6.32 2.65
CA PRO A 41 10.68 6.44 1.25
C PRO A 41 11.86 6.06 0.35
N GLU A 42 13.02 5.95 0.97
CA GLU A 42 14.23 5.60 0.24
C GLU A 42 14.39 4.08 0.17
N GLU A 43 14.20 3.45 1.32
CA GLU A 43 14.32 2.00 1.40
C GLU A 43 13.06 1.34 0.84
N LEU A 44 11.91 1.78 1.35
CA LEU A 44 10.64 1.23 0.91
C LEU A 44 9.87 2.31 0.13
N PHE A 45 9.65 2.01 -1.14
CA PHE A 45 8.94 2.94 -2.01
C PHE A 45 8.14 2.19 -3.07
N VAL A 46 7.44 2.96 -3.89
CA VAL A 46 6.62 2.37 -4.94
C VAL A 46 7.06 2.95 -6.30
N VAL A 47 6.98 2.11 -7.32
CA VAL A 47 7.35 2.51 -8.66
C VAL A 47 6.23 2.16 -9.63
N GLY A 48 6.16 2.95 -10.70
CA GLY A 48 5.13 2.74 -11.71
C GLY A 48 3.97 3.73 -11.53
N LEU A 49 3.81 4.18 -10.29
CA LEU A 49 2.75 5.11 -9.98
C LEU A 49 2.65 6.17 -11.10
N PRO A 50 1.43 6.73 -11.24
CA PRO A 50 1.20 7.74 -12.26
C PRO A 50 1.81 9.09 -11.86
N GLU A 51 1.61 10.07 -12.71
CA GLU A 51 2.14 11.40 -12.45
C GLU A 51 1.26 12.14 -11.45
N GLY A 52 1.91 12.85 -10.54
CA GLY A 52 1.19 13.60 -9.53
C GLY A 52 0.52 12.66 -8.52
N ILE A 53 1.12 11.50 -8.35
CA ILE A 53 0.59 10.51 -7.42
C ILE A 53 1.74 9.74 -6.78
N SER A 54 1.56 9.43 -5.51
CA SER A 54 2.58 8.70 -4.76
C SER A 54 1.94 7.56 -3.97
N LEU A 55 2.57 7.23 -2.86
CA LEU A 55 2.06 6.17 -2.00
C LEU A 55 1.37 6.79 -0.78
N ARG A 56 0.06 6.62 -0.75
CA ARG A 56 -0.74 7.16 0.35
C ARG A 56 -2.08 6.43 0.42
N ARG A 57 -2.79 6.67 1.52
CA ARG A 57 -4.08 6.05 1.74
C ARG A 57 -4.99 6.30 0.54
N PRO A 58 -5.70 5.23 0.11
CA PRO A 58 -6.59 5.32 -1.02
C PRO A 58 -7.89 6.04 -0.63
N ASN A 59 -7.73 7.24 -0.11
CA ASN A 59 -8.87 8.03 0.31
C ASN A 59 -8.57 9.51 0.04
N CYS A 60 -7.39 9.94 0.44
CA CYS A 60 -6.97 11.32 0.24
C CYS A 60 -7.00 11.62 -1.26
N PHE A 61 -6.69 10.59 -2.04
CA PHE A 61 -6.67 10.73 -3.49
C PHE A 61 -8.08 10.94 -4.03
N GLY A 62 -8.14 11.46 -5.25
CA GLY A 62 -9.42 11.71 -5.90
C GLY A 62 -9.75 10.62 -6.90
N ILE A 63 -11.04 10.48 -7.17
CA ILE A 63 -11.50 9.46 -8.11
C ILE A 63 -10.54 9.41 -9.30
N ALA A 64 -10.36 10.55 -9.94
CA ALA A 64 -9.48 10.63 -11.09
C ALA A 64 -8.14 9.98 -10.75
N LYS A 65 -7.60 10.38 -9.61
CA LYS A 65 -6.33 9.85 -9.15
C LYS A 65 -6.46 8.34 -8.94
N LEU A 66 -7.39 7.97 -8.08
CA LEU A 66 -7.63 6.57 -7.79
C LEU A 66 -7.54 5.76 -9.08
N ARG A 67 -8.30 6.19 -10.07
CA ARG A 67 -8.31 5.52 -11.36
C ARG A 67 -6.88 5.39 -11.90
N LYS A 68 -6.23 6.53 -12.02
CA LYS A 68 -4.86 6.56 -12.52
C LYS A 68 -4.08 5.38 -11.93
N ILE A 69 -3.96 5.38 -10.62
CA ILE A 69 -3.24 4.33 -9.93
C ILE A 69 -3.64 2.98 -10.53
N LEU A 70 -4.93 2.70 -10.48
CA LEU A 70 -5.45 1.45 -11.02
C LEU A 70 -4.94 1.27 -12.45
N GLU A 71 -5.05 2.34 -13.23
CA GLU A 71 -4.62 2.31 -14.61
C GLU A 71 -3.11 2.05 -14.69
N ALA A 72 -2.43 2.35 -13.58
CA ALA A 72 -0.99 2.15 -13.51
C ALA A 72 -0.69 0.99 -12.57
N SER A 73 -1.64 0.07 -12.49
CA SER A 73 -1.49 -1.10 -11.64
C SER A 73 -0.37 -2.00 -12.18
N ASN A 74 -0.64 -2.58 -13.33
CA ASN A 74 0.34 -3.46 -13.96
C ASN A 74 1.72 -2.81 -13.90
N SER A 75 1.72 -1.50 -14.00
CA SER A 75 2.96 -0.75 -13.97
C SER A 75 3.45 -0.62 -12.52
N ILE A 76 2.51 -0.31 -11.64
CA ILE A 76 2.84 -0.15 -10.24
C ILE A 76 3.64 -1.35 -9.76
N GLN A 77 4.44 -1.13 -8.73
CA GLN A 77 5.27 -2.18 -8.17
C GLN A 77 5.91 -1.72 -6.85
N PHE A 78 5.69 -2.52 -5.83
CA PHE A 78 6.24 -2.21 -4.51
C PHE A 78 7.66 -2.76 -4.36
N VAL A 79 8.62 -1.89 -4.57
CA VAL A 79 10.01 -2.28 -4.46
C VAL A 79 10.44 -2.22 -2.99
N ILE A 80 11.09 -3.30 -2.56
CA ILE A 80 11.55 -3.39 -1.18
C ILE A 80 13.08 -3.34 -1.16
N LYS A 81 13.61 -2.49 -0.31
CA LYS A 81 15.06 -2.34 -0.18
C LYS A 81 15.49 -2.84 1.20
N ARG A 82 14.72 -2.44 2.20
CA ARG A 82 15.01 -2.83 3.57
C ARG A 82 13.73 -3.22 4.30
N PRO A 83 13.45 -4.55 4.30
CA PRO A 83 12.26 -5.08 4.94
C PRO A 83 12.43 -5.09 6.47
N GLU A 84 13.67 -4.94 6.89
CA GLU A 84 13.98 -4.93 8.32
C GLU A 84 13.23 -3.79 9.00
N LEU A 85 12.94 -2.75 8.23
CA LEU A 85 12.22 -1.61 8.76
C LEU A 85 10.80 -2.02 9.14
N LEU A 86 10.19 -2.80 8.25
CA LEU A 86 8.84 -3.28 8.49
C LEU A 86 8.70 -3.74 9.94
N THR A 87 9.58 -4.65 10.33
CA THR A 87 9.57 -5.18 11.67
C THR A 87 9.98 -4.10 12.68
N GLU A 88 8.99 -3.32 13.10
CA GLU A 88 9.23 -2.26 14.05
C GLU A 88 7.93 -1.84 14.73
N GLY A 89 7.40 -2.74 15.54
CA GLY A 89 6.16 -2.48 16.25
C GLY A 89 6.27 -2.87 17.72
N VAL A 90 5.73 -2.02 18.58
CA VAL A 90 5.75 -2.27 20.01
C VAL A 90 4.50 -3.03 20.42
N LYS A 91 4.70 -4.03 21.27
CA LYS A 91 3.59 -4.85 21.75
C LYS A 91 2.76 -5.31 20.55
N GLU A 92 1.62 -5.92 20.87
CA GLU A 92 0.73 -6.42 19.84
C GLU A 92 -0.63 -6.77 20.43
N PRO A 93 -1.43 -5.70 20.70
CA PRO A 93 -2.75 -5.88 21.28
C PRO A 93 -3.74 -6.40 20.23
N SER A 94 -4.90 -6.84 20.71
CA SER A 94 -5.93 -7.36 19.83
C SER A 94 -5.40 -8.58 19.08
N GLY A 95 -6.31 -9.53 18.85
CA GLY A 95 -5.95 -10.74 18.15
C GLY A 95 -7.20 -11.50 17.70
N PRO A 96 -7.03 -12.26 16.58
CA PRO A 96 -8.14 -13.04 16.04
C PRO A 96 -8.41 -14.28 16.89
N SER A 97 -9.65 -14.76 16.81
CA SER A 97 -10.05 -15.93 17.57
C SER A 97 -11.08 -16.73 16.77
N SER A 98 -10.65 -17.90 16.33
CA SER A 98 -11.52 -18.77 15.56
C SER A 98 -12.13 -18.01 14.38
N GLY A 99 -11.40 -18.01 13.27
CA GLY A 99 -11.85 -17.32 12.08
C GLY A 99 -12.59 -18.27 11.14
N GLY A 1 -21.51 -4.79 -10.93
CA GLY A 1 -22.11 -3.64 -11.58
C GLY A 1 -23.10 -2.95 -10.66
N SER A 2 -23.96 -2.13 -11.26
CA SER A 2 -24.96 -1.41 -10.50
C SER A 2 -24.29 -0.40 -9.57
N SER A 3 -24.83 0.81 -9.56
CA SER A 3 -24.30 1.86 -8.72
C SER A 3 -22.93 2.31 -9.25
N GLY A 4 -22.61 3.57 -8.98
CA GLY A 4 -21.35 4.12 -9.42
C GLY A 4 -20.49 4.56 -8.22
N SER A 5 -20.32 5.88 -8.11
CA SER A 5 -19.53 6.43 -7.03
C SER A 5 -18.08 5.95 -7.14
N SER A 6 -17.29 6.35 -6.16
CA SER A 6 -15.88 5.98 -6.13
C SER A 6 -15.73 4.47 -6.28
N GLY A 7 -15.56 3.81 -5.14
CA GLY A 7 -15.41 2.36 -5.12
C GLY A 7 -13.99 1.95 -5.52
N LEU A 8 -13.22 2.94 -5.96
CA LEU A 8 -11.85 2.70 -6.37
C LEU A 8 -11.02 2.31 -5.14
N ARG A 9 -11.27 3.01 -4.05
CA ARG A 9 -10.55 2.73 -2.82
C ARG A 9 -10.33 1.24 -2.65
N LYS A 10 -11.42 0.51 -2.54
CA LYS A 10 -11.36 -0.94 -2.38
C LYS A 10 -10.43 -1.53 -3.44
N GLN A 11 -10.60 -1.04 -4.67
CA GLN A 11 -9.79 -1.51 -5.77
C GLN A 11 -8.31 -1.18 -5.53
N VAL A 12 -8.05 0.09 -5.27
CA VAL A 12 -6.70 0.54 -5.00
C VAL A 12 -6.08 -0.32 -3.90
N GLU A 13 -6.82 -0.48 -2.82
CA GLU A 13 -6.37 -1.28 -1.70
C GLU A 13 -5.83 -2.62 -2.20
N LEU A 14 -6.68 -3.32 -2.95
CA LEU A 14 -6.30 -4.61 -3.48
C LEU A 14 -5.00 -4.49 -4.27
N LEU A 15 -4.96 -3.46 -5.11
CA LEU A 15 -3.79 -3.21 -5.93
C LEU A 15 -2.55 -3.11 -5.03
N PHE A 16 -2.57 -2.10 -4.17
CA PHE A 16 -1.46 -1.87 -3.26
C PHE A 16 -1.20 -3.12 -2.40
N ASN A 17 -2.25 -3.56 -1.72
CA ASN A 17 -2.15 -4.74 -0.87
C ASN A 17 -1.55 -5.89 -1.67
N THR A 18 -2.09 -6.08 -2.87
CA THR A 18 -1.62 -7.14 -3.74
C THR A 18 -0.14 -6.94 -4.09
N ARG A 19 0.13 -5.80 -4.72
CA ARG A 19 1.48 -5.47 -5.13
C ARG A 19 2.46 -5.83 -3.99
N TYR A 20 2.12 -5.39 -2.80
CA TYR A 20 2.96 -5.65 -1.63
C TYR A 20 3.32 -7.13 -1.54
N ALA A 21 2.30 -7.97 -1.71
CA ALA A 21 2.49 -9.40 -1.65
C ALA A 21 3.71 -9.79 -2.49
N LYS A 22 3.71 -9.30 -3.73
CA LYS A 22 4.80 -9.59 -4.64
C LYS A 22 6.11 -9.09 -4.04
N ALA A 23 6.00 -8.05 -3.22
CA ALA A 23 7.16 -7.48 -2.57
C ALA A 23 7.62 -8.40 -1.45
N ILE A 24 6.73 -9.30 -1.05
CA ILE A 24 7.03 -10.24 0.01
C ILE A 24 6.98 -11.66 -0.56
N GLY A 25 6.75 -11.75 -1.86
CA GLY A 25 6.67 -13.04 -2.52
C GLY A 25 5.37 -13.77 -2.17
N ILE A 26 4.33 -12.97 -1.92
CA ILE A 26 3.04 -13.52 -1.57
C ILE A 26 2.11 -13.44 -2.79
N SER A 27 1.23 -14.41 -2.88
CA SER A 27 0.28 -14.47 -3.99
C SER A 27 -0.96 -13.63 -3.66
N GLU A 28 -1.37 -13.73 -2.40
CA GLU A 28 -2.54 -12.99 -1.94
C GLU A 28 -2.14 -11.57 -1.52
N PRO A 29 -3.17 -10.70 -1.40
CA PRO A 29 -2.95 -9.31 -1.00
C PRO A 29 -2.64 -9.22 0.50
N VAL A 30 -1.69 -8.35 0.82
CA VAL A 30 -1.30 -8.16 2.21
C VAL A 30 -1.37 -6.67 2.54
N LYS A 31 -1.33 -6.39 3.84
CA LYS A 31 -1.39 -5.01 4.31
C LYS A 31 -0.10 -4.29 3.92
N VAL A 32 -0.24 -3.02 3.60
CA VAL A 32 0.90 -2.20 3.21
C VAL A 32 1.26 -1.25 4.37
N PRO A 33 2.49 -1.44 4.90
CA PRO A 33 2.97 -0.61 6.00
C PRO A 33 3.35 0.79 5.50
N TYR A 34 2.34 1.51 5.04
CA TYR A 34 2.55 2.85 4.54
C TYR A 34 3.63 3.58 5.34
N SER A 35 3.42 3.64 6.65
CA SER A 35 4.37 4.29 7.54
C SER A 35 5.80 3.90 7.15
N LYS A 36 6.03 2.59 7.11
CA LYS A 36 7.34 2.08 6.77
C LYS A 36 7.83 2.76 5.48
N PHE A 37 6.90 2.91 4.56
CA PHE A 37 7.22 3.54 3.28
C PHE A 37 7.26 5.07 3.42
N LEU A 38 6.59 5.55 4.45
CA LEU A 38 6.54 6.98 4.70
C LEU A 38 7.83 7.42 5.38
N MET A 39 8.11 6.79 6.52
CA MET A 39 9.31 7.11 7.27
C MET A 39 10.56 6.64 6.53
N HIS A 40 10.37 5.67 5.65
CA HIS A 40 11.47 5.12 4.87
C HIS A 40 11.07 5.08 3.40
N PRO A 41 10.95 6.30 2.80
CA PRO A 41 10.59 6.39 1.40
C PRO A 41 11.78 6.04 0.50
N GLU A 42 12.96 6.16 1.06
CA GLU A 42 14.18 5.85 0.32
C GLU A 42 14.43 4.34 0.32
N GLU A 43 14.02 3.70 1.41
CA GLU A 43 14.19 2.27 1.54
C GLU A 43 13.00 1.53 0.95
N LEU A 44 11.82 1.93 1.38
CA LEU A 44 10.59 1.32 0.90
C LEU A 44 9.81 2.35 0.07
N PHE A 45 9.57 2.00 -1.18
CA PHE A 45 8.83 2.88 -2.08
C PHE A 45 8.08 2.07 -3.14
N VAL A 46 7.42 2.79 -4.02
CA VAL A 46 6.66 2.17 -5.09
C VAL A 46 7.03 2.80 -6.43
N VAL A 47 7.14 1.96 -7.44
CA VAL A 47 7.49 2.43 -8.77
C VAL A 47 6.36 2.08 -9.75
N GLY A 48 6.26 2.88 -10.80
CA GLY A 48 5.23 2.67 -11.80
C GLY A 48 4.07 3.64 -11.62
N LEU A 49 3.92 4.13 -10.39
CA LEU A 49 2.86 5.06 -10.06
C LEU A 49 2.74 6.10 -11.18
N PRO A 50 1.52 6.68 -11.30
CA PRO A 50 1.27 7.69 -12.30
C PRO A 50 1.92 9.03 -11.94
N GLU A 51 1.66 10.02 -12.77
CA GLU A 51 2.22 11.36 -12.55
C GLU A 51 1.38 12.09 -11.50
N GLY A 52 2.10 12.77 -10.59
CA GLY A 52 1.44 13.52 -9.54
C GLY A 52 0.76 12.59 -8.54
N ILE A 53 1.36 11.42 -8.36
CA ILE A 53 0.82 10.44 -7.45
C ILE A 53 1.97 9.64 -6.83
N SER A 54 1.84 9.37 -5.54
CA SER A 54 2.86 8.61 -4.83
C SER A 54 2.21 7.47 -4.05
N LEU A 55 2.87 7.10 -2.95
CA LEU A 55 2.36 6.03 -2.11
C LEU A 55 1.63 6.63 -0.90
N ARG A 56 0.32 6.41 -0.88
CA ARG A 56 -0.50 6.92 0.21
C ARG A 56 -1.85 6.20 0.23
N ARG A 57 -2.60 6.45 1.29
CA ARG A 57 -3.90 5.85 1.45
C ARG A 57 -4.82 6.22 0.28
N PRO A 58 -5.64 5.23 -0.15
CA PRO A 58 -6.55 5.44 -1.26
C PRO A 58 -7.75 6.29 -0.82
N ASN A 59 -7.72 6.70 0.43
CA ASN A 59 -8.78 7.52 0.98
C ASN A 59 -8.34 8.98 1.01
N CYS A 60 -7.21 9.24 0.36
CA CYS A 60 -6.67 10.58 0.30
C CYS A 60 -6.39 10.93 -1.16
N PHE A 61 -6.94 10.10 -2.04
CA PHE A 61 -6.75 10.31 -3.48
C PHE A 61 -8.11 10.46 -4.18
N GLY A 62 -8.16 11.43 -5.08
CA GLY A 62 -9.37 11.69 -5.82
C GLY A 62 -9.67 10.56 -6.81
N ILE A 63 -10.91 10.52 -7.25
CA ILE A 63 -11.34 9.49 -8.19
C ILE A 63 -10.34 9.41 -9.34
N ALA A 64 -10.17 10.55 -10.01
CA ALA A 64 -9.25 10.62 -11.13
C ALA A 64 -7.93 9.91 -10.76
N LYS A 65 -7.43 10.27 -9.59
CA LYS A 65 -6.18 9.69 -9.11
C LYS A 65 -6.37 8.17 -8.94
N LEU A 66 -7.32 7.82 -8.09
CA LEU A 66 -7.60 6.42 -7.84
C LEU A 66 -7.56 5.64 -9.15
N ARG A 67 -8.30 6.15 -10.12
CA ARG A 67 -8.36 5.52 -11.43
C ARG A 67 -6.95 5.37 -12.00
N LYS A 68 -6.28 6.50 -12.17
CA LYS A 68 -4.93 6.52 -12.70
C LYS A 68 -4.15 5.35 -12.11
N ILE A 69 -3.95 5.41 -10.80
CA ILE A 69 -3.21 4.37 -10.11
C ILE A 69 -3.69 3.00 -10.60
N LEU A 70 -5.01 2.82 -10.57
CA LEU A 70 -5.60 1.56 -11.00
C LEU A 70 -5.21 1.30 -12.46
N GLU A 71 -5.13 2.38 -13.23
CA GLU A 71 -4.77 2.29 -14.63
C GLU A 71 -3.27 1.98 -14.77
N ALA A 72 -2.53 2.32 -13.73
CA ALA A 72 -1.10 2.09 -13.73
C ALA A 72 -0.77 0.96 -12.75
N SER A 73 -1.74 0.09 -12.55
CA SER A 73 -1.58 -1.03 -11.64
C SER A 73 -0.40 -1.91 -12.11
N ASN A 74 -0.56 -2.45 -13.31
CA ASN A 74 0.46 -3.31 -13.89
C ASN A 74 1.82 -2.62 -13.76
N SER A 75 1.82 -1.32 -14.04
CA SER A 75 3.04 -0.54 -13.97
C SER A 75 3.52 -0.44 -12.52
N ILE A 76 2.58 -0.11 -11.64
CA ILE A 76 2.89 0.02 -10.23
C ILE A 76 3.71 -1.19 -9.78
N GLN A 77 4.50 -0.98 -8.74
CA GLN A 77 5.33 -2.03 -8.20
C GLN A 77 5.96 -1.59 -6.87
N PHE A 78 5.75 -2.42 -5.86
CA PHE A 78 6.28 -2.14 -4.54
C PHE A 78 7.71 -2.67 -4.39
N VAL A 79 8.67 -1.77 -4.59
CA VAL A 79 10.07 -2.14 -4.48
C VAL A 79 10.49 -2.12 -3.00
N ILE A 80 11.14 -3.18 -2.59
CA ILE A 80 11.61 -3.30 -1.22
C ILE A 80 13.14 -3.22 -1.19
N LYS A 81 13.64 -2.36 -0.32
CA LYS A 81 15.08 -2.19 -0.19
C LYS A 81 15.52 -2.68 1.19
N ARG A 82 14.73 -2.32 2.20
CA ARG A 82 15.03 -2.71 3.56
C ARG A 82 13.75 -3.19 4.26
N PRO A 83 13.54 -4.53 4.23
CA PRO A 83 12.36 -5.11 4.85
C PRO A 83 12.52 -5.14 6.38
N GLU A 84 13.75 -4.94 6.82
CA GLU A 84 14.04 -4.94 8.25
C GLU A 84 13.29 -3.81 8.94
N LEU A 85 12.92 -2.82 8.15
CA LEU A 85 12.20 -1.67 8.67
C LEU A 85 10.79 -2.10 9.06
N LEU A 86 10.17 -2.88 8.17
CA LEU A 86 8.82 -3.36 8.40
C LEU A 86 8.69 -3.83 9.86
N THR A 87 9.45 -4.87 10.17
CA THR A 87 9.43 -5.43 11.51
C THR A 87 10.33 -4.61 12.45
N GLU A 88 9.72 -3.59 13.04
CA GLU A 88 10.44 -2.72 13.96
C GLU A 88 9.49 -2.17 15.03
N GLY A 89 9.07 -3.06 15.91
CA GLY A 89 8.16 -2.68 16.98
C GLY A 89 7.74 -3.90 17.80
N VAL A 90 7.70 -3.72 19.11
CA VAL A 90 7.32 -4.79 20.02
C VAL A 90 5.96 -4.46 20.64
N LYS A 91 4.95 -5.21 20.21
CA LYS A 91 3.61 -5.01 20.72
C LYS A 91 3.22 -6.20 21.60
N GLU A 92 3.44 -6.04 22.90
CA GLU A 92 3.12 -7.08 23.85
C GLU A 92 2.08 -6.58 24.85
N PRO A 93 0.79 -6.76 24.49
CA PRO A 93 -0.31 -6.33 25.34
C PRO A 93 -0.49 -7.29 26.53
N SER A 94 0.47 -7.20 27.45
CA SER A 94 0.43 -8.04 28.63
C SER A 94 1.47 -7.56 29.65
N GLY A 95 0.97 -6.99 30.74
CA GLY A 95 1.84 -6.49 31.78
C GLY A 95 2.78 -5.41 31.25
N PRO A 96 3.81 -5.08 32.08
CA PRO A 96 4.78 -4.07 31.70
C PRO A 96 5.76 -4.62 30.65
N SER A 97 6.30 -3.72 29.86
CA SER A 97 7.24 -4.08 28.82
C SER A 97 8.40 -4.86 29.43
N SER A 98 8.74 -5.97 28.77
CA SER A 98 9.84 -6.81 29.24
C SER A 98 10.05 -7.98 28.27
N GLY A 99 11.21 -8.59 28.38
CA GLY A 99 11.55 -9.71 27.53
C GLY A 99 10.64 -10.91 27.81
N GLY A 1 -21.92 -3.07 -15.55
CA GLY A 1 -23.12 -2.52 -14.97
C GLY A 1 -23.05 -0.98 -14.93
N SER A 2 -22.46 -0.48 -13.86
CA SER A 2 -22.31 0.96 -13.69
C SER A 2 -21.38 1.26 -12.52
N SER A 3 -21.75 0.76 -11.35
CA SER A 3 -20.96 0.96 -10.16
C SER A 3 -20.88 2.45 -9.83
N GLY A 4 -21.40 2.79 -8.65
CA GLY A 4 -21.40 4.18 -8.21
C GLY A 4 -20.41 4.38 -7.06
N SER A 5 -20.34 5.62 -6.60
CA SER A 5 -19.45 5.96 -5.50
C SER A 5 -18.01 5.63 -5.89
N SER A 6 -17.08 6.24 -5.17
CA SER A 6 -15.67 6.02 -5.42
C SER A 6 -15.25 4.65 -4.90
N GLY A 7 -15.66 3.62 -5.63
CA GLY A 7 -15.34 2.25 -5.26
C GLY A 7 -13.88 1.93 -5.56
N LEU A 8 -13.20 2.91 -6.13
CA LEU A 8 -11.79 2.74 -6.47
C LEU A 8 -10.99 2.42 -5.21
N ARG A 9 -11.30 3.15 -4.15
CA ARG A 9 -10.61 2.95 -2.88
C ARG A 9 -10.36 1.47 -2.64
N LYS A 10 -11.45 0.71 -2.59
CA LYS A 10 -11.36 -0.73 -2.37
C LYS A 10 -10.40 -1.33 -3.40
N GLN A 11 -10.61 -0.97 -4.65
CA GLN A 11 -9.78 -1.47 -5.73
C GLN A 11 -8.30 -1.17 -5.44
N VAL A 12 -8.03 0.10 -5.19
CA VAL A 12 -6.67 0.53 -4.90
C VAL A 12 -6.06 -0.38 -3.83
N GLU A 13 -6.80 -0.51 -2.73
CA GLU A 13 -6.35 -1.35 -1.63
C GLU A 13 -5.84 -2.69 -2.16
N LEU A 14 -6.69 -3.36 -2.92
CA LEU A 14 -6.35 -4.65 -3.48
C LEU A 14 -5.05 -4.51 -4.28
N LEU A 15 -4.99 -3.46 -5.10
CA LEU A 15 -3.82 -3.20 -5.91
C LEU A 15 -2.58 -3.12 -5.02
N PHE A 16 -2.58 -2.11 -4.15
CA PHE A 16 -1.48 -1.91 -3.24
C PHE A 16 -1.19 -3.19 -2.44
N ASN A 17 -2.22 -3.67 -1.76
CA ASN A 17 -2.10 -4.87 -0.96
C ASN A 17 -1.52 -5.99 -1.82
N THR A 18 -2.14 -6.19 -2.98
CA THR A 18 -1.70 -7.23 -3.89
C THR A 18 -0.23 -7.02 -4.26
N ARG A 19 0.08 -5.81 -4.70
CA ARG A 19 1.43 -5.47 -5.09
C ARG A 19 2.42 -5.85 -3.98
N TYR A 20 2.07 -5.45 -2.77
CA TYR A 20 2.91 -5.73 -1.62
C TYR A 20 3.27 -7.22 -1.56
N ALA A 21 2.27 -8.05 -1.79
CA ALA A 21 2.46 -9.49 -1.78
C ALA A 21 3.67 -9.85 -2.65
N LYS A 22 3.65 -9.31 -3.86
CA LYS A 22 4.73 -9.57 -4.80
C LYS A 22 6.05 -9.12 -4.18
N ALA A 23 5.96 -8.12 -3.33
CA ALA A 23 7.13 -7.59 -2.67
C ALA A 23 7.60 -8.57 -1.58
N ILE A 24 6.68 -9.44 -1.18
CA ILE A 24 6.97 -10.43 -0.16
C ILE A 24 6.88 -11.83 -0.79
N GLY A 25 6.73 -11.86 -2.10
CA GLY A 25 6.63 -13.11 -2.83
C GLY A 25 5.33 -13.84 -2.47
N ILE A 26 4.31 -13.05 -2.19
CA ILE A 26 3.01 -13.60 -1.83
C ILE A 26 2.06 -13.48 -3.04
N SER A 27 1.20 -14.47 -3.17
CA SER A 27 0.24 -14.49 -4.26
C SER A 27 -1.00 -13.68 -3.88
N GLU A 28 -1.38 -13.81 -2.62
CA GLU A 28 -2.55 -13.11 -2.11
C GLU A 28 -2.17 -11.69 -1.68
N PRO A 29 -3.21 -10.83 -1.56
CA PRO A 29 -2.99 -9.46 -1.15
C PRO A 29 -2.70 -9.36 0.34
N VAL A 30 -1.72 -8.54 0.67
CA VAL A 30 -1.32 -8.35 2.06
C VAL A 30 -1.41 -6.86 2.41
N LYS A 31 -1.36 -6.60 3.71
CA LYS A 31 -1.43 -5.23 4.19
C LYS A 31 -0.16 -4.48 3.79
N VAL A 32 -0.32 -3.19 3.54
CA VAL A 32 0.81 -2.35 3.15
C VAL A 32 1.18 -1.44 4.31
N PRO A 33 2.43 -1.62 4.81
CA PRO A 33 2.92 -0.81 5.91
C PRO A 33 3.28 0.61 5.44
N TYR A 34 2.25 1.35 5.09
CA TYR A 34 2.44 2.72 4.63
C TYR A 34 3.54 3.42 5.42
N SER A 35 3.30 3.53 6.73
CA SER A 35 4.26 4.17 7.61
C SER A 35 5.69 3.78 7.21
N LYS A 36 5.92 2.48 7.19
CA LYS A 36 7.24 1.97 6.84
C LYS A 36 7.73 2.68 5.57
N PHE A 37 6.84 2.80 4.61
CA PHE A 37 7.17 3.46 3.36
C PHE A 37 7.20 4.98 3.53
N LEU A 38 6.47 5.45 4.54
CA LEU A 38 6.41 6.87 4.82
C LEU A 38 7.70 7.31 5.51
N MET A 39 8.00 6.64 6.61
CA MET A 39 9.20 6.94 7.37
C MET A 39 10.46 6.52 6.60
N HIS A 40 10.27 5.57 5.70
CA HIS A 40 11.38 5.08 4.89
C HIS A 40 10.97 5.07 3.42
N PRO A 41 10.81 6.30 2.86
CA PRO A 41 10.43 6.44 1.47
C PRO A 41 11.61 6.14 0.55
N GLU A 42 12.81 6.28 1.10
CA GLU A 42 14.02 6.02 0.34
C GLU A 42 14.32 4.52 0.30
N GLU A 43 13.98 3.86 1.39
CA GLU A 43 14.20 2.42 1.49
C GLU A 43 13.02 1.65 0.90
N LEU A 44 11.83 2.05 1.33
CA LEU A 44 10.61 1.41 0.86
C LEU A 44 9.78 2.42 0.08
N PHE A 45 9.57 2.12 -1.19
CA PHE A 45 8.80 3.00 -2.06
C PHE A 45 8.04 2.19 -3.11
N VAL A 46 7.34 2.92 -3.98
CA VAL A 46 6.57 2.29 -5.03
C VAL A 46 7.00 2.86 -6.38
N VAL A 47 7.05 1.99 -7.38
CA VAL A 47 7.43 2.40 -8.72
C VAL A 47 6.31 2.06 -9.69
N GLY A 48 6.17 2.90 -10.70
CA GLY A 48 5.14 2.70 -11.71
C GLY A 48 4.00 3.70 -11.52
N LEU A 49 3.80 4.11 -10.28
CA LEU A 49 2.75 5.06 -9.95
C LEU A 49 2.70 6.15 -11.02
N PRO A 50 1.50 6.75 -11.17
CA PRO A 50 1.32 7.81 -12.16
C PRO A 50 1.94 9.12 -11.67
N GLU A 51 1.78 10.15 -12.49
CA GLU A 51 2.32 11.46 -12.16
C GLU A 51 1.42 12.17 -11.16
N GLY A 52 2.05 12.93 -10.27
CA GLY A 52 1.31 13.66 -9.25
C GLY A 52 0.61 12.72 -8.29
N ILE A 53 1.21 11.55 -8.11
CA ILE A 53 0.65 10.54 -7.23
C ILE A 53 1.78 9.78 -6.55
N SER A 54 1.59 9.52 -5.26
CA SER A 54 2.59 8.81 -4.48
C SER A 54 1.95 7.61 -3.79
N LEU A 55 2.52 7.25 -2.65
CA LEU A 55 2.02 6.12 -1.88
C LEU A 55 1.31 6.64 -0.62
N ARG A 56 -0.01 6.48 -0.62
CA ARG A 56 -0.81 6.94 0.51
C ARG A 56 -2.18 6.26 0.48
N ARG A 57 -2.82 6.23 1.65
CA ARG A 57 -4.13 5.63 1.78
C ARG A 57 -5.02 6.04 0.59
N PRO A 58 -5.80 5.05 0.09
CA PRO A 58 -6.68 5.30 -1.04
C PRO A 58 -7.92 6.09 -0.60
N ASN A 59 -7.65 7.21 0.06
CA ASN A 59 -8.73 8.06 0.54
C ASN A 59 -8.35 9.53 0.31
N CYS A 60 -7.10 9.84 0.65
CA CYS A 60 -6.61 11.20 0.48
C CYS A 60 -6.18 11.38 -0.98
N PHE A 61 -7.11 11.08 -1.86
CA PHE A 61 -6.84 11.20 -3.30
C PHE A 61 -8.11 11.59 -4.05
N GLY A 62 -7.96 11.76 -5.36
CA GLY A 62 -9.07 12.13 -6.21
C GLY A 62 -9.48 10.97 -7.12
N ILE A 63 -10.77 10.92 -7.43
CA ILE A 63 -11.30 9.88 -8.29
C ILE A 63 -10.30 9.61 -9.42
N ALA A 64 -10.01 10.66 -10.17
CA ALA A 64 -9.09 10.55 -11.29
C ALA A 64 -7.83 9.82 -10.83
N LYS A 65 -7.31 10.26 -9.70
CA LYS A 65 -6.11 9.65 -9.15
C LYS A 65 -6.34 8.15 -8.96
N LEU A 66 -7.30 7.83 -8.11
CA LEU A 66 -7.64 6.45 -7.83
C LEU A 66 -7.59 5.65 -9.14
N ARG A 67 -8.25 6.18 -10.14
CA ARG A 67 -8.30 5.53 -11.44
C ARG A 67 -6.88 5.40 -12.01
N LYS A 68 -6.22 6.53 -12.14
CA LYS A 68 -4.87 6.54 -12.67
C LYS A 68 -4.08 5.38 -12.08
N ILE A 69 -3.90 5.43 -10.77
CA ILE A 69 -3.18 4.38 -10.07
C ILE A 69 -3.62 3.01 -10.59
N LEU A 70 -4.93 2.80 -10.54
CA LEU A 70 -5.51 1.55 -11.00
C LEU A 70 -5.09 1.30 -12.46
N GLU A 71 -5.12 2.37 -13.23
CA GLU A 71 -4.75 2.30 -14.64
C GLU A 71 -3.25 2.00 -14.77
N ALA A 72 -2.52 2.36 -13.73
CA ALA A 72 -1.08 2.14 -13.73
C ALA A 72 -0.75 0.98 -12.78
N SER A 73 -1.75 0.13 -12.55
CA SER A 73 -1.58 -1.00 -11.68
C SER A 73 -0.42 -1.88 -12.18
N ASN A 74 -0.63 -2.50 -13.33
CA ASN A 74 0.38 -3.35 -13.93
C ASN A 74 1.76 -2.70 -13.75
N SER A 75 1.80 -1.41 -14.02
CA SER A 75 3.04 -0.66 -13.91
C SER A 75 3.47 -0.58 -12.45
N ILE A 76 2.52 -0.19 -11.61
CA ILE A 76 2.78 -0.07 -10.18
C ILE A 76 3.55 -1.30 -9.70
N GLN A 77 4.36 -1.09 -8.69
CA GLN A 77 5.16 -2.18 -8.12
C GLN A 77 5.83 -1.72 -6.82
N PHE A 78 5.60 -2.50 -5.78
CA PHE A 78 6.17 -2.20 -4.47
C PHE A 78 7.59 -2.75 -4.36
N VAL A 79 8.56 -1.87 -4.57
CA VAL A 79 9.95 -2.25 -4.49
C VAL A 79 10.40 -2.20 -3.03
N ILE A 80 11.05 -3.28 -2.60
CA ILE A 80 11.54 -3.36 -1.24
C ILE A 80 13.07 -3.31 -1.25
N LYS A 81 13.60 -2.44 -0.41
CA LYS A 81 15.04 -2.28 -0.31
C LYS A 81 15.51 -2.78 1.06
N ARG A 82 14.84 -2.31 2.09
CA ARG A 82 15.18 -2.71 3.45
C ARG A 82 13.92 -3.12 4.21
N PRO A 83 13.67 -4.46 4.22
CA PRO A 83 12.51 -4.99 4.91
C PRO A 83 12.71 -4.98 6.43
N GLU A 84 13.95 -4.76 6.82
CA GLU A 84 14.30 -4.73 8.23
C GLU A 84 13.63 -3.54 8.91
N LEU A 85 13.23 -2.57 8.09
CA LEU A 85 12.58 -1.38 8.60
C LEU A 85 11.17 -1.74 9.09
N LEU A 86 10.48 -2.52 8.28
CA LEU A 86 9.13 -2.95 8.62
C LEU A 86 9.06 -3.29 10.10
N THR A 87 10.00 -4.12 10.53
CA THR A 87 10.07 -4.52 11.92
C THR A 87 10.78 -3.47 12.76
N GLU A 88 11.56 -3.95 13.73
CA GLU A 88 12.31 -3.06 14.60
C GLU A 88 13.03 -3.87 15.68
N GLY A 89 14.02 -4.63 15.23
CA GLY A 89 14.80 -5.45 16.15
C GLY A 89 13.93 -6.54 16.80
N VAL A 90 13.35 -7.38 15.96
CA VAL A 90 12.50 -8.45 16.43
C VAL A 90 11.28 -7.85 17.13
N LYS A 91 10.11 -8.34 16.73
CA LYS A 91 8.86 -7.87 17.31
C LYS A 91 7.70 -8.69 16.75
N GLU A 92 6.91 -9.23 17.66
CA GLU A 92 5.77 -10.04 17.27
C GLU A 92 4.49 -9.18 17.28
N PRO A 93 3.52 -9.63 16.45
CA PRO A 93 2.24 -8.92 16.34
C PRO A 93 1.37 -9.18 17.57
N SER A 94 1.67 -8.46 18.64
CA SER A 94 0.92 -8.61 19.88
C SER A 94 1.07 -7.35 20.73
N GLY A 95 0.01 -6.55 20.73
CA GLY A 95 0.00 -5.32 21.49
C GLY A 95 0.34 -5.58 22.96
N PRO A 96 1.57 -5.15 23.36
CA PRO A 96 2.03 -5.34 24.72
C PRO A 96 1.35 -4.35 25.67
N SER A 97 1.34 -4.70 26.94
CA SER A 97 0.73 -3.85 27.95
C SER A 97 1.04 -2.38 27.66
N SER A 98 0.02 -1.55 27.82
CA SER A 98 0.17 -0.13 27.58
C SER A 98 -0.14 0.66 28.86
N GLY A 99 0.17 1.95 28.82
CA GLY A 99 -0.06 2.81 29.96
C GLY A 99 1.12 2.78 30.93
N GLY A 1 -19.19 0.08 -8.04
CA GLY A 1 -17.93 0.75 -8.30
C GLY A 1 -17.85 1.21 -9.76
N SER A 2 -18.32 2.44 -9.98
CA SER A 2 -18.30 3.00 -11.33
C SER A 2 -18.51 4.51 -11.25
N SER A 3 -19.61 4.91 -10.65
CA SER A 3 -19.93 6.31 -10.50
C SER A 3 -20.57 6.57 -9.14
N GLY A 4 -20.31 7.76 -8.61
CA GLY A 4 -20.86 8.14 -7.32
C GLY A 4 -19.86 7.85 -6.19
N SER A 5 -20.00 6.65 -5.62
CA SER A 5 -19.13 6.24 -4.54
C SER A 5 -17.75 5.87 -5.10
N SER A 6 -16.72 6.37 -4.43
CA SER A 6 -15.35 6.11 -4.85
C SER A 6 -14.96 4.68 -4.46
N GLY A 7 -15.48 3.73 -5.21
CA GLY A 7 -15.19 2.33 -4.96
C GLY A 7 -13.73 2.00 -5.30
N LEU A 8 -13.05 2.99 -5.85
CA LEU A 8 -11.65 2.82 -6.22
C LEU A 8 -10.85 2.43 -4.98
N ARG A 9 -11.08 3.17 -3.91
CA ARG A 9 -10.38 2.91 -2.66
C ARG A 9 -10.19 1.40 -2.45
N LYS A 10 -11.31 0.70 -2.44
CA LYS A 10 -11.28 -0.74 -2.25
C LYS A 10 -10.37 -1.37 -3.30
N GLN A 11 -10.57 -0.94 -4.54
CA GLN A 11 -9.77 -1.45 -5.65
C GLN A 11 -8.29 -1.16 -5.41
N VAL A 12 -8.00 0.10 -5.12
CA VAL A 12 -6.63 0.50 -4.87
C VAL A 12 -6.01 -0.41 -3.82
N GLU A 13 -6.67 -0.48 -2.67
CA GLU A 13 -6.20 -1.31 -1.58
C GLU A 13 -5.72 -2.66 -2.11
N LEU A 14 -6.58 -3.29 -2.90
CA LEU A 14 -6.26 -4.58 -3.47
C LEU A 14 -4.98 -4.46 -4.29
N LEU A 15 -4.91 -3.40 -5.08
CA LEU A 15 -3.75 -3.16 -5.93
C LEU A 15 -2.50 -3.08 -5.05
N PHE A 16 -2.47 -2.07 -4.20
CA PHE A 16 -1.35 -1.86 -3.31
C PHE A 16 -1.06 -3.13 -2.49
N ASN A 17 -2.12 -3.64 -1.87
CA ASN A 17 -1.99 -4.84 -1.06
C ASN A 17 -1.44 -5.98 -1.92
N THR A 18 -2.05 -6.15 -3.08
CA THR A 18 -1.62 -7.21 -4.00
C THR A 18 -0.16 -7.02 -4.37
N ARG A 19 0.16 -5.79 -4.78
CA ARG A 19 1.52 -5.46 -5.18
C ARG A 19 2.50 -5.81 -4.05
N TYR A 20 2.12 -5.42 -2.84
CA TYR A 20 2.96 -5.69 -1.68
C TYR A 20 3.32 -7.17 -1.60
N ALA A 21 2.32 -8.01 -1.81
CA ALA A 21 2.52 -9.45 -1.76
C ALA A 21 3.73 -9.82 -2.61
N LYS A 22 3.74 -9.31 -3.84
CA LYS A 22 4.83 -9.57 -4.76
C LYS A 22 6.14 -9.11 -4.12
N ALA A 23 6.04 -8.08 -3.30
CA ALA A 23 7.21 -7.54 -2.63
C ALA A 23 7.66 -8.50 -1.52
N ILE A 24 6.75 -9.40 -1.18
CA ILE A 24 7.03 -10.38 -0.14
C ILE A 24 6.93 -11.79 -0.73
N GLY A 25 6.80 -11.83 -2.04
CA GLY A 25 6.69 -13.10 -2.74
C GLY A 25 5.38 -13.82 -2.39
N ILE A 26 4.35 -13.01 -2.14
CA ILE A 26 3.06 -13.55 -1.80
C ILE A 26 2.11 -13.41 -2.99
N SER A 27 1.25 -14.41 -3.15
CA SER A 27 0.29 -14.41 -4.24
C SER A 27 -0.94 -13.61 -3.84
N GLU A 28 -1.33 -13.76 -2.59
CA GLU A 28 -2.50 -13.05 -2.07
C GLU A 28 -2.12 -11.63 -1.66
N PRO A 29 -3.16 -10.77 -1.57
CA PRO A 29 -2.96 -9.38 -1.18
C PRO A 29 -2.69 -9.26 0.32
N VAL A 30 -1.67 -8.47 0.65
CA VAL A 30 -1.30 -8.27 2.04
C VAL A 30 -1.38 -6.77 2.37
N LYS A 31 -1.36 -6.48 3.66
CA LYS A 31 -1.42 -5.10 4.12
C LYS A 31 -0.13 -4.38 3.72
N VAL A 32 -0.27 -3.08 3.52
CA VAL A 32 0.87 -2.26 3.14
C VAL A 32 1.21 -1.30 4.28
N PRO A 33 2.45 -1.47 4.82
CA PRO A 33 2.90 -0.63 5.92
C PRO A 33 3.27 0.77 5.42
N TYR A 34 2.25 1.51 5.00
CA TYR A 34 2.45 2.85 4.50
C TYR A 34 3.55 3.56 5.29
N SER A 35 3.32 3.67 6.59
CA SER A 35 4.29 4.32 7.47
C SER A 35 5.72 3.93 7.07
N LYS A 36 5.95 2.63 7.07
CA LYS A 36 7.26 2.11 6.71
C LYS A 36 7.74 2.79 5.43
N PHE A 37 6.82 2.90 4.47
CA PHE A 37 7.14 3.52 3.21
C PHE A 37 7.17 5.05 3.32
N LEU A 38 6.47 5.54 4.35
CA LEU A 38 6.42 6.97 4.59
C LEU A 38 7.71 7.42 5.28
N MET A 39 7.98 6.81 6.42
CA MET A 39 9.16 7.14 7.19
C MET A 39 10.43 6.68 6.45
N HIS A 40 10.25 5.70 5.58
CA HIS A 40 11.36 5.17 4.81
C HIS A 40 10.97 5.13 3.33
N PRO A 41 10.86 6.33 2.73
CA PRO A 41 10.50 6.44 1.32
C PRO A 41 11.68 6.09 0.43
N GLU A 42 12.87 6.14 1.02
CA GLU A 42 14.09 5.81 0.29
C GLU A 42 14.32 4.31 0.28
N GLU A 43 14.01 3.68 1.40
CA GLU A 43 14.18 2.24 1.54
C GLU A 43 12.98 1.51 0.95
N LEU A 44 11.80 1.91 1.41
CA LEU A 44 10.57 1.30 0.95
C LEU A 44 9.77 2.32 0.12
N PHE A 45 9.55 1.99 -1.13
CA PHE A 45 8.81 2.86 -2.02
C PHE A 45 8.06 2.06 -3.09
N VAL A 46 7.38 2.79 -3.97
CA VAL A 46 6.62 2.15 -5.03
C VAL A 46 7.01 2.78 -6.37
N VAL A 47 7.15 1.92 -7.37
CA VAL A 47 7.51 2.38 -8.70
C VAL A 47 6.39 2.03 -9.68
N GLY A 48 6.33 2.79 -10.77
CA GLY A 48 5.31 2.57 -11.78
C GLY A 48 4.16 3.55 -11.62
N LEU A 49 4.02 4.06 -10.41
CA LEU A 49 2.96 5.01 -10.11
C LEU A 49 2.89 6.06 -11.23
N PRO A 50 1.67 6.63 -11.39
CA PRO A 50 1.45 7.64 -12.42
C PRO A 50 2.08 8.98 -12.01
N GLU A 51 1.88 9.97 -12.87
CA GLU A 51 2.42 11.30 -12.62
C GLU A 51 1.54 12.03 -11.61
N GLY A 52 2.20 12.78 -10.72
CA GLY A 52 1.49 13.54 -9.70
C GLY A 52 0.80 12.61 -8.71
N ILE A 53 1.40 11.44 -8.53
CA ILE A 53 0.86 10.45 -7.61
C ILE A 53 2.00 9.67 -6.96
N SER A 54 1.82 9.37 -5.69
CA SER A 54 2.83 8.63 -4.95
C SER A 54 2.17 7.54 -4.12
N LEU A 55 2.80 7.21 -3.00
CA LEU A 55 2.29 6.18 -2.10
C LEU A 55 1.64 6.85 -0.89
N ARG A 56 0.33 6.70 -0.80
CA ARG A 56 -0.42 7.27 0.30
C ARG A 56 -1.78 6.58 0.44
N ARG A 57 -2.42 6.84 1.57
CA ARG A 57 -3.73 6.27 1.83
C ARG A 57 -4.64 6.42 0.62
N PRO A 58 -5.32 5.29 0.24
CA PRO A 58 -6.21 5.30 -0.90
C PRO A 58 -7.52 6.02 -0.57
N ASN A 59 -7.40 7.30 -0.26
CA ASN A 59 -8.56 8.10 0.07
C ASN A 59 -8.21 9.59 -0.07
N CYS A 60 -7.03 9.93 0.42
CA CYS A 60 -6.57 11.31 0.35
C CYS A 60 -6.51 11.73 -1.12
N PHE A 61 -6.43 10.73 -1.98
CA PHE A 61 -6.37 10.97 -3.42
C PHE A 61 -7.76 11.26 -3.97
N GLY A 62 -7.79 11.55 -5.27
CA GLY A 62 -9.04 11.84 -5.94
C GLY A 62 -9.45 10.71 -6.88
N ILE A 63 -10.75 10.62 -7.12
CA ILE A 63 -11.28 9.59 -8.00
C ILE A 63 -10.37 9.45 -9.22
N ALA A 64 -10.21 10.57 -9.92
CA ALA A 64 -9.37 10.59 -11.11
C ALA A 64 -8.04 9.89 -10.81
N LYS A 65 -7.43 10.31 -9.71
CA LYS A 65 -6.16 9.74 -9.30
C LYS A 65 -6.34 8.25 -9.05
N LEU A 66 -7.22 7.93 -8.11
CA LEU A 66 -7.48 6.55 -7.77
C LEU A 66 -7.51 5.71 -9.04
N ARG A 67 -8.24 6.20 -10.02
CA ARG A 67 -8.36 5.51 -11.30
C ARG A 67 -6.98 5.34 -11.94
N LYS A 68 -6.32 6.47 -12.15
CA LYS A 68 -4.99 6.45 -12.75
C LYS A 68 -4.19 5.29 -12.17
N ILE A 69 -3.97 5.36 -10.87
CA ILE A 69 -3.21 4.33 -10.19
C ILE A 69 -3.70 2.95 -10.64
N LEU A 70 -5.01 2.77 -10.55
CA LEU A 70 -5.62 1.51 -10.95
C LEU A 70 -5.25 1.22 -12.41
N GLU A 71 -5.24 2.26 -13.21
CA GLU A 71 -4.91 2.12 -14.62
C GLU A 71 -3.42 1.81 -14.79
N ALA A 72 -2.65 2.22 -13.78
CA ALA A 72 -1.22 2.00 -13.80
C ALA A 72 -0.86 0.92 -12.78
N SER A 73 -1.80 0.01 -12.56
CA SER A 73 -1.60 -1.07 -11.62
C SER A 73 -0.44 -1.96 -12.07
N ASN A 74 -0.64 -2.59 -13.22
CA ASN A 74 0.38 -3.46 -13.78
C ASN A 74 1.75 -2.77 -13.69
N SER A 75 1.76 -1.50 -14.04
CA SER A 75 2.98 -0.72 -14.00
C SER A 75 3.48 -0.59 -12.56
N ILE A 76 2.56 -0.21 -11.68
CA ILE A 76 2.87 -0.05 -10.27
C ILE A 76 3.70 -1.26 -9.80
N GLN A 77 4.48 -1.02 -8.75
CA GLN A 77 5.31 -2.08 -8.20
C GLN A 77 5.91 -1.62 -6.87
N PHE A 78 5.75 -2.47 -5.85
CA PHE A 78 6.28 -2.17 -4.53
C PHE A 78 7.70 -2.71 -4.37
N VAL A 79 8.66 -1.82 -4.55
CA VAL A 79 10.05 -2.19 -4.43
C VAL A 79 10.47 -2.13 -2.97
N ILE A 80 11.13 -3.19 -2.53
CA ILE A 80 11.59 -3.27 -1.15
C ILE A 80 13.12 -3.22 -1.11
N LYS A 81 13.64 -2.34 -0.27
CA LYS A 81 15.08 -2.20 -0.13
C LYS A 81 15.51 -2.67 1.26
N ARG A 82 14.74 -2.25 2.25
CA ARG A 82 15.03 -2.63 3.63
C ARG A 82 13.75 -3.08 4.33
N PRO A 83 13.52 -4.42 4.29
CA PRO A 83 12.35 -4.99 4.93
C PRO A 83 12.50 -5.03 6.45
N GLU A 84 13.73 -4.83 6.89
CA GLU A 84 14.04 -4.84 8.31
C GLU A 84 13.24 -3.75 9.03
N LEU A 85 12.85 -2.75 8.25
CA LEU A 85 12.09 -1.64 8.79
C LEU A 85 10.68 -2.11 9.17
N LEU A 86 10.09 -2.87 8.26
CA LEU A 86 8.75 -3.40 8.48
C LEU A 86 8.67 -3.98 9.90
N THR A 87 9.18 -5.20 10.04
CA THR A 87 9.16 -5.87 11.32
C THR A 87 7.88 -5.55 12.08
N GLU A 88 6.76 -5.92 11.49
CA GLU A 88 5.46 -5.67 12.08
C GLU A 88 5.24 -6.61 13.28
N GLY A 89 4.23 -6.29 14.06
CA GLY A 89 3.91 -7.09 15.23
C GLY A 89 2.45 -6.88 15.65
N VAL A 90 1.79 -8.00 15.94
CA VAL A 90 0.40 -7.95 16.36
C VAL A 90 0.30 -7.25 17.71
N LYS A 91 -0.67 -6.34 17.81
CA LYS A 91 -0.87 -5.60 19.04
C LYS A 91 -2.37 -5.57 19.36
N GLU A 92 -2.67 -5.36 20.64
CA GLU A 92 -4.04 -5.32 21.09
C GLU A 92 -4.12 -4.80 22.53
N PRO A 93 -4.28 -3.45 22.65
CA PRO A 93 -4.37 -2.82 23.95
C PRO A 93 -5.73 -3.08 24.61
N SER A 94 -5.69 -3.37 25.89
CA SER A 94 -6.90 -3.65 26.65
C SER A 94 -6.61 -3.57 28.15
N GLY A 95 -7.63 -3.14 28.89
CA GLY A 95 -7.50 -3.02 30.33
C GLY A 95 -8.69 -3.67 31.04
N PRO A 96 -8.81 -3.37 32.36
CA PRO A 96 -9.89 -3.92 33.16
C PRO A 96 -11.21 -3.22 32.85
N SER A 97 -11.12 -1.92 32.60
CA SER A 97 -12.30 -1.13 32.28
C SER A 97 -13.26 -1.13 33.47
N SER A 98 -13.90 0.01 33.68
CA SER A 98 -14.85 0.14 34.78
C SER A 98 -16.03 1.01 34.34
N GLY A 99 -17.14 0.34 34.06
CA GLY A 99 -18.34 1.04 33.63
C GLY A 99 -19.52 0.06 33.54
#